data_2L4M
#
_entry.id   2L4M
#
_entity_poly.entity_id   1
_entity_poly.type   'polypeptide(L)'
_entity_poly.pdbx_seq_one_letter_code
;SHMASPQFSQQREEDIYRFLKDNGPQRALVIAQALGMRTAKDVNRDLYRMKSRHLLDMDEQSKAWTIYR
;
_entity_poly.pdbx_strand_id   A
#
# COMPACT_ATOMS: atom_id res chain seq x y z
N SER A 1 17.76 -14.91 6.80
CA SER A 1 16.92 -14.50 7.95
C SER A 1 15.62 -15.32 8.03
N HIS A 2 15.12 -15.59 9.25
CA HIS A 2 13.92 -16.42 9.48
C HIS A 2 12.62 -15.61 9.70
N MET A 3 12.73 -14.30 9.94
CA MET A 3 11.58 -13.38 10.14
C MET A 3 11.13 -12.74 8.81
N ALA A 4 9.93 -12.14 8.81
CA ALA A 4 9.36 -11.43 7.65
C ALA A 4 10.20 -10.20 7.23
N SER A 5 10.17 -9.87 5.94
CA SER A 5 11.05 -8.86 5.33
C SER A 5 10.60 -7.38 5.41
N PRO A 6 9.31 -6.99 5.39
CA PRO A 6 8.92 -5.57 5.36
C PRO A 6 8.91 -4.95 6.78
N GLN A 7 8.85 -3.62 6.79
CA GLN A 7 8.76 -2.77 7.98
C GLN A 7 7.53 -1.84 7.91
N PHE A 8 6.58 -1.98 8.82
CA PHE A 8 5.44 -1.05 8.99
C PHE A 8 5.61 -0.17 10.24
N SER A 9 5.17 1.09 10.13
CA SER A 9 5.15 2.06 11.22
C SER A 9 3.85 2.02 12.04
N GLN A 10 2.73 1.64 11.40
CA GLN A 10 1.38 1.69 11.98
C GLN A 10 0.43 0.70 11.31
N GLN A 11 -0.75 0.49 11.92
CA GLN A 11 -1.80 -0.43 11.44
C GLN A 11 -2.19 -0.16 9.99
N ARG A 12 -2.21 1.09 9.52
CA ARG A 12 -2.57 1.40 8.12
C ARG A 12 -1.60 0.74 7.14
N GLU A 13 -0.31 0.98 7.31
CA GLU A 13 0.76 0.47 6.44
C GLU A 13 0.78 -1.07 6.40
N GLU A 14 0.66 -1.67 7.58
CA GLU A 14 0.51 -3.12 7.76
C GLU A 14 -0.74 -3.68 7.03
N ASP A 15 -1.89 -3.01 7.12
CA ASP A 15 -3.08 -3.39 6.35
C ASP A 15 -2.91 -3.19 4.84
N ILE A 16 -2.32 -2.08 4.40
CA ILE A 16 -2.08 -1.79 2.98
C ILE A 16 -1.31 -2.93 2.31
N TYR A 17 -0.21 -3.35 2.93
CA TYR A 17 0.64 -4.41 2.41
C TYR A 17 -0.11 -5.73 2.35
N ARG A 18 -0.71 -6.15 3.47
CA ARG A 18 -1.50 -7.38 3.60
C ARG A 18 -2.67 -7.46 2.62
N PHE A 19 -3.39 -6.36 2.47
CA PHE A 19 -4.47 -6.23 1.49
C PHE A 19 -3.98 -6.45 0.05
N LEU A 20 -2.94 -5.72 -0.38
CA LEU A 20 -2.41 -5.88 -1.74
C LEU A 20 -1.66 -7.20 -1.94
N LYS A 21 -1.23 -7.86 -0.88
CA LYS A 21 -0.70 -9.24 -0.92
C LYS A 21 -1.82 -10.25 -1.15
N ASP A 22 -2.99 -10.00 -0.57
CA ASP A 22 -4.10 -10.93 -0.57
C ASP A 22 -4.94 -10.85 -1.86
N ASN A 23 -5.16 -9.64 -2.38
CA ASN A 23 -5.89 -9.43 -3.65
C ASN A 23 -4.97 -9.18 -4.86
N GLY A 24 -3.78 -8.62 -4.64
CA GLY A 24 -2.90 -8.18 -5.73
C GLY A 24 -3.08 -6.68 -5.99
N PRO A 25 -2.52 -6.15 -7.10
CA PRO A 25 -2.45 -4.71 -7.36
C PRO A 25 -3.83 -4.04 -7.49
N GLN A 26 -4.06 -2.96 -6.74
CA GLN A 26 -5.31 -2.17 -6.73
C GLN A 26 -5.02 -0.67 -6.66
N ARG A 27 -5.98 0.21 -6.96
CA ARG A 27 -5.80 1.68 -6.90
C ARG A 27 -5.95 2.19 -5.48
N ALA A 28 -5.42 3.38 -5.17
CA ALA A 28 -5.45 3.97 -3.82
C ALA A 28 -6.87 4.06 -3.24
N LEU A 29 -7.86 4.29 -4.09
CA LEU A 29 -9.28 4.35 -3.70
C LEU A 29 -9.78 3.00 -3.18
N VAL A 30 -9.38 1.90 -3.84
CA VAL A 30 -9.69 0.53 -3.39
C VAL A 30 -9.09 0.32 -2.00
N ILE A 31 -7.83 0.73 -1.81
CA ILE A 31 -7.12 0.61 -0.53
C ILE A 31 -7.82 1.42 0.57
N ALA A 32 -8.26 2.63 0.24
CA ALA A 32 -8.91 3.57 1.16
C ALA A 32 -10.16 2.91 1.77
N GLN A 33 -11.06 2.43 0.90
CA GLN A 33 -12.32 1.80 1.32
C GLN A 33 -12.07 0.50 2.09
N ALA A 34 -11.01 -0.22 1.72
CA ALA A 34 -10.61 -1.47 2.38
C ALA A 34 -10.06 -1.22 3.82
N LEU A 35 -9.53 -0.03 4.09
CA LEU A 35 -9.16 0.45 5.44
C LEU A 35 -10.30 1.16 6.18
N GLY A 36 -11.39 1.50 5.48
CA GLY A 36 -12.57 2.21 6.03
C GLY A 36 -12.50 3.73 5.87
N MET A 37 -11.55 4.22 5.07
CA MET A 37 -11.43 5.62 4.62
C MET A 37 -12.40 5.92 3.47
N ARG A 38 -12.42 7.19 3.03
CA ARG A 38 -13.36 7.68 1.98
C ARG A 38 -12.72 7.96 0.63
N THR A 39 -11.50 8.51 0.63
CA THR A 39 -10.82 9.02 -0.58
C THR A 39 -9.40 8.47 -0.73
N ALA A 40 -8.88 8.45 -1.96
CA ALA A 40 -7.51 8.02 -2.27
C ALA A 40 -6.43 8.86 -1.56
N LYS A 41 -6.73 10.12 -1.26
CA LYS A 41 -5.85 11.03 -0.51
C LYS A 41 -5.67 10.64 0.95
N ASP A 42 -6.64 9.95 1.55
CA ASP A 42 -6.51 9.49 2.93
C ASP A 42 -5.47 8.36 3.06
N VAL A 43 -5.18 7.66 1.96
CA VAL A 43 -4.24 6.51 1.95
C VAL A 43 -2.89 6.87 1.35
N ASN A 44 -2.90 7.80 0.41
CA ASN A 44 -1.74 8.20 -0.40
C ASN A 44 -0.50 8.46 0.45
N ARG A 45 -0.68 9.10 1.61
CA ARG A 45 0.39 9.33 2.60
C ARG A 45 1.10 8.02 2.98
N ASP A 46 0.33 7.00 3.33
CA ASP A 46 0.82 5.66 3.71
C ASP A 46 1.39 4.91 2.50
N LEU A 47 0.71 5.01 1.36
CA LEU A 47 1.07 4.32 0.13
C LEU A 47 2.43 4.79 -0.40
N TYR A 48 2.60 6.11 -0.56
CA TYR A 48 3.86 6.71 -1.03
C TYR A 48 4.97 6.53 0.01
N ARG A 49 4.63 6.54 1.31
CA ARG A 49 5.61 6.28 2.37
C ARG A 49 6.22 4.89 2.21
N MET A 50 5.40 3.88 1.90
CA MET A 50 5.85 2.51 1.65
C MET A 50 6.63 2.38 0.33
N LYS A 51 6.31 3.18 -0.69
CA LYS A 51 7.14 3.28 -1.91
C LYS A 51 8.52 3.88 -1.64
N SER A 52 8.58 4.89 -0.78
CA SER A 52 9.85 5.49 -0.34
C SER A 52 10.73 4.58 0.52
N ARG A 53 10.20 3.46 1.06
CA ARG A 53 10.96 2.45 1.84
C ARG A 53 11.07 1.06 1.21
N HIS A 54 10.78 0.93 -0.08
CA HIS A 54 10.90 -0.31 -0.87
C HIS A 54 9.85 -1.38 -0.51
N LEU A 55 8.60 -0.94 -0.25
CA LEU A 55 7.46 -1.78 0.13
C LEU A 55 6.27 -1.68 -0.84
N LEU A 56 6.04 -0.51 -1.45
CA LEU A 56 5.00 -0.32 -2.48
C LEU A 56 5.54 0.29 -3.78
N ASP A 57 4.78 0.20 -4.88
CA ASP A 57 5.09 0.78 -6.18
C ASP A 57 3.78 1.15 -6.88
N MET A 58 3.56 2.43 -7.16
CA MET A 58 2.42 2.90 -7.95
C MET A 58 2.73 2.83 -9.45
N ASP A 59 1.72 2.47 -10.25
CA ASP A 59 1.74 2.54 -11.70
C ASP A 59 1.29 3.93 -12.15
N GLU A 60 2.05 4.54 -13.04
CA GLU A 60 1.72 5.83 -13.65
C GLU A 60 0.55 5.73 -14.64
N GLN A 61 0.19 4.50 -15.04
CA GLN A 61 -0.76 4.25 -16.13
C GLN A 61 -2.22 4.31 -15.67
N SER A 62 -2.52 3.76 -14.48
CA SER A 62 -3.85 3.77 -13.86
C SER A 62 -3.84 4.05 -12.34
N LYS A 63 -2.71 4.55 -11.80
CA LYS A 63 -2.48 4.75 -10.36
C LYS A 63 -2.74 3.49 -9.52
N ALA A 64 -2.30 2.35 -10.07
CA ALA A 64 -2.43 1.05 -9.41
C ALA A 64 -1.25 0.84 -8.45
N TRP A 65 -1.53 0.68 -7.17
CA TRP A 65 -0.56 0.39 -6.13
C TRP A 65 -0.28 -1.11 -6.05
N THR A 66 0.99 -1.48 -6.18
CA THR A 66 1.49 -2.84 -6.26
C THR A 66 2.64 -3.01 -5.27
N ILE A 67 2.62 -4.02 -4.40
CA ILE A 67 3.68 -4.30 -3.42
C ILE A 67 5.04 -4.45 -4.11
N TYR A 68 6.04 -3.69 -3.63
CA TYR A 68 7.39 -3.64 -4.20
C TYR A 68 8.16 -4.97 -4.03
N ARG A 69 8.02 -5.82 -5.06
CA ARG A 69 8.67 -7.13 -5.27
C ARG A 69 8.54 -8.07 -4.04
N SER A 1 22.53 -11.08 6.09
CA SER A 1 21.11 -11.28 5.67
C SER A 1 20.13 -10.89 6.77
N HIS A 2 18.88 -10.59 6.39
CA HIS A 2 17.78 -10.23 7.31
C HIS A 2 16.47 -10.97 6.95
N MET A 3 15.35 -10.60 7.59
CA MET A 3 14.04 -11.27 7.45
C MET A 3 13.42 -11.11 6.05
N ALA A 4 12.57 -12.07 5.67
CA ALA A 4 11.87 -12.12 4.38
C ALA A 4 10.53 -11.35 4.36
N SER A 5 10.33 -10.40 5.28
CA SER A 5 9.15 -9.52 5.39
C SER A 5 9.50 -8.22 6.14
N PRO A 6 8.79 -7.10 5.89
CA PRO A 6 9.07 -5.81 6.53
C PRO A 6 8.60 -5.75 7.99
N GLN A 7 8.93 -4.61 8.62
CA GLN A 7 8.44 -4.19 9.95
C GLN A 7 7.77 -2.81 9.80
N PHE A 8 6.46 -2.75 9.99
CA PHE A 8 5.64 -1.56 9.67
C PHE A 8 5.71 -0.45 10.73
N SER A 9 5.59 0.81 10.29
CA SER A 9 5.57 1.98 11.18
C SER A 9 4.22 2.17 11.91
N GLN A 10 3.09 1.83 11.26
CA GLN A 10 1.75 1.90 11.85
C GLN A 10 0.77 0.87 11.28
N GLN A 11 -0.38 0.70 11.96
CA GLN A 11 -1.51 -0.18 11.58
C GLN A 11 -1.89 -0.05 10.10
N ARG A 12 -1.98 1.18 9.57
CA ARG A 12 -2.35 1.40 8.15
C ARG A 12 -1.34 0.79 7.19
N GLU A 13 -0.05 0.91 7.50
CA GLU A 13 1.04 0.43 6.65
C GLU A 13 1.00 -1.10 6.52
N GLU A 14 0.75 -1.77 7.66
CA GLU A 14 0.48 -3.21 7.70
C GLU A 14 -0.79 -3.60 6.92
N ASP A 15 -1.90 -2.90 7.16
CA ASP A 15 -3.16 -3.13 6.46
C ASP A 15 -3.03 -2.99 4.94
N ILE A 16 -2.35 -1.94 4.45
CA ILE A 16 -2.15 -1.69 3.03
C ILE A 16 -1.38 -2.84 2.39
N TYR A 17 -0.25 -3.24 2.99
CA TYR A 17 0.60 -4.29 2.47
C TYR A 17 -0.13 -5.64 2.46
N ARG A 18 -0.76 -5.99 3.59
CA ARG A 18 -1.56 -7.22 3.77
C ARG A 18 -2.71 -7.32 2.78
N PHE A 19 -3.44 -6.21 2.59
CA PHE A 19 -4.54 -6.11 1.63
C PHE A 19 -4.05 -6.34 0.19
N LEU A 20 -3.02 -5.62 -0.26
CA LEU A 20 -2.48 -5.79 -1.62
C LEU A 20 -1.76 -7.14 -1.80
N LYS A 21 -1.35 -7.80 -0.72
CA LYS A 21 -0.85 -9.18 -0.74
C LYS A 21 -2.00 -10.17 -0.96
N ASP A 22 -3.17 -9.86 -0.42
CA ASP A 22 -4.32 -10.76 -0.43
C ASP A 22 -5.06 -10.74 -1.78
N ASN A 23 -5.23 -9.54 -2.36
CA ASN A 23 -5.93 -9.35 -3.65
C ASN A 23 -5.00 -9.12 -4.84
N GLY A 24 -3.81 -8.55 -4.63
CA GLY A 24 -2.91 -8.12 -5.71
C GLY A 24 -3.08 -6.62 -5.98
N PRO A 25 -2.54 -6.10 -7.07
CA PRO A 25 -2.45 -4.66 -7.34
C PRO A 25 -3.82 -3.97 -7.51
N GLN A 26 -4.06 -2.89 -6.75
CA GLN A 26 -5.29 -2.09 -6.74
C GLN A 26 -4.99 -0.59 -6.66
N ARG A 27 -5.93 0.30 -6.98
CA ARG A 27 -5.73 1.77 -6.87
C ARG A 27 -5.91 2.29 -5.46
N ALA A 28 -5.40 3.49 -5.17
CA ALA A 28 -5.49 4.10 -3.83
C ALA A 28 -6.92 4.19 -3.30
N LEU A 29 -7.89 4.38 -4.21
CA LEU A 29 -9.31 4.44 -3.82
C LEU A 29 -9.81 3.09 -3.30
N VAL A 30 -9.39 2.00 -3.94
CA VAL A 30 -9.69 0.63 -3.47
C VAL A 30 -9.12 0.43 -2.06
N ILE A 31 -7.87 0.88 -1.86
CA ILE A 31 -7.16 0.76 -0.56
C ILE A 31 -7.88 1.59 0.52
N ALA A 32 -8.31 2.80 0.17
CA ALA A 32 -8.98 3.74 1.08
C ALA A 32 -10.22 3.08 1.69
N GLN A 33 -11.11 2.57 0.83
CA GLN A 33 -12.35 1.91 1.25
C GLN A 33 -12.08 0.63 2.04
N ALA A 34 -11.00 -0.08 1.70
CA ALA A 34 -10.58 -1.30 2.38
C ALA A 34 -10.05 -1.04 3.81
N LEU A 35 -9.55 0.17 4.08
CA LEU A 35 -9.18 0.68 5.41
C LEU A 35 -10.34 1.37 6.14
N GLY A 36 -11.44 1.68 5.43
CA GLY A 36 -12.61 2.39 5.96
C GLY A 36 -12.56 3.92 5.77
N MET A 37 -11.60 4.40 4.96
CA MET A 37 -11.47 5.78 4.52
C MET A 37 -12.37 6.06 3.30
N ARG A 38 -12.42 7.32 2.86
CA ARG A 38 -13.38 7.80 1.84
C ARG A 38 -12.76 8.09 0.48
N THR A 39 -11.51 8.58 0.46
CA THR A 39 -10.83 9.09 -0.74
C THR A 39 -9.40 8.55 -0.88
N ALA A 40 -8.88 8.52 -2.11
CA ALA A 40 -7.51 8.12 -2.42
C ALA A 40 -6.43 8.97 -1.70
N LYS A 41 -6.75 10.22 -1.40
CA LYS A 41 -5.90 11.14 -0.63
C LYS A 41 -5.73 10.76 0.83
N ASP A 42 -6.70 10.05 1.42
CA ASP A 42 -6.59 9.59 2.81
C ASP A 42 -5.51 8.50 2.96
N VAL A 43 -5.20 7.80 1.86
CA VAL A 43 -4.26 6.65 1.86
C VAL A 43 -2.92 7.00 1.25
N ASN A 44 -2.93 7.91 0.30
CA ASN A 44 -1.75 8.32 -0.49
C ASN A 44 -0.53 8.60 0.40
N ARG A 45 -0.72 9.25 1.56
CA ARG A 45 0.33 9.48 2.57
C ARG A 45 1.03 8.19 3.00
N ASP A 46 0.28 7.12 3.26
CA ASP A 46 0.81 5.79 3.59
C ASP A 46 1.38 5.07 2.38
N LEU A 47 0.67 5.15 1.24
CA LEU A 47 1.03 4.45 0.02
C LEU A 47 2.39 4.93 -0.54
N TYR A 48 2.54 6.24 -0.70
CA TYR A 48 3.79 6.87 -1.18
C TYR A 48 4.91 6.69 -0.16
N ARG A 49 4.60 6.70 1.14
CA ARG A 49 5.61 6.43 2.17
C ARG A 49 6.17 5.03 2.01
N MET A 50 5.31 4.03 1.77
CA MET A 50 5.70 2.64 1.55
C MET A 50 6.52 2.50 0.26
N LYS A 51 6.23 3.29 -0.78
CA LYS A 51 7.09 3.38 -1.98
C LYS A 51 8.47 3.99 -1.70
N SER A 52 8.53 4.98 -0.82
CA SER A 52 9.78 5.59 -0.35
C SER A 52 10.62 4.66 0.56
N ARG A 53 10.03 3.60 1.15
CA ARG A 53 10.72 2.63 2.02
C ARG A 53 10.83 1.20 1.46
N HIS A 54 10.59 1.03 0.15
CA HIS A 54 10.74 -0.24 -0.58
C HIS A 54 9.67 -1.30 -0.24
N LEU A 55 8.41 -0.85 -0.07
CA LEU A 55 7.24 -1.67 0.29
C LEU A 55 6.10 -1.58 -0.73
N LEU A 56 5.91 -0.44 -1.41
CA LEU A 56 4.90 -0.27 -2.47
C LEU A 56 5.48 0.33 -3.77
N ASP A 57 4.74 0.23 -4.88
CA ASP A 57 5.07 0.80 -6.19
C ASP A 57 3.77 1.17 -6.93
N MET A 58 3.56 2.45 -7.25
CA MET A 58 2.43 2.88 -8.08
C MET A 58 2.76 2.84 -9.58
N ASP A 59 1.79 2.44 -10.39
CA ASP A 59 1.84 2.37 -11.85
C ASP A 59 1.02 3.52 -12.41
N GLU A 60 1.67 4.45 -13.10
CA GLU A 60 1.03 5.66 -13.67
C GLU A 60 0.09 5.33 -14.84
N GLN A 61 0.09 4.07 -15.27
CA GLN A 61 -0.73 3.51 -16.35
C GLN A 61 -2.23 3.43 -15.97
N SER A 62 -2.52 3.18 -14.69
CA SER A 62 -3.89 3.08 -14.13
C SER A 62 -3.98 3.53 -12.66
N LYS A 63 -2.94 4.22 -12.16
CA LYS A 63 -2.68 4.58 -10.75
C LYS A 63 -2.76 3.38 -9.79
N ALA A 64 -2.31 2.22 -10.26
CA ALA A 64 -2.42 0.94 -9.55
C ALA A 64 -1.23 0.78 -8.59
N TRP A 65 -1.51 0.66 -7.30
CA TRP A 65 -0.53 0.35 -6.26
C TRP A 65 -0.26 -1.15 -6.17
N THR A 66 1.00 -1.54 -6.35
CA THR A 66 1.51 -2.91 -6.27
C THR A 66 2.59 -2.99 -5.19
N ILE A 67 2.55 -4.00 -4.32
CA ILE A 67 3.59 -4.26 -3.31
C ILE A 67 4.97 -4.42 -3.97
N TYR A 68 5.95 -3.65 -3.48
CA TYR A 68 7.32 -3.62 -4.01
C TYR A 68 8.05 -4.96 -3.79
N ARG A 69 7.96 -5.81 -4.81
CA ARG A 69 8.51 -7.18 -4.89
C ARG A 69 9.03 -7.51 -6.30
N SER A 1 23.67 -10.17 8.65
CA SER A 1 22.55 -10.96 8.10
C SER A 1 21.19 -10.27 8.32
N HIS A 2 20.21 -10.54 7.45
CA HIS A 2 18.86 -9.97 7.47
C HIS A 2 17.78 -10.99 7.06
N MET A 3 16.50 -10.61 7.19
CA MET A 3 15.33 -11.41 6.79
C MET A 3 14.43 -10.66 5.80
N ALA A 4 13.75 -11.40 4.92
CA ALA A 4 12.93 -10.87 3.82
C ALA A 4 11.47 -10.56 4.23
N SER A 5 11.29 -9.79 5.31
CA SER A 5 9.98 -9.38 5.85
C SER A 5 10.06 -7.97 6.46
N PRO A 6 9.08 -7.07 6.21
CA PRO A 6 9.08 -5.69 6.70
C PRO A 6 8.67 -5.58 8.18
N GLN A 7 8.88 -4.38 8.72
CA GLN A 7 8.39 -3.92 10.03
C GLN A 7 7.57 -2.64 9.84
N PHE A 8 6.25 -2.70 10.04
CA PHE A 8 5.34 -1.59 9.75
C PHE A 8 5.38 -0.46 10.78
N SER A 9 5.30 0.79 10.32
CA SER A 9 5.40 1.99 11.17
C SER A 9 4.12 2.28 11.96
N GLN A 10 2.96 1.93 11.37
CA GLN A 10 1.63 2.00 11.97
C GLN A 10 0.69 0.97 11.34
N GLN A 11 -0.48 0.71 11.94
CA GLN A 11 -1.36 -0.38 11.50
C GLN A 11 -1.88 -0.22 10.06
N ARG A 12 -2.02 1.03 9.55
CA ARG A 12 -2.34 1.28 8.13
C ARG A 12 -1.30 0.69 7.19
N GLU A 13 -0.02 0.82 7.53
CA GLU A 13 1.10 0.35 6.70
C GLU A 13 1.03 -1.18 6.56
N GLU A 14 0.68 -1.87 7.65
CA GLU A 14 0.38 -3.32 7.62
C GLU A 14 -0.88 -3.61 6.79
N ASP A 15 -2.00 -2.93 7.05
CA ASP A 15 -3.26 -3.18 6.35
C ASP A 15 -3.11 -2.97 4.83
N ILE A 16 -2.43 -1.91 4.39
CA ILE A 16 -2.14 -1.65 2.99
C ILE A 16 -1.37 -2.82 2.36
N TYR A 17 -0.25 -3.20 2.98
CA TYR A 17 0.61 -4.26 2.46
C TYR A 17 -0.14 -5.60 2.38
N ARG A 18 -0.82 -5.97 3.47
CA ARG A 18 -1.57 -7.22 3.62
C ARG A 18 -2.74 -7.32 2.66
N PHE A 19 -3.50 -6.23 2.50
CA PHE A 19 -4.59 -6.12 1.52
C PHE A 19 -4.10 -6.31 0.08
N LEU A 20 -2.99 -5.67 -0.29
CA LEU A 20 -2.43 -5.79 -1.64
C LEU A 20 -1.71 -7.13 -1.87
N LYS A 21 -1.23 -7.78 -0.81
CA LYS A 21 -0.72 -9.16 -0.85
C LYS A 21 -1.86 -10.14 -1.09
N ASP A 22 -2.98 -9.89 -0.42
CA ASP A 22 -4.14 -10.76 -0.46
C ASP A 22 -4.93 -10.68 -1.78
N ASN A 23 -5.14 -9.45 -2.30
CA ASN A 23 -5.99 -9.21 -3.48
C ASN A 23 -5.24 -8.81 -4.75
N GLY A 24 -3.99 -8.39 -4.62
CA GLY A 24 -3.10 -8.01 -5.72
C GLY A 24 -3.04 -6.50 -5.87
N PRO A 25 -2.47 -5.98 -6.96
CA PRO A 25 -2.38 -4.55 -7.21
C PRO A 25 -3.77 -3.91 -7.35
N GLN A 26 -4.02 -2.85 -6.58
CA GLN A 26 -5.27 -2.07 -6.63
C GLN A 26 -4.97 -0.56 -6.57
N ARG A 27 -5.91 0.31 -6.94
CA ARG A 27 -5.70 1.78 -6.90
C ARG A 27 -5.89 2.33 -5.49
N ALA A 28 -5.36 3.53 -5.22
CA ALA A 28 -5.41 4.14 -3.86
C ALA A 28 -6.84 4.26 -3.33
N LEU A 29 -7.82 4.46 -4.22
CA LEU A 29 -9.23 4.55 -3.85
C LEU A 29 -9.73 3.20 -3.29
N VAL A 30 -9.35 2.09 -3.94
CA VAL A 30 -9.67 0.74 -3.45
C VAL A 30 -9.08 0.54 -2.05
N ILE A 31 -7.82 0.95 -1.86
CA ILE A 31 -7.11 0.83 -0.58
C ILE A 31 -7.81 1.67 0.51
N ALA A 32 -8.23 2.88 0.16
CA ALA A 32 -8.92 3.81 1.07
C ALA A 32 -10.15 3.14 1.67
N GLN A 33 -11.03 2.61 0.81
CA GLN A 33 -12.26 1.94 1.23
C GLN A 33 -11.98 0.65 2.00
N ALA A 34 -10.90 -0.05 1.63
CA ALA A 34 -10.46 -1.26 2.32
C ALA A 34 -9.93 -1.00 3.75
N LEU A 35 -9.46 0.23 4.03
CA LEU A 35 -9.12 0.74 5.36
C LEU A 35 -10.30 1.44 6.08
N GLY A 36 -11.39 1.73 5.37
CA GLY A 36 -12.57 2.44 5.89
C GLY A 36 -12.51 3.97 5.71
N MET A 37 -11.56 4.45 4.92
CA MET A 37 -11.43 5.85 4.48
C MET A 37 -12.32 6.13 3.27
N ARG A 38 -12.36 7.39 2.82
CA ARG A 38 -13.30 7.86 1.78
C ARG A 38 -12.65 8.12 0.42
N THR A 39 -11.41 8.61 0.41
CA THR A 39 -10.71 9.11 -0.80
C THR A 39 -9.29 8.57 -0.92
N ALA A 40 -8.75 8.56 -2.15
CA ALA A 40 -7.37 8.17 -2.45
C ALA A 40 -6.32 9.01 -1.71
N LYS A 41 -6.65 10.27 -1.38
CA LYS A 41 -5.82 11.21 -0.62
C LYS A 41 -5.69 10.86 0.86
N ASP A 42 -6.62 10.10 1.43
CA ASP A 42 -6.51 9.64 2.81
C ASP A 42 -5.41 8.58 2.96
N VAL A 43 -5.11 7.86 1.87
CA VAL A 43 -4.18 6.70 1.87
C VAL A 43 -2.84 7.04 1.26
N ASN A 44 -2.83 7.95 0.28
CA ASN A 44 -1.66 8.34 -0.50
C ASN A 44 -0.42 8.61 0.35
N ARG A 45 -0.59 9.22 1.52
CA ARG A 45 0.46 9.44 2.52
C ARG A 45 1.16 8.14 2.92
N ASP A 46 0.40 7.11 3.27
CA ASP A 46 0.89 5.77 3.61
C ASP A 46 1.44 5.04 2.39
N LEU A 47 0.75 5.16 1.26
CA LEU A 47 1.11 4.48 0.02
C LEU A 47 2.47 4.95 -0.53
N TYR A 48 2.65 6.26 -0.70
CA TYR A 48 3.90 6.86 -1.17
C TYR A 48 5.01 6.70 -0.13
N ARG A 49 4.66 6.69 1.17
CA ARG A 49 5.63 6.39 2.23
C ARG A 49 6.19 4.99 2.04
N MET A 50 5.34 3.99 1.81
CA MET A 50 5.75 2.60 1.59
C MET A 50 6.55 2.45 0.30
N LYS A 51 6.26 3.24 -0.73
CA LYS A 51 7.11 3.30 -1.94
C LYS A 51 8.50 3.85 -1.66
N SER A 52 8.55 4.87 -0.82
CA SER A 52 9.79 5.51 -0.40
C SER A 52 10.64 4.66 0.56
N ARG A 53 10.10 3.58 1.15
CA ARG A 53 10.80 2.60 2.01
C ARG A 53 10.92 1.18 1.44
N HIS A 54 10.66 1.00 0.13
CA HIS A 54 10.81 -0.28 -0.60
C HIS A 54 9.72 -1.32 -0.25
N LEU A 55 8.47 -0.88 -0.07
CA LEU A 55 7.30 -1.68 0.30
C LEU A 55 6.15 -1.59 -0.72
N LEU A 56 5.96 -0.46 -1.40
CA LEU A 56 4.94 -0.28 -2.46
C LEU A 56 5.50 0.30 -3.78
N ASP A 57 4.76 0.19 -4.88
CA ASP A 57 5.07 0.75 -6.18
C ASP A 57 3.76 1.11 -6.91
N MET A 58 3.58 2.38 -7.28
CA MET A 58 2.45 2.82 -8.09
C MET A 58 2.74 2.76 -9.60
N ASP A 59 1.71 2.44 -10.40
CA ASP A 59 1.72 2.52 -11.85
C ASP A 59 1.18 3.88 -12.27
N GLU A 60 1.90 4.59 -13.12
CA GLU A 60 1.46 5.89 -13.65
C GLU A 60 0.30 5.75 -14.64
N GLN A 61 0.05 4.53 -15.11
CA GLN A 61 -0.87 4.23 -16.22
C GLN A 61 -2.36 4.20 -15.78
N SER A 62 -2.64 3.66 -14.59
CA SER A 62 -3.99 3.64 -13.98
C SER A 62 -3.97 3.95 -12.48
N LYS A 63 -2.84 4.48 -11.96
CA LYS A 63 -2.56 4.74 -10.52
C LYS A 63 -2.76 3.50 -9.64
N ALA A 64 -2.29 2.37 -10.14
CA ALA A 64 -2.43 1.06 -9.48
C ALA A 64 -1.24 0.80 -8.55
N TRP A 65 -1.50 0.62 -7.25
CA TRP A 65 -0.51 0.33 -6.22
C TRP A 65 -0.26 -1.18 -6.09
N THR A 66 0.98 -1.61 -6.34
CA THR A 66 1.49 -2.97 -6.12
C THR A 66 2.62 -3.00 -5.10
N ILE A 67 2.61 -3.97 -4.19
CA ILE A 67 3.67 -4.23 -3.21
C ILE A 67 5.02 -4.40 -3.90
N TYR A 68 6.02 -3.64 -3.45
CA TYR A 68 7.37 -3.60 -4.01
C TYR A 68 8.13 -4.93 -3.83
N ARG A 69 7.97 -5.79 -4.82
CA ARG A 69 8.60 -7.11 -5.01
C ARG A 69 10.13 -7.04 -5.06
N SER A 1 13.70 -22.10 1.64
CA SER A 1 13.64 -20.64 1.36
C SER A 1 14.18 -19.82 2.53
N HIS A 2 14.72 -18.62 2.25
CA HIS A 2 15.20 -17.66 3.27
C HIS A 2 14.04 -16.90 3.95
N MET A 3 14.32 -16.32 5.12
CA MET A 3 13.37 -15.46 5.85
C MET A 3 13.47 -14.00 5.38
N ALA A 4 12.33 -13.38 5.06
CA ALA A 4 12.20 -11.96 4.73
C ALA A 4 10.78 -11.44 5.03
N SER A 5 10.69 -10.27 5.67
CA SER A 5 9.45 -9.54 5.95
C SER A 5 9.71 -8.04 6.25
N PRO A 6 8.74 -7.14 6.00
CA PRO A 6 8.83 -5.75 6.43
C PRO A 6 8.54 -5.58 7.94
N GLN A 7 8.83 -4.39 8.45
CA GLN A 7 8.45 -3.91 9.79
C GLN A 7 7.66 -2.60 9.67
N PHE A 8 6.35 -2.62 9.95
CA PHE A 8 5.46 -1.47 9.71
C PHE A 8 5.55 -0.38 10.78
N SER A 9 5.34 0.88 10.38
CA SER A 9 5.36 2.04 11.29
C SER A 9 4.05 2.20 12.09
N GLN A 10 2.92 1.88 11.45
CA GLN A 10 1.56 2.01 11.98
C GLN A 10 0.61 1.00 11.32
N GLN A 11 -0.55 0.75 11.91
CA GLN A 11 -1.46 -0.33 11.45
C GLN A 11 -2.01 -0.09 10.04
N ARG A 12 -2.08 1.16 9.56
CA ARG A 12 -2.46 1.48 8.16
C ARG A 12 -1.43 0.92 7.18
N GLU A 13 -0.14 1.06 7.48
CA GLU A 13 0.97 0.53 6.66
C GLU A 13 0.86 -1.00 6.52
N GLU A 14 0.56 -1.68 7.64
CA GLU A 14 0.31 -3.13 7.67
C GLU A 14 -0.93 -3.51 6.86
N ASP A 15 -2.07 -2.87 7.09
CA ASP A 15 -3.33 -3.15 6.39
C ASP A 15 -3.21 -2.93 4.89
N ILE A 16 -2.54 -1.87 4.43
CA ILE A 16 -2.29 -1.58 3.02
C ILE A 16 -1.50 -2.73 2.37
N TYR A 17 -0.38 -3.12 2.98
CA TYR A 17 0.47 -4.18 2.47
C TYR A 17 -0.28 -5.52 2.40
N ARG A 18 -0.92 -5.88 3.51
CA ARG A 18 -1.66 -7.14 3.69
C ARG A 18 -2.84 -7.26 2.72
N PHE A 19 -3.57 -6.16 2.53
CA PHE A 19 -4.64 -6.04 1.53
C PHE A 19 -4.10 -6.27 0.10
N LEU A 20 -3.06 -5.53 -0.32
CA LEU A 20 -2.51 -5.69 -1.68
C LEU A 20 -1.76 -7.01 -1.86
N LYS A 21 -1.35 -7.67 -0.78
CA LYS A 21 -0.82 -9.04 -0.82
C LYS A 21 -1.94 -10.06 -1.04
N ASP A 22 -3.11 -9.80 -0.49
CA ASP A 22 -4.22 -10.74 -0.50
C ASP A 22 -5.03 -10.66 -1.80
N ASN A 23 -5.26 -9.45 -2.34
CA ASN A 23 -5.96 -9.25 -3.62
C ASN A 23 -5.03 -9.02 -4.81
N GLY A 24 -3.84 -8.45 -4.58
CA GLY A 24 -2.93 -8.04 -5.66
C GLY A 24 -3.10 -6.54 -5.95
N PRO A 25 -2.56 -6.03 -7.07
CA PRO A 25 -2.45 -4.60 -7.34
C PRO A 25 -3.82 -3.88 -7.50
N GLN A 26 -4.03 -2.81 -6.75
CA GLN A 26 -5.26 -1.99 -6.74
C GLN A 26 -4.95 -0.49 -6.63
N ARG A 27 -5.88 0.42 -6.95
CA ARG A 27 -5.68 1.88 -6.83
C ARG A 27 -5.84 2.37 -5.40
N ALA A 28 -5.33 3.57 -5.09
CA ALA A 28 -5.41 4.15 -3.73
C ALA A 28 -6.85 4.24 -3.22
N LEU A 29 -7.81 4.47 -4.11
CA LEU A 29 -9.23 4.54 -3.74
C LEU A 29 -9.73 3.18 -3.23
N VAL A 30 -9.33 2.08 -3.90
CA VAL A 30 -9.64 0.71 -3.46
C VAL A 30 -9.08 0.47 -2.06
N ILE A 31 -7.82 0.89 -1.83
CA ILE A 31 -7.13 0.75 -0.53
C ILE A 31 -7.86 1.54 0.55
N ALA A 32 -8.27 2.78 0.23
CA ALA A 32 -8.93 3.70 1.15
C ALA A 32 -10.20 3.06 1.72
N GLN A 33 -11.08 2.59 0.84
CA GLN A 33 -12.35 1.95 1.23
C GLN A 33 -12.11 0.66 2.02
N ALA A 34 -11.05 -0.07 1.69
CA ALA A 34 -10.66 -1.29 2.38
C ALA A 34 -10.15 -1.05 3.82
N LEU A 35 -9.62 0.16 4.09
CA LEU A 35 -9.28 0.66 5.43
C LEU A 35 -10.47 1.36 6.13
N GLY A 36 -11.55 1.66 5.40
CA GLY A 36 -12.75 2.33 5.92
C GLY A 36 -12.75 3.85 5.72
N MET A 37 -11.81 4.35 4.92
CA MET A 37 -11.68 5.75 4.49
C MET A 37 -12.62 6.07 3.31
N ARG A 38 -12.62 7.34 2.88
CA ARG A 38 -13.51 7.86 1.80
C ARG A 38 -12.80 8.18 0.50
N THR A 39 -11.53 8.61 0.56
CA THR A 39 -10.79 9.16 -0.59
C THR A 39 -9.37 8.60 -0.68
N ALA A 40 -8.79 8.61 -1.89
CA ALA A 40 -7.40 8.19 -2.15
C ALA A 40 -6.36 9.03 -1.39
N LYS A 41 -6.68 10.27 -1.04
CA LYS A 41 -5.83 11.16 -0.25
C LYS A 41 -5.65 10.73 1.20
N ASP A 42 -6.63 10.02 1.76
CA ASP A 42 -6.51 9.51 3.14
C ASP A 42 -5.47 8.39 3.24
N VAL A 43 -5.18 7.71 2.13
CA VAL A 43 -4.23 6.56 2.10
C VAL A 43 -2.88 6.95 1.54
N ASN A 44 -2.87 7.90 0.61
CA ASN A 44 -1.71 8.33 -0.16
C ASN A 44 -0.48 8.58 0.73
N ARG A 45 -0.67 9.19 1.90
CA ARG A 45 0.38 9.42 2.91
C ARG A 45 1.12 8.14 3.33
N ASP A 46 0.39 7.04 3.53
CA ASP A 46 0.96 5.72 3.82
C ASP A 46 1.50 5.03 2.55
N LEU A 47 0.77 5.12 1.45
CA LEU A 47 1.12 4.48 0.18
C LEU A 47 2.46 4.99 -0.37
N TYR A 48 2.61 6.31 -0.48
CA TYR A 48 3.84 6.95 -0.97
C TYR A 48 5.00 6.73 0.00
N ARG A 49 4.71 6.69 1.31
CA ARG A 49 5.73 6.40 2.33
C ARG A 49 6.31 5.02 2.11
N MET A 50 5.46 4.02 1.86
CA MET A 50 5.86 2.64 1.59
C MET A 50 6.65 2.53 0.28
N LYS A 51 6.32 3.32 -0.74
CA LYS A 51 7.11 3.45 -1.97
C LYS A 51 8.50 4.05 -1.74
N SER A 52 8.60 5.04 -0.86
CA SER A 52 9.87 5.64 -0.45
C SER A 52 10.76 4.71 0.40
N ARG A 53 10.21 3.63 0.99
CA ARG A 53 10.95 2.65 1.82
C ARG A 53 11.04 1.23 1.25
N HIS A 54 10.76 1.07 -0.05
CA HIS A 54 10.88 -0.20 -0.79
C HIS A 54 9.81 -1.26 -0.41
N LEU A 55 8.57 -0.80 -0.19
CA LEU A 55 7.41 -1.62 0.20
C LEU A 55 6.23 -1.52 -0.78
N LEU A 56 6.02 -0.37 -1.44
CA LEU A 56 4.99 -0.18 -2.47
C LEU A 56 5.55 0.40 -3.79
N ASP A 57 4.80 0.30 -4.88
CA ASP A 57 5.10 0.80 -6.22
C ASP A 57 3.80 1.20 -6.92
N MET A 58 3.61 2.49 -7.23
CA MET A 58 2.46 2.96 -8.01
C MET A 58 2.74 2.91 -9.52
N ASP A 59 1.71 2.59 -10.31
CA ASP A 59 1.74 2.58 -11.77
C ASP A 59 1.11 3.85 -12.31
N GLU A 60 1.82 4.60 -13.14
CA GLU A 60 1.31 5.81 -13.79
C GLU A 60 0.29 5.52 -14.92
N GLN A 61 0.11 4.24 -15.24
CA GLN A 61 -0.77 3.76 -16.32
C GLN A 61 -2.24 3.67 -15.89
N SER A 62 -2.51 3.33 -14.62
CA SER A 62 -3.85 3.19 -14.04
C SER A 62 -3.94 3.66 -12.57
N LYS A 63 -2.89 4.32 -12.07
CA LYS A 63 -2.65 4.68 -10.65
C LYS A 63 -2.74 3.49 -9.69
N ALA A 64 -2.27 2.33 -10.15
CA ALA A 64 -2.39 1.07 -9.44
C ALA A 64 -1.21 0.90 -8.46
N TRP A 65 -1.49 0.80 -7.18
CA TRP A 65 -0.52 0.49 -6.13
C TRP A 65 -0.27 -1.01 -6.05
N THR A 66 0.99 -1.39 -6.22
CA THR A 66 1.49 -2.79 -6.22
C THR A 66 2.61 -2.90 -5.19
N ILE A 67 2.58 -3.90 -4.31
CA ILE A 67 3.62 -4.15 -3.31
C ILE A 67 4.99 -4.35 -3.99
N TYR A 68 5.99 -3.59 -3.52
CA TYR A 68 7.35 -3.59 -4.06
C TYR A 68 8.08 -4.92 -3.78
N ARG A 69 7.92 -5.86 -4.72
CA ARG A 69 8.48 -7.23 -4.72
C ARG A 69 9.10 -7.56 -6.08
N SER A 1 21.46 -11.14 6.68
CA SER A 1 21.06 -10.44 7.93
C SER A 1 19.61 -9.95 7.87
N HIS A 2 18.96 -9.83 9.05
CA HIS A 2 17.54 -9.49 9.24
C HIS A 2 16.53 -10.47 8.60
N MET A 3 15.24 -10.29 8.92
CA MET A 3 14.11 -11.07 8.40
C MET A 3 13.80 -10.77 6.92
N ALA A 4 13.09 -11.68 6.26
CA ALA A 4 12.65 -11.56 4.85
C ALA A 4 11.34 -10.75 4.66
N SER A 5 10.81 -10.16 5.74
CA SER A 5 9.56 -9.40 5.78
C SER A 5 9.75 -8.02 6.46
N PRO A 6 8.97 -6.98 6.10
CA PRO A 6 9.09 -5.65 6.67
C PRO A 6 8.50 -5.54 8.09
N GLN A 7 8.73 -4.39 8.71
CA GLN A 7 8.12 -3.93 9.96
C GLN A 7 7.44 -2.58 9.73
N PHE A 8 6.13 -2.49 9.95
CA PHE A 8 5.30 -1.33 9.56
C PHE A 8 5.36 -0.17 10.57
N SER A 9 5.28 1.07 10.06
CA SER A 9 5.31 2.30 10.87
C SER A 9 4.04 2.50 11.70
N GLN A 10 2.88 2.10 11.16
CA GLN A 10 1.56 2.19 11.80
C GLN A 10 0.59 1.16 11.19
N GLN A 11 -0.60 0.99 11.78
CA GLN A 11 -1.57 -0.02 11.32
C GLN A 11 -2.06 0.22 9.87
N ARG A 12 -2.02 1.47 9.36
CA ARG A 12 -2.38 1.75 7.96
C ARG A 12 -1.40 1.10 6.99
N GLU A 13 -0.09 1.25 7.22
CA GLU A 13 0.92 0.55 6.41
C GLU A 13 0.72 -0.97 6.42
N GLU A 14 0.52 -1.53 7.61
CA GLU A 14 0.23 -2.96 7.79
C GLU A 14 -1.01 -3.43 7.02
N ASP A 15 -2.15 -2.73 7.17
CA ASP A 15 -3.36 -3.06 6.42
C ASP A 15 -3.17 -2.90 4.90
N ILE A 16 -2.52 -1.84 4.44
CA ILE A 16 -2.24 -1.61 3.01
C ILE A 16 -1.47 -2.79 2.40
N TYR A 17 -0.37 -3.18 3.05
CA TYR A 17 0.52 -4.23 2.55
C TYR A 17 -0.21 -5.58 2.51
N ARG A 18 -0.84 -5.95 3.64
CA ARG A 18 -1.64 -7.17 3.78
C ARG A 18 -2.76 -7.25 2.74
N PHE A 19 -3.52 -6.17 2.59
CA PHE A 19 -4.59 -6.05 1.60
C PHE A 19 -4.07 -6.31 0.17
N LEU A 20 -3.02 -5.60 -0.26
CA LEU A 20 -2.48 -5.77 -1.61
C LEU A 20 -1.75 -7.12 -1.79
N LYS A 21 -1.32 -7.76 -0.70
CA LYS A 21 -0.81 -9.14 -0.74
C LYS A 21 -1.93 -10.14 -0.97
N ASP A 22 -3.10 -9.88 -0.38
CA ASP A 22 -4.22 -10.81 -0.40
C ASP A 22 -5.01 -10.74 -1.71
N ASN A 23 -5.23 -9.53 -2.25
CA ASN A 23 -5.94 -9.34 -3.53
C ASN A 23 -5.02 -9.12 -4.74
N GLY A 24 -3.83 -8.55 -4.53
CA GLY A 24 -2.93 -8.12 -5.61
C GLY A 24 -3.11 -6.63 -5.91
N PRO A 25 -2.56 -6.12 -7.01
CA PRO A 25 -2.49 -4.68 -7.28
C PRO A 25 -3.86 -3.99 -7.44
N GLN A 26 -4.08 -2.90 -6.70
CA GLN A 26 -5.32 -2.10 -6.71
C GLN A 26 -4.99 -0.60 -6.64
N ARG A 27 -5.93 0.30 -6.97
CA ARG A 27 -5.71 1.76 -6.90
C ARG A 27 -5.89 2.30 -5.48
N ALA A 28 -5.38 3.49 -5.18
CA ALA A 28 -5.45 4.09 -3.84
C ALA A 28 -6.91 4.20 -3.33
N LEU A 29 -7.86 4.41 -4.23
CA LEU A 29 -9.28 4.48 -3.87
C LEU A 29 -9.78 3.13 -3.32
N VAL A 30 -9.37 2.02 -3.96
CA VAL A 30 -9.68 0.66 -3.47
C VAL A 30 -9.10 0.47 -2.06
N ILE A 31 -7.85 0.91 -1.86
CA ILE A 31 -7.14 0.79 -0.58
C ILE A 31 -7.84 1.61 0.52
N ALA A 32 -8.26 2.84 0.18
CA ALA A 32 -8.94 3.77 1.08
C ALA A 32 -10.19 3.11 1.68
N GLN A 33 -11.07 2.60 0.80
CA GLN A 33 -12.31 1.94 1.22
C GLN A 33 -12.05 0.67 2.03
N ALA A 34 -10.98 -0.04 1.69
CA ALA A 34 -10.56 -1.25 2.39
C ALA A 34 -10.03 -0.97 3.81
N LEU A 35 -9.52 0.24 4.07
CA LEU A 35 -9.16 0.77 5.39
C LEU A 35 -10.34 1.44 6.11
N GLY A 36 -11.45 1.69 5.40
CA GLY A 36 -12.65 2.37 5.93
C GLY A 36 -12.64 3.88 5.74
N MET A 37 -11.70 4.39 4.93
CA MET A 37 -11.56 5.78 4.51
C MET A 37 -12.44 6.08 3.28
N ARG A 38 -12.48 7.35 2.85
CA ARG A 38 -13.38 7.83 1.78
C ARG A 38 -12.66 8.16 0.46
N THR A 39 -11.46 8.69 0.54
CA THR A 39 -10.71 9.24 -0.61
C THR A 39 -9.31 8.65 -0.72
N ALA A 40 -8.75 8.67 -1.94
CA ALA A 40 -7.37 8.23 -2.23
C ALA A 40 -6.30 9.05 -1.48
N LYS A 41 -6.60 10.30 -1.11
CA LYS A 41 -5.75 11.17 -0.29
C LYS A 41 -5.57 10.67 1.15
N ASP A 42 -6.56 9.94 1.70
CA ASP A 42 -6.50 9.38 3.06
C ASP A 42 -5.51 8.20 3.16
N VAL A 43 -5.09 7.65 2.01
CA VAL A 43 -4.15 6.51 1.92
C VAL A 43 -2.83 6.89 1.29
N ASN A 44 -2.85 7.85 0.37
CA ASN A 44 -1.68 8.27 -0.42
C ASN A 44 -0.46 8.54 0.46
N ARG A 45 -0.65 9.19 1.62
CA ARG A 45 0.41 9.46 2.61
C ARG A 45 1.14 8.19 3.07
N ASP A 46 0.41 7.09 3.22
CA ASP A 46 0.96 5.78 3.58
C ASP A 46 1.53 5.06 2.35
N LEU A 47 0.78 5.07 1.24
CA LEU A 47 1.15 4.40 -0.01
C LEU A 47 2.48 4.91 -0.57
N TYR A 48 2.62 6.23 -0.72
CA TYR A 48 3.83 6.89 -1.23
C TYR A 48 4.99 6.73 -0.25
N ARG A 49 4.70 6.74 1.06
CA ARG A 49 5.73 6.48 2.07
C ARG A 49 6.25 5.06 1.94
N MET A 50 5.38 4.06 1.76
CA MET A 50 5.77 2.67 1.57
C MET A 50 6.56 2.50 0.28
N LYS A 51 6.24 3.26 -0.77
CA LYS A 51 7.08 3.30 -1.99
C LYS A 51 8.47 3.87 -1.74
N SER A 52 8.54 4.90 -0.91
CA SER A 52 9.78 5.57 -0.50
C SER A 52 10.63 4.75 0.49
N ARG A 53 10.07 3.69 1.12
CA ARG A 53 10.78 2.75 2.02
C ARG A 53 10.90 1.31 1.51
N HIS A 54 10.67 1.10 0.21
CA HIS A 54 10.85 -0.20 -0.49
C HIS A 54 9.77 -1.26 -0.14
N LEU A 55 8.51 -0.81 0.01
CA LEU A 55 7.34 -1.62 0.38
C LEU A 55 6.20 -1.56 -0.65
N LEU A 56 6.01 -0.44 -1.36
CA LEU A 56 5.00 -0.29 -2.43
C LEU A 56 5.56 0.26 -3.76
N ASP A 57 4.81 0.17 -4.84
CA ASP A 57 5.11 0.75 -6.16
C ASP A 57 3.80 1.11 -6.88
N MET A 58 3.60 2.39 -7.20
CA MET A 58 2.45 2.81 -8.02
C MET A 58 2.75 2.72 -9.52
N ASP A 59 1.74 2.36 -10.32
CA ASP A 59 1.77 2.39 -11.77
C ASP A 59 1.35 3.78 -12.27
N GLU A 60 2.14 4.33 -13.17
CA GLU A 60 1.84 5.59 -13.86
C GLU A 60 0.72 5.45 -14.90
N GLN A 61 0.29 4.22 -15.21
CA GLN A 61 -0.64 3.93 -16.31
C GLN A 61 -2.12 4.01 -15.87
N SER A 62 -2.43 3.55 -14.65
CA SER A 62 -3.79 3.59 -14.06
C SER A 62 -3.80 3.85 -12.55
N LYS A 63 -2.70 4.39 -11.99
CA LYS A 63 -2.47 4.64 -10.56
C LYS A 63 -2.69 3.40 -9.68
N ALA A 64 -2.26 2.25 -10.18
CA ALA A 64 -2.41 0.97 -9.51
C ALA A 64 -1.23 0.75 -8.54
N TRP A 65 -1.52 0.64 -7.26
CA TRP A 65 -0.53 0.35 -6.21
C TRP A 65 -0.27 -1.16 -6.12
N THR A 66 1.00 -1.53 -6.25
CA THR A 66 1.49 -2.92 -6.21
C THR A 66 2.61 -3.01 -5.17
N ILE A 67 2.59 -4.02 -4.30
CA ILE A 67 3.63 -4.27 -3.29
C ILE A 67 5.02 -4.35 -3.95
N TYR A 68 6.00 -3.63 -3.39
CA TYR A 68 7.38 -3.64 -3.90
C TYR A 68 8.06 -5.01 -3.69
N ARG A 69 8.05 -5.81 -4.76
CA ARG A 69 8.56 -7.20 -4.83
C ARG A 69 9.86 -7.29 -5.64
N SER A 1 21.75 -11.55 9.03
CA SER A 1 20.26 -11.66 9.04
C SER A 1 19.65 -11.28 7.70
N HIS A 2 18.46 -11.83 7.38
CA HIS A 2 17.71 -11.57 6.14
C HIS A 2 16.24 -11.18 6.44
N MET A 3 15.64 -10.38 5.54
CA MET A 3 14.30 -9.82 5.71
C MET A 3 13.28 -10.56 4.84
N ALA A 4 12.71 -11.64 5.39
CA ALA A 4 11.68 -12.46 4.73
C ALA A 4 10.25 -11.87 4.79
N SER A 5 10.10 -10.74 5.50
CA SER A 5 8.90 -9.89 5.59
C SER A 5 9.28 -8.50 6.12
N PRO A 6 8.52 -7.43 5.81
CA PRO A 6 8.75 -6.09 6.34
C PRO A 6 8.31 -5.95 7.81
N GLN A 7 8.63 -4.78 8.38
CA GLN A 7 8.17 -4.32 9.70
C GLN A 7 7.47 -2.96 9.55
N PHE A 8 6.16 -2.90 9.77
CA PHE A 8 5.34 -1.72 9.45
C PHE A 8 5.45 -0.59 10.48
N SER A 9 5.35 0.66 10.01
CA SER A 9 5.42 1.86 10.86
C SER A 9 4.12 2.09 11.66
N GLN A 10 2.96 1.76 11.06
CA GLN A 10 1.64 1.84 11.70
C GLN A 10 0.64 0.84 11.09
N GLN A 11 -0.54 0.70 11.72
CA GLN A 11 -1.64 -0.17 11.26
C GLN A 11 -2.05 0.08 9.81
N ARG A 12 -1.98 1.33 9.31
CA ARG A 12 -2.33 1.61 7.91
C ARG A 12 -1.34 0.96 6.94
N GLU A 13 -0.02 1.13 7.14
CA GLU A 13 1.00 0.45 6.33
C GLU A 13 0.80 -1.08 6.31
N GLU A 14 0.61 -1.64 7.51
CA GLU A 14 0.33 -3.07 7.72
C GLU A 14 -0.88 -3.56 6.91
N ASP A 15 -2.03 -2.88 7.03
CA ASP A 15 -3.24 -3.27 6.28
C ASP A 15 -3.08 -3.05 4.77
N ILE A 16 -2.42 -1.98 4.33
CA ILE A 16 -2.19 -1.71 2.91
C ILE A 16 -1.45 -2.87 2.24
N TYR A 17 -0.34 -3.29 2.86
CA TYR A 17 0.50 -4.36 2.34
C TYR A 17 -0.26 -5.69 2.30
N ARG A 18 -0.88 -6.06 3.44
CA ARG A 18 -1.68 -7.29 3.59
C ARG A 18 -2.85 -7.38 2.61
N PHE A 19 -3.55 -6.27 2.43
CA PHE A 19 -4.63 -6.14 1.45
C PHE A 19 -4.11 -6.37 0.03
N LEU A 20 -3.06 -5.65 -0.40
CA LEU A 20 -2.51 -5.80 -1.76
C LEU A 20 -1.79 -7.14 -1.97
N LYS A 21 -1.38 -7.82 -0.90
CA LYS A 21 -0.88 -9.20 -0.95
C LYS A 21 -2.01 -10.18 -1.21
N ASP A 22 -3.18 -9.91 -0.63
CA ASP A 22 -4.31 -10.83 -0.62
C ASP A 22 -5.12 -10.74 -1.92
N ASN A 23 -5.31 -9.53 -2.47
CA ASN A 23 -6.01 -9.31 -3.75
C ASN A 23 -5.08 -9.08 -4.94
N GLY A 24 -3.88 -8.54 -4.71
CA GLY A 24 -2.97 -8.10 -5.79
C GLY A 24 -3.14 -6.62 -6.06
N PRO A 25 -2.58 -6.09 -7.16
CA PRO A 25 -2.48 -4.66 -7.43
C PRO A 25 -3.84 -3.95 -7.58
N GLN A 26 -4.05 -2.87 -6.83
CA GLN A 26 -5.29 -2.05 -6.81
C GLN A 26 -4.97 -0.54 -6.70
N ARG A 27 -5.90 0.35 -7.01
CA ARG A 27 -5.69 1.83 -6.91
C ARG A 27 -5.88 2.33 -5.50
N ALA A 28 -5.36 3.52 -5.17
CA ALA A 28 -5.43 4.10 -3.82
C ALA A 28 -6.87 4.19 -3.30
N LEU A 29 -7.84 4.42 -4.18
CA LEU A 29 -9.24 4.49 -3.81
C LEU A 29 -9.77 3.13 -3.31
N VAL A 30 -9.35 2.04 -3.96
CA VAL A 30 -9.65 0.67 -3.50
C VAL A 30 -9.08 0.45 -2.10
N ILE A 31 -7.82 0.87 -1.89
CA ILE A 31 -7.11 0.72 -0.61
C ILE A 31 -7.81 1.54 0.50
N ALA A 32 -8.23 2.76 0.18
CA ALA A 32 -8.90 3.69 1.09
C ALA A 32 -10.15 3.02 1.68
N GLN A 33 -11.04 2.54 0.81
CA GLN A 33 -12.30 1.91 1.22
C GLN A 33 -12.06 0.61 1.98
N ALA A 34 -11.00 -0.11 1.62
CA ALA A 34 -10.60 -1.35 2.28
C ALA A 34 -10.06 -1.12 3.71
N LEU A 35 -9.50 0.08 3.98
CA LEU A 35 -9.14 0.56 5.33
C LEU A 35 -10.31 1.23 6.07
N GLY A 36 -11.41 1.52 5.38
CA GLY A 36 -12.60 2.18 5.93
C GLY A 36 -12.59 3.71 5.76
N MET A 37 -11.65 4.23 4.97
CA MET A 37 -11.51 5.64 4.61
C MET A 37 -12.42 5.99 3.41
N ARG A 38 -12.44 7.28 3.01
CA ARG A 38 -13.36 7.80 1.97
C ARG A 38 -12.69 8.14 0.64
N THR A 39 -11.43 8.56 0.67
CA THR A 39 -10.70 9.12 -0.50
C THR A 39 -9.29 8.56 -0.64
N ALA A 40 -8.75 8.61 -1.85
CA ALA A 40 -7.37 8.18 -2.17
C ALA A 40 -6.30 8.99 -1.42
N LYS A 41 -6.61 10.23 -1.02
CA LYS A 41 -5.76 11.10 -0.19
C LYS A 41 -5.58 10.59 1.25
N ASP A 42 -6.56 9.85 1.77
CA ASP A 42 -6.49 9.28 3.13
C ASP A 42 -5.48 8.11 3.23
N VAL A 43 -5.06 7.57 2.07
CA VAL A 43 -4.11 6.45 1.97
C VAL A 43 -2.80 6.83 1.33
N ASN A 44 -2.83 7.79 0.40
CA ASN A 44 -1.67 8.22 -0.40
C ASN A 44 -0.42 8.49 0.45
N ARG A 45 -0.60 9.10 1.62
CA ARG A 45 0.48 9.36 2.59
C ARG A 45 1.20 8.07 3.01
N ASP A 46 0.48 6.99 3.29
CA ASP A 46 1.02 5.67 3.61
C ASP A 46 1.58 4.97 2.36
N LEU A 47 0.84 5.05 1.26
CA LEU A 47 1.18 4.38 -0.01
C LEU A 47 2.53 4.87 -0.57
N TYR A 48 2.69 6.19 -0.70
CA TYR A 48 3.93 6.80 -1.19
C TYR A 48 5.07 6.59 -0.19
N ARG A 49 4.76 6.60 1.11
CA ARG A 49 5.78 6.32 2.13
C ARG A 49 6.29 4.90 2.02
N MET A 50 5.42 3.91 1.78
CA MET A 50 5.80 2.52 1.55
C MET A 50 6.61 2.38 0.26
N LYS A 51 6.34 3.16 -0.79
CA LYS A 51 7.19 3.24 -1.98
C LYS A 51 8.57 3.82 -1.70
N SER A 52 8.66 4.82 -0.83
CA SER A 52 9.93 5.40 -0.38
C SER A 52 10.76 4.46 0.53
N ARG A 53 10.16 3.41 1.11
CA ARG A 53 10.85 2.42 1.98
C ARG A 53 10.93 1.00 1.40
N HIS A 54 10.68 0.82 0.10
CA HIS A 54 10.80 -0.44 -0.64
C HIS A 54 9.71 -1.48 -0.30
N LEU A 55 8.47 -1.00 -0.10
CA LEU A 55 7.29 -1.80 0.26
C LEU A 55 6.15 -1.70 -0.77
N LEU A 56 5.98 -0.55 -1.44
CA LEU A 56 4.97 -0.36 -2.50
C LEU A 56 5.53 0.24 -3.80
N ASP A 57 4.79 0.16 -4.90
CA ASP A 57 5.11 0.72 -6.21
C ASP A 57 3.82 1.10 -6.95
N MET A 58 3.60 2.39 -7.21
CA MET A 58 2.46 2.85 -8.01
C MET A 58 2.75 2.78 -9.52
N ASP A 59 1.73 2.47 -10.32
CA ASP A 59 1.76 2.52 -11.76
C ASP A 59 1.29 3.90 -12.24
N GLU A 60 2.05 4.52 -13.12
CA GLU A 60 1.70 5.78 -13.78
C GLU A 60 0.60 5.60 -14.85
N GLN A 61 0.26 4.36 -15.20
CA GLN A 61 -0.65 4.05 -16.32
C GLN A 61 -2.13 4.05 -15.92
N SER A 62 -2.45 3.58 -14.69
CA SER A 62 -3.81 3.58 -14.13
C SER A 62 -3.86 3.87 -12.62
N LYS A 63 -2.77 4.43 -12.06
CA LYS A 63 -2.55 4.71 -10.62
C LYS A 63 -2.76 3.48 -9.72
N ALA A 64 -2.29 2.32 -10.20
CA ALA A 64 -2.42 1.05 -9.50
C ALA A 64 -1.24 0.87 -8.53
N TRP A 65 -1.53 0.74 -7.25
CA TRP A 65 -0.54 0.44 -6.21
C TRP A 65 -0.27 -1.06 -6.13
N THR A 66 0.99 -1.44 -6.25
CA THR A 66 1.48 -2.82 -6.32
C THR A 66 2.61 -3.01 -5.32
N ILE A 67 2.55 -4.02 -4.46
CA ILE A 67 3.59 -4.29 -3.44
C ILE A 67 4.97 -4.46 -4.09
N TYR A 68 5.96 -3.75 -3.57
CA TYR A 68 7.34 -3.72 -4.09
C TYR A 68 8.06 -5.07 -3.87
N ARG A 69 7.91 -5.95 -4.86
CA ARG A 69 8.51 -7.30 -4.96
C ARG A 69 9.91 -7.25 -5.57
N SER A 1 19.96 -10.47 3.80
CA SER A 1 20.30 -11.45 2.73
C SER A 1 19.07 -11.93 1.96
N HIS A 2 18.19 -12.74 2.58
CA HIS A 2 16.96 -13.25 1.95
C HIS A 2 15.82 -12.21 1.98
N MET A 3 14.91 -12.28 1.01
CA MET A 3 13.69 -11.44 0.99
C MET A 3 12.64 -12.01 1.97
N ALA A 4 12.06 -11.14 2.80
CA ALA A 4 11.08 -11.48 3.83
C ALA A 4 10.05 -10.34 4.05
N SER A 5 9.01 -10.61 4.83
CA SER A 5 7.97 -9.63 5.19
C SER A 5 8.55 -8.43 5.98
N PRO A 6 8.02 -7.21 5.77
CA PRO A 6 8.49 -5.99 6.44
C PRO A 6 8.03 -5.90 7.91
N GLN A 7 8.48 -4.83 8.57
CA GLN A 7 8.04 -4.38 9.91
C GLN A 7 7.41 -2.99 9.78
N PHE A 8 6.12 -2.88 10.07
CA PHE A 8 5.30 -1.68 9.80
C PHE A 8 5.44 -0.57 10.85
N SER A 9 5.31 0.69 10.41
CA SER A 9 5.40 1.88 11.27
C SER A 9 4.08 2.21 12.00
N GLN A 10 2.93 1.88 11.38
CA GLN A 10 1.58 2.08 11.92
C GLN A 10 0.59 1.09 11.29
N GLN A 11 -0.61 0.96 11.88
CA GLN A 11 -1.62 -0.03 11.42
C GLN A 11 -2.08 0.18 9.97
N ARG A 12 -1.98 1.40 9.43
CA ARG A 12 -2.32 1.68 8.01
C ARG A 12 -1.27 1.11 7.06
N GLU A 13 0.02 1.23 7.42
CA GLU A 13 1.13 0.61 6.68
C GLU A 13 0.94 -0.92 6.60
N GLU A 14 0.58 -1.52 7.74
CA GLU A 14 0.21 -2.94 7.83
C GLU A 14 -1.01 -3.31 6.99
N ASP A 15 -2.15 -2.63 7.18
CA ASP A 15 -3.39 -2.95 6.46
C ASP A 15 -3.23 -2.79 4.95
N ILE A 16 -2.54 -1.76 4.46
CA ILE A 16 -2.30 -1.52 3.04
C ILE A 16 -1.50 -2.66 2.41
N TYR A 17 -0.36 -3.00 3.02
CA TYR A 17 0.53 -4.04 2.49
C TYR A 17 -0.17 -5.40 2.49
N ARG A 18 -0.79 -5.77 3.61
CA ARG A 18 -1.60 -6.99 3.79
C ARG A 18 -2.73 -7.09 2.76
N PHE A 19 -3.52 -6.02 2.62
CA PHE A 19 -4.61 -5.94 1.65
C PHE A 19 -4.11 -6.20 0.22
N LEU A 20 -3.07 -5.49 -0.23
CA LEU A 20 -2.53 -5.68 -1.58
C LEU A 20 -1.81 -7.02 -1.75
N LYS A 21 -1.39 -7.68 -0.68
CA LYS A 21 -0.89 -9.05 -0.71
C LYS A 21 -2.04 -10.04 -0.91
N ASP A 22 -3.19 -9.77 -0.31
CA ASP A 22 -4.31 -10.69 -0.30
C ASP A 22 -5.13 -10.62 -1.61
N ASN A 23 -5.31 -9.41 -2.18
CA ASN A 23 -6.03 -9.24 -3.46
C ASN A 23 -5.11 -9.03 -4.67
N GLY A 24 -3.90 -8.48 -4.46
CA GLY A 24 -2.99 -8.09 -5.55
C GLY A 24 -3.14 -6.59 -5.85
N PRO A 25 -2.56 -6.09 -6.95
CA PRO A 25 -2.48 -4.67 -7.25
C PRO A 25 -3.84 -3.97 -7.42
N GLN A 26 -4.06 -2.87 -6.70
CA GLN A 26 -5.29 -2.07 -6.71
C GLN A 26 -4.98 -0.56 -6.64
N ARG A 27 -5.93 0.32 -6.97
CA ARG A 27 -5.73 1.79 -6.91
C ARG A 27 -5.90 2.34 -5.51
N ALA A 28 -5.37 3.53 -5.22
CA ALA A 28 -5.43 4.15 -3.88
C ALA A 28 -6.85 4.27 -3.35
N LEU A 29 -7.82 4.48 -4.24
CA LEU A 29 -9.24 4.56 -3.86
C LEU A 29 -9.75 3.22 -3.31
N VAL A 30 -9.37 2.11 -3.95
CA VAL A 30 -9.69 0.75 -3.47
C VAL A 30 -9.11 0.55 -2.07
N ILE A 31 -7.86 0.98 -1.86
CA ILE A 31 -7.16 0.87 -0.57
C ILE A 31 -7.86 1.72 0.50
N ALA A 32 -8.27 2.94 0.15
CA ALA A 32 -8.92 3.91 1.04
C ALA A 32 -10.17 3.27 1.67
N GLN A 33 -11.06 2.75 0.81
CA GLN A 33 -12.31 2.12 1.24
C GLN A 33 -12.06 0.86 2.06
N ALA A 34 -10.99 0.13 1.73
CA ALA A 34 -10.59 -1.08 2.45
C ALA A 34 -10.06 -0.79 3.88
N LEU A 35 -9.56 0.44 4.13
CA LEU A 35 -9.22 0.96 5.47
C LEU A 35 -10.39 1.68 6.16
N GLY A 36 -11.46 1.98 5.43
CA GLY A 36 -12.64 2.72 5.92
C GLY A 36 -12.56 4.24 5.68
N MET A 37 -11.58 4.69 4.89
CA MET A 37 -11.41 6.06 4.42
C MET A 37 -12.29 6.31 3.18
N ARG A 38 -12.32 7.57 2.72
CA ARG A 38 -13.27 8.03 1.68
C ARG A 38 -12.64 8.33 0.31
N THR A 39 -11.38 8.76 0.29
CA THR A 39 -10.68 9.24 -0.92
C THR A 39 -9.27 8.66 -1.03
N ALA A 40 -8.73 8.61 -2.25
CA ALA A 40 -7.36 8.18 -2.53
C ALA A 40 -6.28 9.02 -1.82
N LYS A 41 -6.59 10.29 -1.55
CA LYS A 41 -5.72 11.23 -0.81
C LYS A 41 -5.56 10.88 0.67
N ASP A 42 -6.53 10.18 1.27
CA ASP A 42 -6.42 9.75 2.67
C ASP A 42 -5.33 8.68 2.83
N VAL A 43 -5.07 7.92 1.77
CA VAL A 43 -4.17 6.75 1.80
C VAL A 43 -2.81 7.05 1.22
N ASN A 44 -2.78 7.96 0.24
CA ASN A 44 -1.60 8.35 -0.53
C ASN A 44 -0.38 8.61 0.37
N ARG A 45 -0.59 9.27 1.51
CA ARG A 45 0.45 9.51 2.54
C ARG A 45 1.16 8.24 3.00
N ASP A 46 0.41 7.18 3.26
CA ASP A 46 0.94 5.86 3.62
C ASP A 46 1.49 5.12 2.38
N LEU A 47 0.77 5.17 1.26
CA LEU A 47 1.14 4.47 0.02
C LEU A 47 2.50 4.93 -0.53
N TYR A 48 2.68 6.24 -0.71
CA TYR A 48 3.93 6.85 -1.16
C TYR A 48 5.05 6.64 -0.13
N ARG A 49 4.71 6.64 1.17
CA ARG A 49 5.66 6.32 2.23
C ARG A 49 6.23 4.93 2.03
N MET A 50 5.37 3.93 1.77
CA MET A 50 5.79 2.56 1.50
C MET A 50 6.61 2.45 0.22
N LYS A 51 6.33 3.25 -0.81
CA LYS A 51 7.20 3.35 -2.00
C LYS A 51 8.57 3.96 -1.69
N SER A 52 8.64 4.90 -0.76
CA SER A 52 9.89 5.48 -0.26
C SER A 52 10.69 4.55 0.68
N ARG A 53 10.08 3.49 1.25
CA ARG A 53 10.74 2.50 2.13
C ARG A 53 10.84 1.08 1.56
N HIS A 54 10.63 0.91 0.26
CA HIS A 54 10.77 -0.36 -0.47
C HIS A 54 9.67 -1.40 -0.16
N LEU A 55 8.42 -0.94 -0.03
CA LEU A 55 7.23 -1.73 0.31
C LEU A 55 6.11 -1.62 -0.73
N LEU A 56 5.93 -0.48 -1.41
CA LEU A 56 4.92 -0.29 -2.47
C LEU A 56 5.50 0.29 -3.78
N ASP A 57 4.78 0.20 -4.88
CA ASP A 57 5.11 0.76 -6.19
C ASP A 57 3.82 1.12 -6.95
N MET A 58 3.61 2.40 -7.24
CA MET A 58 2.48 2.86 -8.06
C MET A 58 2.78 2.78 -9.57
N ASP A 59 1.76 2.44 -10.36
CA ASP A 59 1.78 2.46 -11.82
C ASP A 59 1.11 3.74 -12.32
N GLU A 60 1.81 4.53 -13.12
CA GLU A 60 1.29 5.78 -13.70
C GLU A 60 0.24 5.55 -14.80
N GLN A 61 0.03 4.28 -15.16
CA GLN A 61 -0.90 3.84 -16.21
C GLN A 61 -2.37 3.92 -15.76
N SER A 62 -2.64 3.60 -14.49
CA SER A 62 -3.99 3.70 -13.88
C SER A 62 -3.97 4.05 -12.38
N LYS A 63 -2.83 4.56 -11.88
CA LYS A 63 -2.54 4.77 -10.45
C LYS A 63 -2.74 3.52 -9.60
N ALA A 64 -2.32 2.38 -10.15
CA ALA A 64 -2.43 1.08 -9.47
C ALA A 64 -1.24 0.91 -8.50
N TRP A 65 -1.52 0.78 -7.21
CA TRP A 65 -0.53 0.48 -6.17
C TRP A 65 -0.28 -1.02 -6.08
N THR A 66 0.99 -1.39 -6.21
CA THR A 66 1.45 -2.78 -6.30
C THR A 66 2.59 -2.98 -5.29
N ILE A 67 2.53 -3.99 -4.44
CA ILE A 67 3.55 -4.27 -3.42
C ILE A 67 4.94 -4.42 -4.05
N TYR A 68 5.93 -3.71 -3.50
CA TYR A 68 7.32 -3.72 -3.98
C TYR A 68 7.98 -5.10 -3.78
N ARG A 69 7.96 -5.90 -4.84
CA ARG A 69 8.44 -7.29 -4.95
C ARG A 69 9.13 -7.53 -6.30
N SER A 1 20.37 -9.07 -2.79
CA SER A 1 19.36 -9.88 -2.04
C SER A 1 18.02 -9.13 -1.91
N HIS A 2 16.92 -9.87 -1.77
CA HIS A 2 15.56 -9.32 -1.60
C HIS A 2 15.28 -8.84 -0.15
N MET A 3 14.23 -8.03 0.01
CA MET A 3 13.75 -7.55 1.32
C MET A 3 12.73 -8.53 1.94
N ALA A 4 12.89 -8.82 3.24
CA ALA A 4 12.01 -9.68 4.03
C ALA A 4 11.89 -9.20 5.49
N SER A 5 10.82 -9.61 6.19
CA SER A 5 10.50 -9.27 7.59
C SER A 5 10.60 -7.75 7.89
N PRO A 6 9.80 -6.90 7.22
CA PRO A 6 9.80 -5.45 7.39
C PRO A 6 9.21 -5.01 8.74
N GLN A 7 9.34 -3.71 9.02
CA GLN A 7 8.79 -3.03 10.19
C GLN A 7 7.91 -1.84 9.77
N PHE A 8 6.59 -1.97 9.95
CA PHE A 8 5.61 -0.93 9.63
C PHE A 8 5.49 0.13 10.74
N SER A 9 5.20 1.39 10.38
CA SER A 9 5.09 2.50 11.34
C SER A 9 3.75 2.52 12.09
N GLN A 10 2.67 2.09 11.43
CA GLN A 10 1.31 2.09 11.97
C GLN A 10 0.45 1.02 11.32
N GLN A 11 -0.72 0.75 11.92
CA GLN A 11 -1.75 -0.18 11.44
C GLN A 11 -2.07 0.00 9.95
N ARG A 12 -2.08 1.22 9.43
CA ARG A 12 -2.42 1.45 8.01
C ARG A 12 -1.36 0.94 7.04
N GLU A 13 -0.08 1.11 7.34
CA GLU A 13 1.00 0.55 6.50
C GLU A 13 0.91 -0.99 6.45
N GLU A 14 0.72 -1.62 7.61
CA GLU A 14 0.50 -3.06 7.70
C GLU A 14 -0.73 -3.52 6.89
N ASP A 15 -1.89 -2.86 7.05
CA ASP A 15 -3.11 -3.15 6.30
C ASP A 15 -2.92 -2.96 4.79
N ILE A 16 -2.26 -1.89 4.34
CA ILE A 16 -2.01 -1.58 2.93
C ILE A 16 -1.23 -2.71 2.24
N TYR A 17 -0.11 -3.13 2.84
CA TYR A 17 0.71 -4.22 2.30
C TYR A 17 -0.08 -5.53 2.27
N ARG A 18 -0.67 -5.91 3.40
CA ARG A 18 -1.43 -7.17 3.57
C ARG A 18 -2.62 -7.27 2.63
N PHE A 19 -3.32 -6.16 2.44
CA PHE A 19 -4.41 -6.02 1.47
C PHE A 19 -3.91 -6.26 0.04
N LEU A 20 -2.87 -5.55 -0.42
CA LEU A 20 -2.35 -5.74 -1.78
C LEU A 20 -1.65 -7.09 -1.97
N LYS A 21 -1.24 -7.76 -0.89
CA LYS A 21 -0.77 -9.14 -0.92
C LYS A 21 -1.91 -10.12 -1.13
N ASP A 22 -3.06 -9.83 -0.53
CA ASP A 22 -4.20 -10.74 -0.50
C ASP A 22 -5.03 -10.66 -1.80
N ASN A 23 -5.20 -9.45 -2.35
CA ASN A 23 -5.93 -9.24 -3.61
C ASN A 23 -5.01 -9.02 -4.82
N GLY A 24 -3.81 -8.45 -4.63
CA GLY A 24 -2.94 -8.03 -5.73
C GLY A 24 -3.10 -6.54 -5.99
N PRO A 25 -2.57 -6.02 -7.11
CA PRO A 25 -2.48 -4.58 -7.37
C PRO A 25 -3.85 -3.89 -7.53
N GLN A 26 -4.08 -2.81 -6.78
CA GLN A 26 -5.32 -2.02 -6.76
C GLN A 26 -5.04 -0.52 -6.71
N ARG A 27 -6.00 0.35 -7.03
CA ARG A 27 -5.83 1.82 -6.96
C ARG A 27 -5.96 2.32 -5.54
N ALA A 28 -5.41 3.51 -5.23
CA ALA A 28 -5.45 4.09 -3.87
C ALA A 28 -6.88 4.20 -3.33
N LEU A 29 -7.86 4.41 -4.20
CA LEU A 29 -9.28 4.49 -3.82
C LEU A 29 -9.78 3.15 -3.28
N VAL A 30 -9.39 2.04 -3.91
CA VAL A 30 -9.71 0.67 -3.44
C VAL A 30 -9.12 0.48 -2.05
N ILE A 31 -7.86 0.89 -1.86
CA ILE A 31 -7.14 0.80 -0.58
C ILE A 31 -7.85 1.62 0.50
N ALA A 32 -8.28 2.84 0.15
CA ALA A 32 -8.96 3.79 1.04
C ALA A 32 -10.21 3.13 1.65
N GLN A 33 -11.10 2.64 0.79
CA GLN A 33 -12.36 1.99 1.22
C GLN A 33 -12.10 0.72 2.02
N ALA A 34 -11.04 -0.02 1.66
CA ALA A 34 -10.64 -1.24 2.35
C ALA A 34 -10.08 -0.98 3.78
N LEU A 35 -9.56 0.22 4.04
CA LEU A 35 -9.17 0.72 5.36
C LEU A 35 -10.31 1.46 6.10
N GLY A 36 -11.40 1.78 5.40
CA GLY A 36 -12.56 2.51 5.92
C GLY A 36 -12.53 4.03 5.65
N MET A 37 -11.54 4.50 4.90
CA MET A 37 -11.39 5.88 4.45
C MET A 37 -12.29 6.16 3.22
N ARG A 38 -12.35 7.43 2.79
CA ARG A 38 -13.32 7.90 1.77
C ARG A 38 -12.70 8.19 0.40
N THR A 39 -11.43 8.59 0.35
CA THR A 39 -10.76 9.07 -0.87
C THR A 39 -9.33 8.52 -0.99
N ALA A 40 -8.81 8.47 -2.22
CA ALA A 40 -7.43 8.06 -2.51
C ALA A 40 -6.35 8.92 -1.81
N LYS A 41 -6.68 10.18 -1.54
CA LYS A 41 -5.83 11.13 -0.81
C LYS A 41 -5.67 10.79 0.68
N ASP A 42 -6.64 10.09 1.27
CA ASP A 42 -6.53 9.68 2.67
C ASP A 42 -5.42 8.62 2.85
N VAL A 43 -5.15 7.84 1.79
CA VAL A 43 -4.23 6.68 1.85
C VAL A 43 -2.87 7.00 1.25
N ASN A 44 -2.85 7.89 0.27
CA ASN A 44 -1.67 8.31 -0.48
C ASN A 44 -0.46 8.58 0.41
N ARG A 45 -0.67 9.23 1.56
CA ARG A 45 0.36 9.49 2.58
C ARG A 45 1.06 8.21 3.05
N ASP A 46 0.31 7.15 3.33
CA ASP A 46 0.85 5.83 3.70
C ASP A 46 1.38 5.04 2.49
N LEU A 47 0.70 5.13 1.35
CA LEU A 47 1.08 4.43 0.12
C LEU A 47 2.45 4.87 -0.41
N TYR A 48 2.65 6.18 -0.55
CA TYR A 48 3.94 6.74 -0.99
C TYR A 48 5.03 6.47 0.04
N ARG A 49 4.68 6.44 1.33
CA ARG A 49 5.62 6.11 2.41
C ARG A 49 6.11 4.67 2.28
N MET A 50 5.24 3.70 1.96
CA MET A 50 5.63 2.32 1.66
C MET A 50 6.52 2.24 0.42
N LYS A 51 6.27 3.04 -0.62
CA LYS A 51 7.15 3.13 -1.81
C LYS A 51 8.53 3.69 -1.47
N SER A 52 8.57 4.69 -0.59
CA SER A 52 9.79 5.30 -0.06
C SER A 52 10.63 4.36 0.85
N ARG A 53 10.06 3.23 1.31
CA ARG A 53 10.77 2.21 2.12
C ARG A 53 10.95 0.86 1.40
N HIS A 54 10.73 0.80 0.08
CA HIS A 54 10.87 -0.43 -0.74
C HIS A 54 9.79 -1.49 -0.44
N LEU A 55 8.53 -1.07 -0.21
CA LEU A 55 7.39 -1.95 0.13
C LEU A 55 6.22 -1.82 -0.85
N LEU A 56 5.95 -0.65 -1.41
CA LEU A 56 4.92 -0.43 -2.45
C LEU A 56 5.50 0.12 -3.77
N ASP A 57 4.77 -0.02 -4.87
CA ASP A 57 5.09 0.51 -6.20
C ASP A 57 3.80 0.95 -6.91
N MET A 58 3.64 2.24 -7.18
CA MET A 58 2.53 2.75 -8.00
C MET A 58 2.85 2.70 -9.50
N ASP A 59 1.83 2.41 -10.31
CA ASP A 59 1.87 2.45 -11.76
C ASP A 59 1.11 3.69 -12.22
N GLU A 60 1.79 4.58 -12.93
CA GLU A 60 1.25 5.90 -13.31
C GLU A 60 0.10 5.81 -14.33
N GLN A 61 -0.10 4.63 -14.91
CA GLN A 61 -1.01 4.38 -16.04
C GLN A 61 -2.49 4.31 -15.61
N SER A 62 -2.75 3.77 -14.41
CA SER A 62 -4.08 3.78 -13.76
C SER A 62 -4.00 4.16 -12.26
N LYS A 63 -2.84 4.66 -11.80
CA LYS A 63 -2.49 4.87 -10.39
C LYS A 63 -2.68 3.61 -9.54
N ALA A 64 -2.33 2.45 -10.12
CA ALA A 64 -2.45 1.15 -9.46
C ALA A 64 -1.27 0.96 -8.51
N TRP A 65 -1.55 0.85 -7.22
CA TRP A 65 -0.60 0.49 -6.19
C TRP A 65 -0.42 -1.03 -6.13
N THR A 66 0.84 -1.44 -6.25
CA THR A 66 1.29 -2.83 -6.17
C THR A 66 2.29 -2.91 -4.99
N ILE A 67 2.58 -4.11 -4.52
CA ILE A 67 3.63 -4.34 -3.51
C ILE A 67 4.99 -4.45 -4.20
N TYR A 68 5.98 -3.69 -3.71
CA TYR A 68 7.36 -3.71 -4.20
C TYR A 68 8.06 -5.04 -3.87
N ARG A 69 7.94 -6.00 -4.78
CA ARG A 69 8.54 -7.35 -4.75
C ARG A 69 8.97 -7.86 -6.14
N SER A 1 21.34 -4.43 9.85
CA SER A 1 20.55 -5.69 9.97
C SER A 1 20.30 -6.33 8.60
N HIS A 2 20.10 -7.65 8.55
CA HIS A 2 19.85 -8.45 7.33
C HIS A 2 18.91 -9.64 7.60
N MET A 3 18.29 -10.17 6.53
CA MET A 3 17.42 -11.36 6.55
C MET A 3 16.28 -11.30 7.59
N ALA A 4 15.64 -10.12 7.71
CA ALA A 4 14.61 -9.82 8.72
C ALA A 4 13.36 -9.15 8.11
N SER A 5 12.25 -9.21 8.85
CA SER A 5 10.96 -8.59 8.50
C SER A 5 11.02 -7.05 8.42
N PRO A 6 10.13 -6.39 7.66
CA PRO A 6 10.02 -4.92 7.63
C PRO A 6 9.45 -4.37 8.95
N GLN A 7 9.48 -3.04 9.07
CA GLN A 7 8.89 -2.28 10.17
C GLN A 7 7.90 -1.23 9.62
N PHE A 8 6.62 -1.35 10.00
CA PHE A 8 5.57 -0.39 9.67
C PHE A 8 5.49 0.72 10.73
N SER A 9 5.19 1.95 10.31
CA SER A 9 5.08 3.12 11.19
C SER A 9 3.75 3.18 11.94
N GLN A 10 2.69 2.60 11.37
CA GLN A 10 1.34 2.49 11.96
C GLN A 10 0.55 1.35 11.31
N GLN A 11 -0.58 0.96 11.90
CA GLN A 11 -1.35 -0.23 11.45
C GLN A 11 -1.92 -0.07 10.02
N ARG A 12 -2.16 1.16 9.55
CA ARG A 12 -2.56 1.41 8.16
C ARG A 12 -1.56 0.84 7.17
N GLU A 13 -0.26 1.09 7.39
CA GLU A 13 0.80 0.61 6.51
C GLU A 13 0.81 -0.93 6.45
N GLU A 14 0.66 -1.59 7.60
CA GLU A 14 0.49 -3.05 7.65
C GLU A 14 -0.73 -3.52 6.86
N ASP A 15 -1.90 -2.90 7.07
CA ASP A 15 -3.14 -3.24 6.34
C ASP A 15 -2.99 -3.05 4.82
N ILE A 16 -2.37 -1.96 4.37
CA ILE A 16 -2.11 -1.67 2.96
C ILE A 16 -1.33 -2.81 2.29
N TYR A 17 -0.22 -3.24 2.90
CA TYR A 17 0.60 -4.33 2.37
C TYR A 17 -0.18 -5.64 2.36
N ARG A 18 -0.78 -6.01 3.50
CA ARG A 18 -1.58 -7.23 3.69
C ARG A 18 -2.75 -7.33 2.70
N PHE A 19 -3.43 -6.21 2.46
CA PHE A 19 -4.51 -6.10 1.47
C PHE A 19 -4.01 -6.35 0.04
N LEU A 20 -2.95 -5.66 -0.40
CA LEU A 20 -2.42 -5.86 -1.75
C LEU A 20 -1.72 -7.21 -1.92
N LYS A 21 -1.33 -7.88 -0.82
CA LYS A 21 -0.86 -9.26 -0.85
C LYS A 21 -2.00 -10.24 -1.06
N ASP A 22 -3.16 -9.94 -0.48
CA ASP A 22 -4.30 -10.84 -0.47
C ASP A 22 -5.11 -10.78 -1.77
N ASN A 23 -5.26 -9.57 -2.34
CA ASN A 23 -5.97 -9.37 -3.62
C ASN A 23 -5.05 -9.13 -4.83
N GLY A 24 -3.86 -8.55 -4.61
CA GLY A 24 -2.97 -8.11 -5.70
C GLY A 24 -3.16 -6.62 -5.97
N PRO A 25 -2.61 -6.07 -7.06
CA PRO A 25 -2.55 -4.64 -7.30
C PRO A 25 -3.93 -3.98 -7.47
N GLN A 26 -4.15 -2.88 -6.74
CA GLN A 26 -5.40 -2.10 -6.73
C GLN A 26 -5.11 -0.58 -6.70
N ARG A 27 -6.08 0.27 -7.02
CA ARG A 27 -5.90 1.75 -6.96
C ARG A 27 -6.00 2.26 -5.53
N ALA A 28 -5.44 3.43 -5.24
CA ALA A 28 -5.45 4.04 -3.89
C ALA A 28 -6.87 4.14 -3.30
N LEU A 29 -7.86 4.38 -4.17
CA LEU A 29 -9.26 4.46 -3.76
C LEU A 29 -9.79 3.13 -3.23
N VAL A 30 -9.42 2.01 -3.88
CA VAL A 30 -9.75 0.66 -3.41
C VAL A 30 -9.16 0.45 -2.02
N ILE A 31 -7.88 0.83 -1.85
CA ILE A 31 -7.16 0.72 -0.57
C ILE A 31 -7.87 1.55 0.52
N ALA A 32 -8.30 2.76 0.18
CA ALA A 32 -8.95 3.70 1.10
C ALA A 32 -10.20 3.06 1.72
N GLN A 33 -11.11 2.57 0.86
CA GLN A 33 -12.36 1.94 1.30
C GLN A 33 -12.12 0.65 2.07
N ALA A 34 -11.07 -0.09 1.70
CA ALA A 34 -10.66 -1.32 2.38
C ALA A 34 -10.11 -1.08 3.80
N LEU A 35 -9.58 0.12 4.06
CA LEU A 35 -9.19 0.61 5.40
C LEU A 35 -10.33 1.35 6.14
N GLY A 36 -11.43 1.68 5.44
CA GLY A 36 -12.59 2.40 5.99
C GLY A 36 -12.53 3.92 5.82
N MET A 37 -11.58 4.40 5.01
CA MET A 37 -11.44 5.79 4.55
C MET A 37 -12.41 6.10 3.39
N ARG A 38 -12.42 7.35 2.94
CA ARG A 38 -13.35 7.85 1.89
C ARG A 38 -12.71 8.12 0.53
N THR A 39 -11.47 8.62 0.52
CA THR A 39 -10.79 9.12 -0.70
C THR A 39 -9.36 8.58 -0.83
N ALA A 40 -8.83 8.55 -2.06
CA ALA A 40 -7.44 8.14 -2.35
C ALA A 40 -6.37 8.98 -1.64
N LYS A 41 -6.69 10.25 -1.32
CA LYS A 41 -5.84 11.19 -0.57
C LYS A 41 -5.71 10.85 0.90
N ASP A 42 -6.66 10.12 1.47
CA ASP A 42 -6.56 9.65 2.86
C ASP A 42 -5.50 8.54 3.00
N VAL A 43 -5.21 7.82 1.91
CA VAL A 43 -4.28 6.66 1.91
C VAL A 43 -2.92 7.01 1.34
N ASN A 44 -2.89 7.93 0.39
CA ASN A 44 -1.71 8.32 -0.39
C ASN A 44 -0.47 8.57 0.47
N ARG A 45 -0.64 9.18 1.65
CA ARG A 45 0.40 9.40 2.65
C ARG A 45 1.08 8.10 3.08
N ASP A 46 0.30 7.07 3.39
CA ASP A 46 0.78 5.73 3.74
C ASP A 46 1.33 4.98 2.53
N LEU A 47 0.65 5.10 1.38
CA LEU A 47 1.01 4.40 0.16
C LEU A 47 2.39 4.83 -0.37
N TYR A 48 2.60 6.14 -0.51
CA TYR A 48 3.89 6.69 -0.97
C TYR A 48 4.99 6.39 0.05
N ARG A 49 4.65 6.35 1.34
CA ARG A 49 5.60 6.02 2.39
C ARG A 49 6.05 4.56 2.32
N MET A 50 5.16 3.61 2.01
CA MET A 50 5.55 2.22 1.73
C MET A 50 6.44 2.12 0.49
N LYS A 51 6.20 2.92 -0.56
CA LYS A 51 7.08 2.99 -1.74
C LYS A 51 8.47 3.54 -1.39
N SER A 52 8.52 4.56 -0.53
CA SER A 52 9.75 5.16 -0.02
C SER A 52 10.57 4.23 0.91
N ARG A 53 9.99 3.11 1.39
CA ARG A 53 10.68 2.10 2.21
C ARG A 53 10.85 0.74 1.51
N HIS A 54 10.62 0.66 0.19
CA HIS A 54 10.76 -0.57 -0.64
C HIS A 54 9.68 -1.64 -0.33
N LEU A 55 8.42 -1.21 -0.10
CA LEU A 55 7.27 -2.08 0.23
C LEU A 55 6.11 -1.94 -0.77
N LEU A 56 5.85 -0.77 -1.35
CA LEU A 56 4.83 -0.53 -2.39
C LEU A 56 5.42 0.00 -3.72
N ASP A 57 4.68 -0.12 -4.81
CA ASP A 57 5.00 0.40 -6.14
C ASP A 57 3.72 0.89 -6.84
N MET A 58 3.61 2.18 -7.12
CA MET A 58 2.50 2.74 -7.91
C MET A 58 2.80 2.72 -9.42
N ASP A 59 1.78 2.46 -10.23
CA ASP A 59 1.82 2.61 -11.68
C ASP A 59 1.39 4.03 -12.02
N GLU A 60 2.15 4.71 -12.86
CA GLU A 60 1.82 6.06 -13.34
C GLU A 60 0.67 6.04 -14.37
N GLN A 61 0.34 4.86 -14.91
CA GLN A 61 -0.57 4.72 -16.06
C GLN A 61 -2.05 4.68 -15.66
N SER A 62 -2.36 4.03 -14.53
CA SER A 62 -3.73 3.94 -13.96
C SER A 62 -3.76 4.13 -12.44
N LYS A 63 -2.66 4.62 -11.86
CA LYS A 63 -2.45 4.83 -10.40
C LYS A 63 -2.73 3.56 -9.58
N ALA A 64 -2.27 2.43 -10.11
CA ALA A 64 -2.42 1.11 -9.48
C ALA A 64 -1.26 0.88 -8.50
N TRP A 65 -1.57 0.72 -7.22
CA TRP A 65 -0.63 0.34 -6.18
C TRP A 65 -0.46 -1.17 -6.12
N THR A 66 0.77 -1.62 -6.34
CA THR A 66 1.25 -2.99 -6.15
C THR A 66 2.20 -3.02 -4.95
N ILE A 67 2.51 -4.22 -4.44
CA ILE A 67 3.54 -4.45 -3.43
C ILE A 67 4.90 -4.60 -4.10
N TYR A 68 5.88 -3.82 -3.65
CA TYR A 68 7.26 -3.82 -4.13
C TYR A 68 7.99 -5.16 -3.81
N ARG A 69 7.86 -6.11 -4.74
CA ARG A 69 8.45 -7.45 -4.71
C ARG A 69 9.84 -7.48 -5.36
N SER A 1 17.75 -16.63 7.77
CA SER A 1 17.87 -15.61 6.69
C SER A 1 16.96 -15.93 5.50
N HIS A 2 16.78 -14.98 4.57
CA HIS A 2 15.89 -15.01 3.39
C HIS A 2 14.38 -15.15 3.70
N MET A 3 13.55 -14.89 2.69
CA MET A 3 12.07 -14.99 2.73
C MET A 3 11.39 -14.17 3.86
N ALA A 4 12.03 -13.06 4.28
CA ALA A 4 11.60 -12.24 5.42
C ALA A 4 10.50 -11.22 5.05
N SER A 5 9.62 -10.93 6.02
CA SER A 5 8.59 -9.88 5.94
C SER A 5 9.13 -8.51 6.38
N PRO A 6 8.52 -7.39 5.95
CA PRO A 6 8.82 -6.05 6.48
C PRO A 6 8.35 -5.88 7.93
N GLN A 7 8.70 -4.74 8.51
CA GLN A 7 8.26 -4.26 9.83
C GLN A 7 7.61 -2.88 9.67
N PHE A 8 6.31 -2.77 9.95
CA PHE A 8 5.51 -1.58 9.65
C PHE A 8 5.62 -0.45 10.69
N SER A 9 5.52 0.80 10.22
CA SER A 9 5.60 2.01 11.08
C SER A 9 4.29 2.30 11.82
N GLN A 10 3.14 1.96 11.23
CA GLN A 10 1.80 2.17 11.79
C GLN A 10 0.77 1.16 11.24
N GLN A 11 -0.37 1.06 11.92
CA GLN A 11 -1.52 0.20 11.57
C GLN A 11 -1.92 0.33 10.09
N ARG A 12 -1.96 1.55 9.53
CA ARG A 12 -2.38 1.77 8.13
C ARG A 12 -1.38 1.15 7.15
N GLU A 13 -0.08 1.30 7.43
CA GLU A 13 1.01 0.71 6.66
C GLU A 13 0.89 -0.82 6.59
N GLU A 14 0.57 -1.44 7.74
CA GLU A 14 0.34 -2.88 7.85
C GLU A 14 -0.90 -3.33 7.06
N ASP A 15 -2.05 -2.69 7.25
CA ASP A 15 -3.27 -3.06 6.52
C ASP A 15 -3.13 -2.87 5.01
N ILE A 16 -2.49 -1.79 4.53
CA ILE A 16 -2.26 -1.54 3.12
C ILE A 16 -1.46 -2.69 2.49
N TYR A 17 -0.34 -3.06 3.11
CA TYR A 17 0.53 -4.13 2.61
C TYR A 17 -0.21 -5.46 2.61
N ARG A 18 -0.82 -5.83 3.75
CA ARG A 18 -1.56 -7.08 3.94
C ARG A 18 -2.72 -7.24 2.98
N PHE A 19 -3.46 -6.17 2.74
CA PHE A 19 -4.55 -6.08 1.76
C PHE A 19 -4.05 -6.34 0.33
N LEU A 20 -3.03 -5.60 -0.12
CA LEU A 20 -2.48 -5.78 -1.48
C LEU A 20 -1.75 -7.12 -1.64
N LYS A 21 -1.33 -7.75 -0.54
CA LYS A 21 -0.81 -9.12 -0.53
C LYS A 21 -1.94 -10.12 -0.74
N ASP A 22 -3.11 -9.85 -0.16
CA ASP A 22 -4.24 -10.76 -0.16
C ASP A 22 -4.96 -10.78 -1.53
N ASN A 23 -5.13 -9.59 -2.13
CA ASN A 23 -5.82 -9.45 -3.42
C ASN A 23 -4.90 -9.21 -4.62
N GLY A 24 -3.72 -8.60 -4.41
CA GLY A 24 -2.82 -8.18 -5.49
C GLY A 24 -3.04 -6.70 -5.81
N PRO A 25 -2.49 -6.19 -6.92
CA PRO A 25 -2.45 -4.76 -7.21
C PRO A 25 -3.83 -4.10 -7.37
N GLN A 26 -4.07 -3.01 -6.65
CA GLN A 26 -5.32 -2.23 -6.66
C GLN A 26 -5.03 -0.72 -6.64
N ARG A 27 -6.00 0.14 -6.97
CA ARG A 27 -5.81 1.61 -6.93
C ARG A 27 -5.96 2.14 -5.50
N ALA A 28 -5.45 3.35 -5.22
CA ALA A 28 -5.49 3.95 -3.88
C ALA A 28 -6.91 4.04 -3.32
N LEU A 29 -7.89 4.26 -4.18
CA LEU A 29 -9.30 4.33 -3.80
C LEU A 29 -9.82 3.00 -3.26
N VAL A 30 -9.41 1.88 -3.88
CA VAL A 30 -9.72 0.52 -3.39
C VAL A 30 -9.13 0.35 -1.99
N ILE A 31 -7.86 0.76 -1.82
CA ILE A 31 -7.16 0.67 -0.53
C ILE A 31 -7.88 1.50 0.54
N ALA A 32 -8.31 2.70 0.18
CA ALA A 32 -8.97 3.66 1.07
C ALA A 32 -10.23 3.04 1.68
N GLN A 33 -11.12 2.53 0.83
CA GLN A 33 -12.38 1.91 1.24
C GLN A 33 -12.15 0.63 2.04
N ALA A 34 -11.10 -0.11 1.69
CA ALA A 34 -10.70 -1.33 2.39
C ALA A 34 -10.18 -1.06 3.83
N LEU A 35 -9.65 0.15 4.08
CA LEU A 35 -9.30 0.67 5.41
C LEU A 35 -10.47 1.41 6.11
N GLY A 36 -11.56 1.69 5.39
CA GLY A 36 -12.74 2.41 5.91
C GLY A 36 -12.68 3.93 5.71
N MET A 37 -11.72 4.40 4.91
CA MET A 37 -11.58 5.79 4.45
C MET A 37 -12.54 6.09 3.27
N ARG A 38 -12.55 7.35 2.81
CA ARG A 38 -13.48 7.83 1.76
C ARG A 38 -12.82 8.09 0.40
N THR A 39 -11.57 8.57 0.39
CA THR A 39 -10.87 9.07 -0.81
C THR A 39 -9.45 8.49 -0.92
N ALA A 40 -8.92 8.45 -2.15
CA ALA A 40 -7.54 8.03 -2.42
C ALA A 40 -6.47 8.87 -1.71
N LYS A 41 -6.78 10.13 -1.43
CA LYS A 41 -5.91 11.07 -0.70
C LYS A 41 -5.71 10.72 0.77
N ASP A 42 -6.68 10.02 1.38
CA ASP A 42 -6.54 9.57 2.78
C ASP A 42 -5.47 8.47 2.90
N VAL A 43 -5.22 7.72 1.82
CA VAL A 43 -4.27 6.59 1.83
C VAL A 43 -2.92 6.94 1.25
N ASN A 44 -2.93 7.86 0.28
CA ASN A 44 -1.77 8.27 -0.52
C ASN A 44 -0.54 8.55 0.35
N ARG A 45 -0.73 9.22 1.49
CA ARG A 45 0.32 9.50 2.48
C ARG A 45 1.06 8.24 2.96
N ASP A 46 0.33 7.16 3.18
CA ASP A 46 0.90 5.85 3.54
C ASP A 46 1.46 5.12 2.33
N LEU A 47 0.71 5.12 1.22
CA LEU A 47 1.08 4.43 -0.03
C LEU A 47 2.42 4.92 -0.59
N TYR A 48 2.56 6.25 -0.77
CA TYR A 48 3.79 6.87 -1.27
C TYR A 48 4.94 6.71 -0.28
N ARG A 49 4.64 6.76 1.03
CA ARG A 49 5.65 6.51 2.07
C ARG A 49 6.19 5.09 1.97
N MET A 50 5.33 4.10 1.73
CA MET A 50 5.72 2.70 1.55
C MET A 50 6.54 2.53 0.27
N LYS A 51 6.25 3.29 -0.79
CA LYS A 51 7.12 3.35 -1.98
C LYS A 51 8.50 3.96 -1.71
N SER A 52 8.56 4.97 -0.85
CA SER A 52 9.81 5.58 -0.39
C SER A 52 10.64 4.68 0.55
N ARG A 53 10.05 3.62 1.15
CA ARG A 53 10.74 2.66 2.04
C ARG A 53 10.84 1.23 1.51
N HIS A 54 10.61 1.03 0.19
CA HIS A 54 10.76 -0.25 -0.51
C HIS A 54 9.68 -1.30 -0.16
N LEU A 55 8.42 -0.84 0.00
CA LEU A 55 7.25 -1.64 0.37
C LEU A 55 6.11 -1.58 -0.66
N LEU A 56 5.93 -0.45 -1.35
CA LEU A 56 4.92 -0.29 -2.41
C LEU A 56 5.49 0.29 -3.73
N ASP A 57 4.76 0.17 -4.83
CA ASP A 57 5.08 0.72 -6.15
C ASP A 57 3.78 1.10 -6.88
N MET A 58 3.58 2.36 -7.22
CA MET A 58 2.45 2.80 -8.03
C MET A 58 2.75 2.74 -9.53
N ASP A 59 1.75 2.37 -10.33
CA ASP A 59 1.78 2.44 -11.78
C ASP A 59 1.30 3.82 -12.23
N GLU A 60 2.07 4.45 -13.09
CA GLU A 60 1.74 5.78 -13.66
C GLU A 60 0.56 5.71 -14.65
N GLN A 61 0.20 4.49 -15.08
CA GLN A 61 -0.76 4.26 -16.16
C GLN A 61 -2.23 4.31 -15.68
N SER A 62 -2.50 3.70 -14.52
CA SER A 62 -3.85 3.68 -13.89
C SER A 62 -3.81 3.94 -12.38
N LYS A 63 -2.69 4.46 -11.84
CA LYS A 63 -2.43 4.66 -10.40
C LYS A 63 -2.68 3.39 -9.57
N ALA A 64 -2.25 2.26 -10.12
CA ALA A 64 -2.38 0.94 -9.49
C ALA A 64 -1.22 0.72 -8.52
N TRP A 65 -1.51 0.56 -7.23
CA TRP A 65 -0.53 0.28 -6.19
C TRP A 65 -0.26 -1.23 -6.09
N THR A 66 1.01 -1.61 -6.25
CA THR A 66 1.51 -2.98 -6.17
C THR A 66 2.62 -3.06 -5.11
N ILE A 67 2.59 -4.06 -4.23
CA ILE A 67 3.62 -4.30 -3.21
C ILE A 67 4.99 -4.46 -3.86
N TYR A 68 5.97 -3.69 -3.38
CA TYR A 68 7.35 -3.66 -3.90
C TYR A 68 8.10 -5.00 -3.65
N ARG A 69 8.00 -5.88 -4.65
CA ARG A 69 8.64 -7.21 -4.70
C ARG A 69 10.18 -7.16 -4.74
N SER A 1 27.14 -10.28 11.90
CA SER A 1 25.97 -9.95 11.04
C SER A 1 24.64 -10.33 11.71
N HIS A 2 23.56 -9.63 11.37
CA HIS A 2 22.20 -9.83 11.92
C HIS A 2 21.13 -9.89 10.82
N MET A 3 19.98 -10.48 11.13
CA MET A 3 18.79 -10.52 10.24
C MET A 3 18.06 -9.17 10.22
N ALA A 4 17.30 -8.90 9.15
CA ALA A 4 16.58 -7.64 8.92
C ALA A 4 15.14 -7.85 8.40
N SER A 5 14.25 -6.92 8.78
CA SER A 5 12.83 -6.84 8.41
C SER A 5 12.31 -5.39 8.56
N PRO A 6 11.21 -4.98 7.89
CA PRO A 6 10.64 -3.65 8.06
C PRO A 6 9.91 -3.51 9.40
N GLN A 7 9.61 -2.26 9.74
CA GLN A 7 8.74 -1.86 10.86
C GLN A 7 7.63 -0.95 10.33
N PHE A 8 6.38 -1.41 10.36
CA PHE A 8 5.23 -0.58 9.97
C PHE A 8 5.04 0.55 10.99
N SER A 9 4.83 1.78 10.50
CA SER A 9 4.73 2.99 11.32
C SER A 9 3.43 3.07 12.11
N GLN A 10 2.37 2.46 11.55
CA GLN A 10 1.02 2.38 12.09
C GLN A 10 0.25 1.21 11.46
N GLN A 11 -0.93 0.90 12.03
CA GLN A 11 -1.86 -0.13 11.54
C GLN A 11 -2.16 -0.01 10.03
N ARG A 12 -2.23 1.21 9.48
CA ARG A 12 -2.53 1.40 8.04
C ARG A 12 -1.43 0.87 7.11
N GLU A 13 -0.15 1.04 7.45
CA GLU A 13 0.95 0.49 6.64
C GLU A 13 0.87 -1.05 6.58
N GLU A 14 0.64 -1.68 7.73
CA GLU A 14 0.46 -3.12 7.84
C GLU A 14 -0.73 -3.62 7.01
N ASP A 15 -1.89 -2.95 7.12
CA ASP A 15 -3.09 -3.26 6.35
C ASP A 15 -2.90 -3.06 4.84
N ILE A 16 -2.22 -2.00 4.41
CA ILE A 16 -1.98 -1.71 2.99
C ILE A 16 -1.19 -2.82 2.31
N TYR A 17 -0.07 -3.24 2.90
CA TYR A 17 0.75 -4.32 2.36
C TYR A 17 -0.06 -5.62 2.31
N ARG A 18 -0.68 -6.00 3.43
CA ARG A 18 -1.49 -7.23 3.58
C ARG A 18 -2.66 -7.30 2.61
N PHE A 19 -3.35 -6.18 2.43
CA PHE A 19 -4.44 -6.03 1.46
C PHE A 19 -3.94 -6.28 0.02
N LEU A 20 -2.90 -5.59 -0.44
CA LEU A 20 -2.37 -5.78 -1.79
C LEU A 20 -1.67 -7.13 -1.98
N LYS A 21 -1.26 -7.78 -0.89
CA LYS A 21 -0.77 -9.17 -0.90
C LYS A 21 -1.92 -10.16 -1.12
N ASP A 22 -3.07 -9.86 -0.52
CA ASP A 22 -4.21 -10.76 -0.50
C ASP A 22 -5.04 -10.69 -1.80
N ASN A 23 -5.23 -9.48 -2.35
CA ASN A 23 -5.96 -9.27 -3.61
C ASN A 23 -5.05 -9.04 -4.83
N GLY A 24 -3.86 -8.47 -4.64
CA GLY A 24 -2.98 -8.03 -5.74
C GLY A 24 -3.15 -6.54 -5.99
N PRO A 25 -2.63 -6.00 -7.09
CA PRO A 25 -2.54 -4.56 -7.34
C PRO A 25 -3.91 -3.87 -7.49
N GLN A 26 -4.13 -2.78 -6.74
CA GLN A 26 -5.38 -2.00 -6.71
C GLN A 26 -5.07 -0.49 -6.62
N ARG A 27 -6.01 0.41 -6.95
CA ARG A 27 -5.80 1.87 -6.82
C ARG A 27 -5.95 2.35 -5.39
N ALA A 28 -5.43 3.54 -5.08
CA ALA A 28 -5.49 4.12 -3.72
C ALA A 28 -6.93 4.23 -3.21
N LEU A 29 -7.90 4.45 -4.10
CA LEU A 29 -9.32 4.52 -3.73
C LEU A 29 -9.83 3.17 -3.23
N VAL A 30 -9.43 2.06 -3.86
CA VAL A 30 -9.73 0.71 -3.40
C VAL A 30 -9.17 0.49 -2.00
N ILE A 31 -7.90 0.89 -1.79
CA ILE A 31 -7.19 0.76 -0.52
C ILE A 31 -7.90 1.56 0.57
N ALA A 32 -8.32 2.80 0.24
CA ALA A 32 -8.98 3.73 1.16
C ALA A 32 -10.23 3.08 1.76
N GLN A 33 -11.13 2.60 0.90
CA GLN A 33 -12.38 1.97 1.30
C GLN A 33 -12.15 0.67 2.07
N ALA A 34 -11.10 -0.06 1.70
CA ALA A 34 -10.71 -1.31 2.36
C ALA A 34 -10.15 -1.09 3.79
N LEU A 35 -9.60 0.10 4.06
CA LEU A 35 -9.18 0.57 5.40
C LEU A 35 -10.30 1.31 6.16
N GLY A 36 -11.39 1.67 5.49
CA GLY A 36 -12.53 2.42 6.06
C GLY A 36 -12.41 3.95 5.91
N MET A 37 -11.45 4.42 5.11
CA MET A 37 -11.31 5.81 4.68
C MET A 37 -12.26 6.12 3.51
N ARG A 38 -12.30 7.38 3.05
CA ARG A 38 -13.26 7.86 2.04
C ARG A 38 -12.67 8.15 0.65
N THR A 39 -11.40 8.57 0.59
CA THR A 39 -10.74 9.06 -0.64
C THR A 39 -9.32 8.51 -0.80
N ALA A 40 -8.82 8.48 -2.03
CA ALA A 40 -7.44 8.06 -2.35
C ALA A 40 -6.36 8.90 -1.65
N LYS A 41 -6.67 10.18 -1.36
CA LYS A 41 -5.80 11.10 -0.63
C LYS A 41 -5.64 10.77 0.85
N ASP A 42 -6.60 10.05 1.44
CA ASP A 42 -6.49 9.62 2.83
C ASP A 42 -5.41 8.55 2.99
N VAL A 43 -5.14 7.78 1.92
CA VAL A 43 -4.23 6.62 1.96
C VAL A 43 -2.87 6.92 1.36
N ASN A 44 -2.85 7.82 0.39
CA ASN A 44 -1.66 8.24 -0.37
C ASN A 44 -0.45 8.49 0.51
N ARG A 45 -0.64 9.13 1.67
CA ARG A 45 0.40 9.38 2.69
C ARG A 45 1.11 8.10 3.14
N ASP A 46 0.34 7.03 3.41
CA ASP A 46 0.87 5.71 3.76
C ASP A 46 1.43 4.96 2.54
N LEU A 47 0.72 5.04 1.41
CA LEU A 47 1.07 4.35 0.16
C LEU A 47 2.44 4.80 -0.38
N TYR A 48 2.63 6.10 -0.53
CA TYR A 48 3.90 6.69 -1.01
C TYR A 48 5.02 6.43 -0.01
N ARG A 49 4.71 6.40 1.29
CA ARG A 49 5.69 6.09 2.32
C ARG A 49 6.20 4.66 2.18
N MET A 50 5.33 3.67 1.90
CA MET A 50 5.75 2.30 1.61
C MET A 50 6.58 2.20 0.31
N LYS A 51 6.27 3.01 -0.71
CA LYS A 51 7.09 3.09 -1.94
C LYS A 51 8.49 3.67 -1.69
N SER A 52 8.57 4.69 -0.86
CA SER A 52 9.82 5.31 -0.42
C SER A 52 10.72 4.36 0.41
N ARG A 53 10.18 3.24 0.94
CA ARG A 53 10.94 2.22 1.70
C ARG A 53 11.04 0.85 1.01
N HIS A 54 10.73 0.79 -0.30
CA HIS A 54 10.86 -0.42 -1.14
C HIS A 54 9.81 -1.51 -0.81
N LEU A 55 8.57 -1.10 -0.47
CA LEU A 55 7.46 -1.99 -0.09
C LEU A 55 6.23 -1.87 -0.99
N LEU A 56 5.92 -0.67 -1.52
CA LEU A 56 4.86 -0.45 -2.52
C LEU A 56 5.41 0.11 -3.85
N ASP A 57 4.64 0.02 -4.94
CA ASP A 57 4.93 0.63 -6.23
C ASP A 57 3.62 1.08 -6.90
N MET A 58 3.47 2.37 -7.20
CA MET A 58 2.34 2.87 -7.99
C MET A 58 2.63 2.83 -9.50
N ASP A 59 1.60 2.55 -10.29
CA ASP A 59 1.61 2.60 -11.75
C ASP A 59 1.06 3.93 -12.23
N GLU A 60 1.81 4.63 -13.06
CA GLU A 60 1.42 5.92 -13.66
C GLU A 60 0.37 5.78 -14.79
N GLN A 61 0.01 4.53 -15.14
CA GLN A 61 -0.90 4.21 -16.24
C GLN A 61 -2.36 4.12 -15.80
N SER A 62 -2.61 3.66 -14.57
CA SER A 62 -3.96 3.49 -13.99
C SER A 62 -4.03 3.87 -12.49
N LYS A 63 -2.96 4.49 -11.95
CA LYS A 63 -2.71 4.77 -10.52
C LYS A 63 -2.86 3.54 -9.62
N ALA A 64 -2.41 2.38 -10.13
CA ALA A 64 -2.54 1.10 -9.44
C ALA A 64 -1.35 0.90 -8.49
N TRP A 65 -1.63 0.80 -7.19
CA TRP A 65 -0.66 0.43 -6.17
C TRP A 65 -0.49 -1.08 -6.12
N THR A 66 0.75 -1.51 -6.33
CA THR A 66 1.24 -2.88 -6.17
C THR A 66 2.21 -2.92 -4.98
N ILE A 67 2.51 -4.12 -4.48
CA ILE A 67 3.58 -4.37 -3.51
C ILE A 67 4.90 -4.49 -4.26
N TYR A 68 5.90 -3.71 -3.85
CA TYR A 68 7.26 -3.68 -4.41
C TYR A 68 8.00 -5.02 -4.21
N ARG A 69 7.81 -5.91 -5.18
CA ARG A 69 8.39 -7.26 -5.31
C ARG A 69 8.83 -7.60 -6.74
N SER A 1 23.21 -10.79 4.03
CA SER A 1 21.93 -10.32 3.45
C SER A 1 20.98 -9.76 4.51
N HIS A 2 20.05 -8.87 4.11
CA HIS A 2 19.01 -8.30 4.99
C HIS A 2 17.86 -9.27 5.25
N MET A 3 17.01 -8.96 6.24
CA MET A 3 15.84 -9.78 6.61
C MET A 3 14.79 -9.89 5.48
N ALA A 4 14.02 -10.98 5.47
CA ALA A 4 13.03 -11.29 4.44
C ALA A 4 11.61 -10.72 4.72
N SER A 5 11.44 -9.96 5.80
CA SER A 5 10.18 -9.36 6.25
C SER A 5 10.13 -7.84 6.03
N PRO A 6 8.94 -7.25 5.76
CA PRO A 6 8.76 -5.80 5.69
C PRO A 6 8.74 -5.15 7.08
N GLN A 7 8.80 -3.82 7.10
CA GLN A 7 8.71 -2.97 8.31
C GLN A 7 7.58 -1.94 8.19
N PHE A 8 6.50 -2.12 8.95
CA PHE A 8 5.39 -1.16 9.06
C PHE A 8 5.54 -0.20 10.25
N SER A 9 5.05 1.02 10.09
CA SER A 9 5.07 2.12 11.08
C SER A 9 3.80 2.17 11.93
N GLN A 10 2.66 1.80 11.33
CA GLN A 10 1.32 1.83 11.92
C GLN A 10 0.38 0.80 11.27
N GLN A 11 -0.80 0.61 11.85
CA GLN A 11 -1.85 -0.30 11.36
C GLN A 11 -2.22 -0.06 9.89
N ARG A 12 -2.16 1.19 9.39
CA ARG A 12 -2.50 1.46 7.97
C ARG A 12 -1.47 0.86 7.02
N GLU A 13 -0.18 1.12 7.23
CA GLU A 13 0.89 0.51 6.42
C GLU A 13 0.80 -1.04 6.40
N GLU A 14 0.63 -1.61 7.59
CA GLU A 14 0.38 -3.04 7.78
C GLU A 14 -0.84 -3.57 6.98
N ASP A 15 -2.02 -2.93 7.10
CA ASP A 15 -3.21 -3.37 6.36
C ASP A 15 -3.08 -3.16 4.86
N ILE A 16 -2.44 -2.07 4.41
CA ILE A 16 -2.22 -1.79 3.01
C ILE A 16 -1.47 -2.94 2.33
N TYR A 17 -0.35 -3.37 2.95
CA TYR A 17 0.47 -4.45 2.44
C TYR A 17 -0.32 -5.77 2.40
N ARG A 18 -0.94 -6.14 3.53
CA ARG A 18 -1.75 -7.35 3.69
C ARG A 18 -2.91 -7.44 2.70
N PHE A 19 -3.61 -6.33 2.50
CA PHE A 19 -4.67 -6.18 1.51
C PHE A 19 -4.15 -6.43 0.08
N LEU A 20 -3.10 -5.73 -0.34
CA LEU A 20 -2.55 -5.88 -1.69
C LEU A 20 -1.81 -7.22 -1.89
N LYS A 21 -1.41 -7.89 -0.82
CA LYS A 21 -0.90 -9.26 -0.84
C LYS A 21 -2.03 -10.26 -1.09
N ASP A 22 -3.20 -9.99 -0.52
CA ASP A 22 -4.33 -10.90 -0.54
C ASP A 22 -5.13 -10.82 -1.85
N ASN A 23 -5.32 -9.60 -2.38
CA ASN A 23 -6.03 -9.38 -3.66
C ASN A 23 -5.09 -9.16 -4.86
N GLY A 24 -3.91 -8.61 -4.64
CA GLY A 24 -3.00 -8.18 -5.71
C GLY A 24 -3.15 -6.68 -5.97
N PRO A 25 -2.58 -6.14 -7.06
CA PRO A 25 -2.48 -4.71 -7.29
C PRO A 25 -3.83 -4.00 -7.48
N GLN A 26 -4.05 -2.91 -6.74
CA GLN A 26 -5.28 -2.10 -6.75
C GLN A 26 -4.95 -0.60 -6.64
N ARG A 27 -5.87 0.32 -6.96
CA ARG A 27 -5.65 1.78 -6.85
C ARG A 27 -5.82 2.28 -5.43
N ALA A 28 -5.30 3.47 -5.12
CA ALA A 28 -5.38 4.06 -3.76
C ALA A 28 -6.83 4.18 -3.25
N LEU A 29 -7.78 4.40 -4.15
CA LEU A 29 -9.20 4.47 -3.79
C LEU A 29 -9.72 3.12 -3.29
N VAL A 30 -9.32 2.02 -3.94
CA VAL A 30 -9.64 0.65 -3.49
C VAL A 30 -9.08 0.43 -2.09
N ILE A 31 -7.82 0.83 -1.86
CA ILE A 31 -7.14 0.69 -0.57
C ILE A 31 -7.86 1.50 0.52
N ALA A 32 -8.26 2.74 0.18
CA ALA A 32 -8.92 3.67 1.10
C ALA A 32 -10.18 3.04 1.68
N GLN A 33 -11.07 2.57 0.82
CA GLN A 33 -12.35 1.94 1.20
C GLN A 33 -12.12 0.64 1.98
N ALA A 34 -11.07 -0.09 1.62
CA ALA A 34 -10.69 -1.33 2.30
C ALA A 34 -10.17 -1.11 3.73
N LEU A 35 -9.62 0.09 4.04
CA LEU A 35 -9.27 0.55 5.39
C LEU A 35 -10.42 1.27 6.11
N GLY A 36 -11.49 1.64 5.38
CA GLY A 36 -12.65 2.38 5.88
C GLY A 36 -12.54 3.90 5.69
N MET A 37 -11.50 4.37 4.98
CA MET A 37 -11.32 5.76 4.55
C MET A 37 -12.22 6.07 3.33
N ARG A 38 -12.28 7.33 2.93
CA ARG A 38 -13.25 7.83 1.93
C ARG A 38 -12.66 8.18 0.56
N THR A 39 -11.40 8.61 0.52
CA THR A 39 -10.71 9.10 -0.69
C THR A 39 -9.29 8.53 -0.82
N ALA A 40 -8.77 8.50 -2.04
CA ALA A 40 -7.40 8.05 -2.34
C ALA A 40 -6.31 8.86 -1.62
N LYS A 41 -6.59 10.13 -1.34
CA LYS A 41 -5.71 11.03 -0.59
C LYS A 41 -5.54 10.64 0.87
N ASP A 42 -6.54 9.99 1.46
CA ASP A 42 -6.46 9.54 2.84
C ASP A 42 -5.40 8.44 3.00
N VAL A 43 -5.12 7.68 1.94
CA VAL A 43 -4.19 6.53 1.97
C VAL A 43 -2.83 6.86 1.40
N ASN A 44 -2.81 7.78 0.43
CA ASN A 44 -1.62 8.21 -0.32
C ASN A 44 -0.41 8.46 0.57
N ARG A 45 -0.60 9.08 1.74
CA ARG A 45 0.44 9.30 2.76
C ARG A 45 1.14 8.01 3.21
N ASP A 46 0.37 6.95 3.46
CA ASP A 46 0.90 5.62 3.81
C ASP A 46 1.46 4.89 2.58
N LEU A 47 0.78 4.99 1.44
CA LEU A 47 1.15 4.32 0.20
C LEU A 47 2.53 4.77 -0.32
N TYR A 48 2.72 6.09 -0.45
CA TYR A 48 3.99 6.68 -0.92
C TYR A 48 5.12 6.42 0.07
N ARG A 49 4.80 6.38 1.38
CA ARG A 49 5.78 6.12 2.43
C ARG A 49 6.29 4.69 2.41
N MET A 50 5.44 3.72 2.05
CA MET A 50 5.82 2.33 1.80
C MET A 50 6.60 2.18 0.49
N LYS A 51 6.31 2.97 -0.54
CA LYS A 51 7.11 3.03 -1.77
C LYS A 51 8.53 3.52 -1.52
N SER A 52 8.64 4.55 -0.69
CA SER A 52 9.90 5.15 -0.29
C SER A 52 10.79 4.22 0.57
N ARG A 53 10.24 3.12 1.13
CA ARG A 53 10.98 2.10 1.92
C ARG A 53 11.08 0.70 1.29
N HIS A 54 10.76 0.56 -0.01
CA HIS A 54 10.83 -0.70 -0.76
C HIS A 54 9.71 -1.70 -0.39
N LEU A 55 8.49 -1.21 -0.13
CA LEU A 55 7.31 -2.01 0.24
C LEU A 55 6.14 -1.85 -0.75
N LEU A 56 5.96 -0.69 -1.37
CA LEU A 56 4.95 -0.46 -2.42
C LEU A 56 5.53 0.14 -3.72
N ASP A 57 4.79 0.10 -4.81
CA ASP A 57 5.12 0.71 -6.10
C ASP A 57 3.81 1.12 -6.81
N MET A 58 3.65 2.39 -7.15
CA MET A 58 2.52 2.86 -7.96
C MET A 58 2.83 2.83 -9.46
N ASP A 59 1.81 2.51 -10.28
CA ASP A 59 1.87 2.55 -11.73
C ASP A 59 1.28 3.86 -12.24
N GLU A 60 2.02 4.58 -13.05
CA GLU A 60 1.59 5.84 -13.68
C GLU A 60 0.55 5.64 -14.80
N GLN A 61 0.27 4.38 -15.16
CA GLN A 61 -0.62 4.01 -16.26
C GLN A 61 -2.09 3.92 -15.85
N SER A 62 -2.36 3.46 -14.62
CA SER A 62 -3.72 3.29 -14.05
C SER A 62 -3.82 3.70 -12.56
N LYS A 63 -2.76 4.34 -12.02
CA LYS A 63 -2.54 4.63 -10.58
C LYS A 63 -2.68 3.40 -9.68
N ALA A 64 -2.19 2.26 -10.17
CA ALA A 64 -2.31 0.97 -9.49
C ALA A 64 -1.15 0.79 -8.51
N TRP A 65 -1.46 0.65 -7.23
CA TRP A 65 -0.50 0.33 -6.17
C TRP A 65 -0.27 -1.18 -6.10
N THR A 66 0.99 -1.59 -6.31
CA THR A 66 1.48 -2.97 -6.21
C THR A 66 2.53 -3.04 -5.11
N ILE A 67 2.46 -4.06 -4.25
CA ILE A 67 3.53 -4.36 -3.28
C ILE A 67 4.86 -4.54 -4.02
N TYR A 68 5.90 -3.86 -3.54
CA TYR A 68 7.24 -3.85 -4.13
C TYR A 68 7.95 -5.22 -4.01
N ARG A 69 7.67 -6.06 -5.01
CA ARG A 69 8.13 -7.44 -5.21
C ARG A 69 8.08 -8.31 -3.93
N SER A 1 18.57 -13.86 -5.18
CA SER A 1 17.49 -12.92 -4.77
C SER A 1 17.34 -12.86 -3.25
N HIS A 2 17.04 -11.66 -2.69
CA HIS A 2 16.94 -11.44 -1.24
C HIS A 2 15.52 -11.68 -0.70
N MET A 3 14.55 -10.87 -1.16
CA MET A 3 13.10 -11.01 -0.91
C MET A 3 12.69 -11.19 0.56
N ALA A 4 13.39 -10.56 1.49
CA ALA A 4 13.11 -10.62 2.93
C ALA A 4 11.80 -9.87 3.32
N SER A 5 11.17 -10.30 4.41
CA SER A 5 9.92 -9.71 4.93
C SER A 5 10.12 -8.27 5.46
N PRO A 6 9.12 -7.37 5.31
CA PRO A 6 9.21 -5.99 5.76
C PRO A 6 8.95 -5.83 7.27
N GLN A 7 9.18 -4.62 7.77
CA GLN A 7 8.81 -4.16 9.11
C GLN A 7 7.96 -2.88 9.01
N PHE A 8 6.72 -2.91 9.52
CA PHE A 8 5.80 -1.76 9.50
C PHE A 8 5.91 -0.88 10.75
N SER A 9 5.54 0.41 10.60
CA SER A 9 5.51 1.42 11.68
C SER A 9 4.12 1.59 12.31
N GLN A 10 3.04 1.39 11.53
CA GLN A 10 1.65 1.55 12.01
C GLN A 10 0.66 0.55 11.38
N GLN A 11 -0.50 0.41 12.02
CA GLN A 11 -1.63 -0.45 11.60
C GLN A 11 -2.01 -0.26 10.13
N ARG A 12 -2.06 0.99 9.63
CA ARG A 12 -2.44 1.25 8.23
C ARG A 12 -1.44 0.67 7.24
N GLU A 13 -0.15 0.79 7.56
CA GLU A 13 0.94 0.29 6.72
C GLU A 13 0.86 -1.24 6.55
N GLU A 14 0.62 -1.94 7.66
CA GLU A 14 0.39 -3.39 7.66
C GLU A 14 -0.89 -3.78 6.90
N ASP A 15 -2.00 -3.09 7.13
CA ASP A 15 -3.27 -3.31 6.43
C ASP A 15 -3.13 -3.10 4.91
N ILE A 16 -2.46 -2.04 4.46
CA ILE A 16 -2.22 -1.75 3.04
C ILE A 16 -1.46 -2.90 2.37
N TYR A 17 -0.35 -3.32 2.98
CA TYR A 17 0.51 -4.37 2.44
C TYR A 17 -0.23 -5.71 2.39
N ARG A 18 -0.85 -6.11 3.51
CA ARG A 18 -1.65 -7.35 3.64
C ARG A 18 -2.79 -7.39 2.63
N PHE A 19 -3.52 -6.30 2.50
CA PHE A 19 -4.61 -6.14 1.52
C PHE A 19 -4.10 -6.36 0.09
N LEU A 20 -3.06 -5.64 -0.34
CA LEU A 20 -2.52 -5.78 -1.70
C LEU A 20 -1.78 -7.11 -1.92
N LYS A 21 -1.36 -7.81 -0.86
CA LYS A 21 -0.85 -9.17 -0.93
C LYS A 21 -1.99 -10.17 -1.16
N ASP A 22 -3.15 -9.92 -0.57
CA ASP A 22 -4.27 -10.84 -0.56
C ASP A 22 -5.10 -10.74 -1.84
N ASN A 23 -5.30 -9.53 -2.37
CA ASN A 23 -6.01 -9.31 -3.64
C ASN A 23 -5.09 -9.07 -4.86
N GLY A 24 -3.90 -8.51 -4.63
CA GLY A 24 -2.99 -8.08 -5.72
C GLY A 24 -3.14 -6.58 -5.98
N PRO A 25 -2.58 -6.05 -7.06
CA PRO A 25 -2.49 -4.61 -7.33
C PRO A 25 -3.85 -3.92 -7.47
N GLN A 26 -4.06 -2.84 -6.71
CA GLN A 26 -5.31 -2.02 -6.70
C GLN A 26 -4.98 -0.53 -6.57
N ARG A 27 -5.92 0.37 -6.88
CA ARG A 27 -5.72 1.83 -6.79
C ARG A 27 -5.90 2.34 -5.36
N ALA A 28 -5.37 3.52 -5.04
CA ALA A 28 -5.44 4.09 -3.67
C ALA A 28 -6.87 4.21 -3.16
N LEU A 29 -7.84 4.43 -4.05
CA LEU A 29 -9.25 4.50 -3.68
C LEU A 29 -9.76 3.14 -3.17
N VAL A 30 -9.36 2.04 -3.83
CA VAL A 30 -9.68 0.68 -3.39
C VAL A 30 -9.11 0.45 -1.98
N ILE A 31 -7.85 0.85 -1.76
CA ILE A 31 -7.15 0.71 -0.48
C ILE A 31 -7.87 1.51 0.62
N ALA A 32 -8.26 2.75 0.29
CA ALA A 32 -8.92 3.69 1.21
C ALA A 32 -10.18 3.05 1.80
N GLN A 33 -11.07 2.57 0.93
CA GLN A 33 -12.34 1.95 1.33
C GLN A 33 -12.11 0.65 2.10
N ALA A 34 -11.06 -0.09 1.74
CA ALA A 34 -10.66 -1.32 2.41
C ALA A 34 -10.13 -1.10 3.85
N LEU A 35 -9.60 0.10 4.14
CA LEU A 35 -9.24 0.58 5.48
C LEU A 35 -10.39 1.29 6.21
N GLY A 36 -11.47 1.62 5.50
CA GLY A 36 -12.64 2.34 6.03
C GLY A 36 -12.57 3.87 5.86
N MET A 37 -11.61 4.35 5.06
CA MET A 37 -11.46 5.74 4.63
C MET A 37 -12.35 6.03 3.41
N ARG A 38 -12.36 7.30 2.98
CA ARG A 38 -13.28 7.80 1.93
C ARG A 38 -12.63 8.04 0.58
N THR A 39 -11.39 8.56 0.58
CA THR A 39 -10.69 9.04 -0.62
C THR A 39 -9.27 8.48 -0.73
N ALA A 40 -8.73 8.45 -1.95
CA ALA A 40 -7.36 8.04 -2.24
C ALA A 40 -6.29 8.87 -1.51
N LYS A 41 -6.61 10.12 -1.20
CA LYS A 41 -5.75 11.04 -0.44
C LYS A 41 -5.59 10.66 1.04
N ASP A 42 -6.55 9.95 1.60
CA ASP A 42 -6.44 9.48 2.99
C ASP A 42 -5.35 8.42 3.13
N VAL A 43 -5.08 7.67 2.05
CA VAL A 43 -4.15 6.50 2.06
C VAL A 43 -2.80 6.83 1.48
N ASN A 44 -2.78 7.76 0.52
CA ASN A 44 -1.61 8.18 -0.24
C ASN A 44 -0.39 8.44 0.65
N ARG A 45 -0.59 9.06 1.83
CA ARG A 45 0.45 9.29 2.83
C ARG A 45 1.18 8.02 3.27
N ASP A 46 0.45 6.93 3.49
CA ASP A 46 1.02 5.61 3.81
C ASP A 46 1.58 4.93 2.56
N LEU A 47 0.82 4.96 1.46
CA LEU A 47 1.18 4.31 0.20
C LEU A 47 2.53 4.80 -0.36
N TYR A 48 2.70 6.12 -0.48
CA TYR A 48 3.93 6.75 -0.98
C TYR A 48 5.10 6.49 -0.02
N ARG A 49 4.83 6.48 1.30
CA ARG A 49 5.86 6.24 2.30
C ARG A 49 6.38 4.80 2.24
N MET A 50 5.51 3.83 1.98
CA MET A 50 5.88 2.44 1.74
C MET A 50 6.65 2.30 0.42
N LYS A 51 6.34 3.09 -0.60
CA LYS A 51 7.14 3.17 -1.84
C LYS A 51 8.55 3.67 -1.60
N SER A 52 8.70 4.74 -0.82
CA SER A 52 9.99 5.28 -0.42
C SER A 52 10.84 4.35 0.45
N ARG A 53 10.26 3.29 1.04
CA ARG A 53 10.98 2.28 1.85
C ARG A 53 11.03 0.86 1.26
N HIS A 54 10.73 0.71 -0.02
CA HIS A 54 10.82 -0.56 -0.77
C HIS A 54 9.73 -1.58 -0.37
N LEU A 55 8.50 -1.08 -0.12
CA LEU A 55 7.32 -1.87 0.27
C LEU A 55 6.17 -1.74 -0.74
N LEU A 56 6.00 -0.57 -1.39
CA LEU A 56 4.97 -0.36 -2.42
C LEU A 56 5.53 0.24 -3.74
N ASP A 57 4.78 0.18 -4.82
CA ASP A 57 5.10 0.75 -6.13
C ASP A 57 3.81 1.13 -6.87
N MET A 58 3.60 2.42 -7.15
CA MET A 58 2.45 2.89 -7.94
C MET A 58 2.74 2.85 -9.46
N ASP A 59 1.72 2.52 -10.25
CA ASP A 59 1.73 2.60 -11.71
C ASP A 59 1.14 3.95 -12.13
N GLU A 60 1.86 4.72 -12.93
CA GLU A 60 1.39 6.02 -13.40
C GLU A 60 0.27 5.91 -14.47
N GLN A 61 0.00 4.69 -14.94
CA GLN A 61 -0.90 4.40 -16.06
C GLN A 61 -2.37 4.32 -15.65
N SER A 62 -2.66 3.79 -14.46
CA SER A 62 -4.02 3.79 -13.86
C SER A 62 -4.00 4.09 -12.34
N LYS A 63 -2.87 4.60 -11.83
CA LYS A 63 -2.58 4.85 -10.39
C LYS A 63 -2.77 3.61 -9.52
N ALA A 64 -2.34 2.46 -10.04
CA ALA A 64 -2.45 1.17 -9.36
C ALA A 64 -1.27 0.97 -8.41
N TRP A 65 -1.54 0.82 -7.11
CA TRP A 65 -0.55 0.49 -6.09
C TRP A 65 -0.31 -1.01 -6.04
N THR A 66 0.96 -1.39 -6.18
CA THR A 66 1.43 -2.77 -6.27
C THR A 66 2.55 -2.95 -5.26
N ILE A 67 2.50 -3.96 -4.39
CA ILE A 67 3.54 -4.25 -3.40
C ILE A 67 4.89 -4.44 -4.09
N TYR A 68 5.92 -3.74 -3.58
CA TYR A 68 7.28 -3.74 -4.12
C TYR A 68 7.98 -5.12 -3.94
N ARG A 69 7.74 -5.99 -4.92
CA ARG A 69 8.16 -7.39 -5.01
C ARG A 69 8.37 -7.84 -6.47
N SER A 1 17.93 -19.25 3.17
CA SER A 1 16.99 -18.10 3.15
C SER A 1 17.56 -16.88 3.88
N HIS A 2 17.23 -15.67 3.44
CA HIS A 2 17.61 -14.40 4.09
C HIS A 2 16.72 -14.08 5.30
N MET A 3 17.24 -13.30 6.25
CA MET A 3 16.62 -13.03 7.56
C MET A 3 15.99 -11.63 7.68
N ALA A 4 15.88 -10.90 6.56
CA ALA A 4 15.30 -9.56 6.49
C ALA A 4 13.76 -9.57 6.46
N SER A 5 13.16 -8.56 7.11
CA SER A 5 11.71 -8.28 7.12
C SER A 5 11.45 -6.78 7.43
N PRO A 6 10.33 -6.19 6.97
CA PRO A 6 10.03 -4.79 7.21
C PRO A 6 9.49 -4.54 8.64
N GLN A 7 9.43 -3.27 9.00
CA GLN A 7 8.77 -2.73 10.20
C GLN A 7 7.75 -1.67 9.81
N PHE A 8 6.45 -1.96 9.93
CA PHE A 8 5.39 -0.98 9.68
C PHE A 8 5.29 0.02 10.84
N SER A 9 5.20 1.33 10.55
CA SER A 9 5.18 2.38 11.59
C SER A 9 3.81 2.50 12.28
N GLN A 10 2.74 2.16 11.55
CA GLN A 10 1.36 2.15 12.04
C GLN A 10 0.52 1.04 11.40
N GLN A 11 -0.63 0.74 12.01
CA GLN A 11 -1.62 -0.25 11.54
C GLN A 11 -1.99 -0.09 10.06
N ARG A 12 -2.04 1.15 9.54
CA ARG A 12 -2.42 1.39 8.14
C ARG A 12 -1.40 0.85 7.14
N GLU A 13 -0.10 1.01 7.39
CA GLU A 13 0.94 0.41 6.53
C GLU A 13 0.78 -1.11 6.44
N GLU A 14 0.64 -1.77 7.60
CA GLU A 14 0.42 -3.22 7.66
C GLU A 14 -0.84 -3.65 6.90
N ASP A 15 -1.97 -2.95 7.09
CA ASP A 15 -3.21 -3.23 6.36
C ASP A 15 -3.09 -3.01 4.85
N ILE A 16 -2.44 -1.93 4.41
CA ILE A 16 -2.18 -1.64 3.01
C ILE A 16 -1.40 -2.77 2.35
N TYR A 17 -0.30 -3.18 3.00
CA TYR A 17 0.57 -4.24 2.51
C TYR A 17 -0.18 -5.58 2.41
N ARG A 18 -0.86 -5.97 3.50
CA ARG A 18 -1.61 -7.23 3.62
C ARG A 18 -2.76 -7.32 2.61
N PHE A 19 -3.48 -6.22 2.42
CA PHE A 19 -4.54 -6.11 1.43
C PHE A 19 -4.00 -6.31 0.00
N LEU A 20 -2.94 -5.60 -0.38
CA LEU A 20 -2.34 -5.75 -1.71
C LEU A 20 -1.58 -7.07 -1.88
N LYS A 21 -1.20 -7.75 -0.78
CA LYS A 21 -0.67 -9.12 -0.80
C LYS A 21 -1.76 -10.11 -1.18
N ASP A 22 -2.99 -9.85 -0.72
CA ASP A 22 -4.11 -10.76 -0.90
C ASP A 22 -4.74 -10.66 -2.29
N ASN A 23 -4.87 -9.44 -2.83
CA ASN A 23 -5.52 -9.18 -4.14
C ASN A 23 -4.58 -8.70 -5.26
N GLY A 24 -3.41 -8.15 -4.95
CA GLY A 24 -2.46 -7.62 -5.94
C GLY A 24 -2.77 -6.16 -6.27
N PRO A 25 -2.21 -5.59 -7.35
CA PRO A 25 -2.30 -4.15 -7.65
C PRO A 25 -3.73 -3.59 -7.69
N GLN A 26 -4.01 -2.61 -6.83
CA GLN A 26 -5.28 -1.87 -6.76
C GLN A 26 -5.01 -0.37 -6.63
N ARG A 27 -5.92 0.53 -6.99
CA ARG A 27 -5.71 2.00 -6.84
C ARG A 27 -5.89 2.44 -5.40
N ALA A 28 -5.39 3.62 -5.05
CA ALA A 28 -5.49 4.18 -3.68
C ALA A 28 -6.94 4.25 -3.20
N LEU A 29 -7.89 4.46 -4.11
CA LEU A 29 -9.31 4.49 -3.76
C LEU A 29 -9.80 3.11 -3.26
N VAL A 30 -9.37 2.04 -3.92
CA VAL A 30 -9.66 0.66 -3.48
C VAL A 30 -9.09 0.43 -2.08
N ILE A 31 -7.84 0.87 -1.85
CA ILE A 31 -7.14 0.73 -0.57
C ILE A 31 -7.88 1.50 0.52
N ALA A 32 -8.30 2.73 0.21
CA ALA A 32 -9.01 3.64 1.13
C ALA A 32 -10.25 2.95 1.70
N GLN A 33 -11.12 2.45 0.80
CA GLN A 33 -12.36 1.76 1.20
C GLN A 33 -12.08 0.46 1.96
N ALA A 34 -11.00 -0.23 1.60
CA ALA A 34 -10.57 -1.46 2.26
C ALA A 34 -10.05 -1.22 3.70
N LEU A 35 -9.58 0.00 4.00
CA LEU A 35 -9.24 0.49 5.35
C LEU A 35 -10.43 1.16 6.08
N GLY A 36 -11.51 1.46 5.37
CA GLY A 36 -12.70 2.16 5.89
C GLY A 36 -12.66 3.68 5.74
N MET A 37 -11.70 4.20 4.96
CA MET A 37 -11.58 5.59 4.55
C MET A 37 -12.47 5.88 3.32
N ARG A 38 -12.52 7.15 2.89
CA ARG A 38 -13.46 7.62 1.86
C ARG A 38 -12.81 7.95 0.51
N THR A 39 -11.58 8.46 0.52
CA THR A 39 -10.88 8.98 -0.66
C THR A 39 -9.45 8.45 -0.78
N ALA A 40 -8.92 8.45 -2.00
CA ALA A 40 -7.53 8.06 -2.29
C ALA A 40 -6.47 8.90 -1.54
N LYS A 41 -6.81 10.15 -1.22
CA LYS A 41 -5.97 11.07 -0.44
C LYS A 41 -5.82 10.67 1.02
N ASP A 42 -6.78 9.94 1.58
CA ASP A 42 -6.68 9.47 2.97
C ASP A 42 -5.56 8.43 3.10
N VAL A 43 -5.26 7.69 2.03
CA VAL A 43 -4.31 6.55 2.04
C VAL A 43 -2.96 6.91 1.45
N ASN A 44 -2.96 7.83 0.50
CA ASN A 44 -1.79 8.29 -0.25
C ASN A 44 -0.59 8.57 0.65
N ARG A 45 -0.79 9.19 1.82
CA ARG A 45 0.25 9.44 2.83
C ARG A 45 1.00 8.18 3.28
N ASP A 46 0.28 7.07 3.47
CA ASP A 46 0.86 5.76 3.78
C ASP A 46 1.41 5.06 2.53
N LEU A 47 0.69 5.13 1.42
CA LEU A 47 1.06 4.48 0.16
C LEU A 47 2.40 5.01 -0.39
N TYR A 48 2.53 6.33 -0.52
CA TYR A 48 3.75 6.99 -1.01
C TYR A 48 4.91 6.79 -0.03
N ARG A 49 4.61 6.76 1.28
CA ARG A 49 5.61 6.47 2.32
C ARG A 49 6.23 5.10 2.10
N MET A 50 5.41 4.07 1.85
CA MET A 50 5.86 2.70 1.57
C MET A 50 6.62 2.61 0.25
N LYS A 51 6.23 3.37 -0.77
CA LYS A 51 6.95 3.47 -2.05
C LYS A 51 8.34 4.09 -1.91
N SER A 52 8.44 5.09 -1.06
CA SER A 52 9.68 5.78 -0.75
C SER A 52 10.67 4.94 0.10
N ARG A 53 10.22 3.83 0.71
CA ARG A 53 11.04 2.90 1.54
C ARG A 53 11.22 1.49 0.95
N HIS A 54 10.87 1.29 -0.33
CA HIS A 54 11.00 0.01 -1.06
C HIS A 54 9.96 -1.06 -0.66
N LEU A 55 8.71 -0.64 -0.35
CA LEU A 55 7.61 -1.51 0.09
C LEU A 55 6.38 -1.47 -0.82
N LEU A 56 6.07 -0.33 -1.45
CA LEU A 56 5.00 -0.19 -2.45
C LEU A 56 5.48 0.37 -3.80
N ASP A 57 4.69 0.24 -4.86
CA ASP A 57 4.98 0.70 -6.22
C ASP A 57 3.66 1.08 -6.90
N MET A 58 3.47 2.37 -7.23
CA MET A 58 2.32 2.80 -8.03
C MET A 58 2.62 2.71 -9.53
N ASP A 59 1.63 2.30 -10.32
CA ASP A 59 1.68 2.24 -11.77
C ASP A 59 1.16 3.55 -12.36
N GLU A 60 1.95 4.17 -13.22
CA GLU A 60 1.58 5.40 -13.94
C GLU A 60 0.52 5.18 -15.04
N GLN A 61 0.17 3.92 -15.29
CA GLN A 61 -0.73 3.51 -16.39
C GLN A 61 -2.21 3.46 -15.96
N SER A 62 -2.48 3.09 -14.70
CA SER A 62 -3.83 2.99 -14.12
C SER A 62 -3.89 3.46 -12.65
N LYS A 63 -2.82 4.12 -12.15
CA LYS A 63 -2.59 4.51 -10.74
C LYS A 63 -2.74 3.37 -9.74
N ALA A 64 -2.31 2.17 -10.14
CA ALA A 64 -2.47 0.96 -9.36
C ALA A 64 -1.28 0.75 -8.41
N TRP A 65 -1.53 0.78 -7.11
CA TRP A 65 -0.56 0.47 -6.06
C TRP A 65 -0.37 -1.03 -5.89
N THR A 66 0.86 -1.51 -6.04
CA THR A 66 1.29 -2.88 -5.76
C THR A 66 2.57 -2.94 -4.93
N ILE A 67 2.65 -3.92 -4.05
CA ILE A 67 3.79 -4.19 -3.15
C ILE A 67 5.09 -4.34 -3.94
N TYR A 68 6.10 -3.55 -3.55
CA TYR A 68 7.41 -3.48 -4.19
C TYR A 68 8.22 -4.80 -4.05
N ARG A 69 8.01 -5.66 -5.04
CA ARG A 69 8.72 -6.93 -5.32
C ARG A 69 10.23 -6.71 -5.52
N SER A 1 19.22 -7.78 0.76
CA SER A 1 18.59 -7.14 1.95
C SER A 1 19.26 -7.58 3.25
N HIS A 2 19.26 -6.72 4.29
CA HIS A 2 19.89 -6.99 5.59
C HIS A 2 19.10 -8.01 6.44
N MET A 3 17.76 -8.02 6.31
CA MET A 3 16.85 -8.97 6.96
C MET A 3 15.64 -9.31 6.07
N ALA A 4 14.96 -10.42 6.38
CA ALA A 4 13.72 -10.84 5.72
C ALA A 4 12.47 -10.09 6.26
N SER A 5 11.38 -10.13 5.49
CA SER A 5 10.07 -9.48 5.75
C SER A 5 10.09 -7.92 5.74
N PRO A 6 8.96 -7.26 5.43
CA PRO A 6 8.83 -5.80 5.51
C PRO A 6 8.75 -5.30 6.96
N GLN A 7 8.82 -3.97 7.10
CA GLN A 7 8.67 -3.25 8.38
C GLN A 7 7.55 -2.20 8.29
N PHE A 8 6.50 -2.36 9.10
CA PHE A 8 5.39 -1.40 9.23
C PHE A 8 5.55 -0.48 10.47
N SER A 9 5.14 0.78 10.32
CA SER A 9 5.20 1.83 11.36
C SER A 9 3.89 1.94 12.14
N GLN A 10 2.76 1.62 11.50
CA GLN A 10 1.40 1.74 12.01
C GLN A 10 0.45 0.75 11.35
N GLN A 11 -0.75 0.58 11.91
CA GLN A 11 -1.80 -0.32 11.42
C GLN A 11 -2.15 -0.09 9.94
N ARG A 12 -2.09 1.14 9.44
CA ARG A 12 -2.41 1.42 8.02
C ARG A 12 -1.36 0.84 7.07
N GLU A 13 -0.08 1.02 7.38
CA GLU A 13 1.03 0.48 6.58
C GLU A 13 0.95 -1.06 6.48
N GLU A 14 0.64 -1.69 7.62
CA GLU A 14 0.41 -3.13 7.74
C GLU A 14 -0.81 -3.60 6.93
N ASP A 15 -1.97 -2.95 7.09
CA ASP A 15 -3.19 -3.32 6.37
C ASP A 15 -3.07 -3.10 4.86
N ILE A 16 -2.41 -2.03 4.41
CA ILE A 16 -2.17 -1.75 3.00
C ILE A 16 -1.39 -2.90 2.35
N TYR A 17 -0.27 -3.29 2.96
CA TYR A 17 0.57 -4.37 2.44
C TYR A 17 -0.21 -5.68 2.40
N ARG A 18 -0.81 -6.07 3.53
CA ARG A 18 -1.61 -7.30 3.67
C ARG A 18 -2.77 -7.39 2.68
N PHE A 19 -3.49 -6.29 2.50
CA PHE A 19 -4.56 -6.16 1.52
C PHE A 19 -4.05 -6.41 0.10
N LEU A 20 -3.00 -5.70 -0.35
CA LEU A 20 -2.47 -5.86 -1.70
C LEU A 20 -1.73 -7.20 -1.89
N LYS A 21 -1.30 -7.86 -0.81
CA LYS A 21 -0.79 -9.22 -0.84
C LYS A 21 -1.92 -10.23 -1.05
N ASP A 22 -3.07 -9.96 -0.47
CA ASP A 22 -4.19 -10.89 -0.45
C ASP A 22 -5.01 -10.83 -1.75
N ASN A 23 -5.22 -9.63 -2.30
CA ASN A 23 -5.94 -9.44 -3.57
C ASN A 23 -5.04 -9.20 -4.79
N GLY A 24 -3.85 -8.64 -4.58
CA GLY A 24 -2.96 -8.21 -5.67
C GLY A 24 -3.13 -6.73 -5.96
N PRO A 25 -2.59 -6.21 -7.07
CA PRO A 25 -2.52 -4.77 -7.35
C PRO A 25 -3.89 -4.10 -7.49
N GLN A 26 -4.11 -2.99 -6.76
CA GLN A 26 -5.35 -2.20 -6.75
C GLN A 26 -5.06 -0.69 -6.70
N ARG A 27 -6.02 0.17 -7.01
CA ARG A 27 -5.85 1.64 -6.96
C ARG A 27 -5.95 2.15 -5.52
N ALA A 28 -5.38 3.33 -5.21
CA ALA A 28 -5.43 3.93 -3.86
C ALA A 28 -6.86 4.04 -3.30
N LEU A 29 -7.84 4.27 -4.17
CA LEU A 29 -9.25 4.34 -3.78
C LEU A 29 -9.76 3.01 -3.25
N VAL A 30 -9.37 1.89 -3.88
CA VAL A 30 -9.70 0.54 -3.41
C VAL A 30 -9.10 0.33 -2.01
N ILE A 31 -7.83 0.73 -1.84
CA ILE A 31 -7.12 0.63 -0.55
C ILE A 31 -7.83 1.46 0.53
N ALA A 32 -8.25 2.68 0.18
CA ALA A 32 -8.91 3.63 1.07
C ALA A 32 -10.16 3.00 1.69
N GLN A 33 -11.06 2.51 0.84
CA GLN A 33 -12.32 1.88 1.27
C GLN A 33 -12.08 0.59 2.07
N ALA A 34 -11.03 -0.14 1.70
CA ALA A 34 -10.63 -1.36 2.40
C ALA A 34 -10.08 -1.10 3.82
N LEU A 35 -9.56 0.10 4.09
CA LEU A 35 -9.19 0.58 5.44
C LEU A 35 -10.33 1.32 6.16
N GLY A 36 -11.41 1.66 5.45
CA GLY A 36 -12.57 2.40 5.97
C GLY A 36 -12.51 3.92 5.75
N MET A 37 -11.56 4.38 4.93
CA MET A 37 -11.42 5.77 4.47
C MET A 37 -12.33 6.05 3.25
N ARG A 38 -12.35 7.31 2.79
CA ARG A 38 -13.29 7.79 1.76
C ARG A 38 -12.66 8.04 0.39
N THR A 39 -11.42 8.52 0.36
CA THR A 39 -10.72 8.99 -0.85
C THR A 39 -9.31 8.43 -0.95
N ALA A 40 -8.76 8.39 -2.17
CA ALA A 40 -7.39 7.94 -2.44
C ALA A 40 -6.31 8.79 -1.72
N LYS A 41 -6.62 10.06 -1.45
CA LYS A 41 -5.75 10.98 -0.71
C LYS A 41 -5.57 10.61 0.76
N ASP A 42 -6.57 9.95 1.35
CA ASP A 42 -6.48 9.50 2.74
C ASP A 42 -5.39 8.43 2.91
N VAL A 43 -5.13 7.65 1.85
CA VAL A 43 -4.19 6.51 1.89
C VAL A 43 -2.83 6.84 1.32
N ASN A 44 -2.81 7.76 0.35
CA ASN A 44 -1.63 8.19 -0.40
C ASN A 44 -0.42 8.44 0.50
N ARG A 45 -0.63 9.07 1.66
CA ARG A 45 0.41 9.32 2.68
C ARG A 45 1.14 8.05 3.14
N ASP A 46 0.40 6.96 3.38
CA ASP A 46 0.96 5.64 3.71
C ASP A 46 1.51 4.93 2.47
N LEU A 47 0.77 4.98 1.35
CA LEU A 47 1.13 4.31 0.10
C LEU A 47 2.49 4.79 -0.45
N TYR A 48 2.65 6.11 -0.58
CA TYR A 48 3.89 6.72 -1.08
C TYR A 48 5.05 6.51 -0.09
N ARG A 49 4.75 6.51 1.21
CA ARG A 49 5.77 6.23 2.24
C ARG A 49 6.31 4.81 2.11
N MET A 50 5.45 3.83 1.81
CA MET A 50 5.84 2.44 1.55
C MET A 50 6.65 2.32 0.25
N LYS A 51 6.34 3.09 -0.78
CA LYS A 51 7.18 3.20 -1.99
C LYS A 51 8.57 3.77 -1.71
N SER A 52 8.65 4.76 -0.82
CA SER A 52 9.92 5.34 -0.37
C SER A 52 10.77 4.38 0.50
N ARG A 53 10.18 3.31 1.07
CA ARG A 53 10.90 2.31 1.90
C ARG A 53 10.97 0.90 1.31
N HIS A 54 10.71 0.74 0.01
CA HIS A 54 10.84 -0.51 -0.75
C HIS A 54 9.74 -1.55 -0.41
N LEU A 55 8.51 -1.07 -0.19
CA LEU A 55 7.32 -1.86 0.18
C LEU A 55 6.17 -1.73 -0.84
N LEU A 56 6.00 -0.58 -1.50
CA LEU A 56 4.97 -0.37 -2.54
C LEU A 56 5.53 0.20 -3.86
N ASP A 57 4.78 0.11 -4.94
CA ASP A 57 5.09 0.62 -6.28
C ASP A 57 3.78 1.05 -6.97
N MET A 58 3.62 2.34 -7.27
CA MET A 58 2.47 2.84 -8.03
C MET A 58 2.74 2.81 -9.55
N ASP A 59 1.70 2.51 -10.33
CA ASP A 59 1.71 2.63 -11.78
C ASP A 59 1.23 4.03 -12.17
N GLU A 60 1.97 4.69 -13.04
CA GLU A 60 1.60 5.98 -13.61
C GLU A 60 0.52 5.88 -14.70
N GLN A 61 0.15 4.66 -15.11
CA GLN A 61 -0.78 4.40 -16.22
C GLN A 61 -2.25 4.36 -15.76
N SER A 62 -2.50 3.86 -14.55
CA SER A 62 -3.85 3.75 -13.95
C SER A 62 -3.88 3.99 -12.44
N LYS A 63 -2.78 4.52 -11.85
CA LYS A 63 -2.56 4.72 -10.41
C LYS A 63 -2.77 3.44 -9.59
N ALA A 64 -2.32 2.31 -10.15
CA ALA A 64 -2.42 1.01 -9.51
C ALA A 64 -1.24 0.81 -8.54
N TRP A 65 -1.54 0.65 -7.26
CA TRP A 65 -0.56 0.34 -6.22
C TRP A 65 -0.32 -1.17 -6.14
N THR A 66 0.95 -1.55 -6.31
CA THR A 66 1.43 -2.93 -6.33
C THR A 66 2.57 -3.07 -5.32
N ILE A 67 2.53 -4.07 -4.44
CA ILE A 67 3.58 -4.32 -3.44
C ILE A 67 4.94 -4.51 -4.11
N TYR A 68 5.95 -3.77 -3.63
CA TYR A 68 7.31 -3.78 -4.16
C TYR A 68 8.04 -5.12 -3.90
N ARG A 69 7.90 -6.03 -4.87
CA ARG A 69 8.51 -7.36 -4.94
C ARG A 69 9.59 -7.42 -6.03
N SER A 1 19.54 -13.91 12.55
CA SER A 1 19.06 -14.21 11.17
C SER A 1 18.25 -13.05 10.59
N HIS A 2 18.04 -13.04 9.27
CA HIS A 2 17.27 -12.01 8.54
C HIS A 2 16.44 -12.62 7.40
N MET A 3 15.32 -11.97 7.05
CA MET A 3 14.41 -12.35 5.95
C MET A 3 13.83 -11.10 5.27
N ALA A 4 13.45 -11.19 3.99
CA ALA A 4 13.01 -10.06 3.15
C ALA A 4 11.59 -9.52 3.45
N SER A 5 10.91 -10.05 4.47
CA SER A 5 9.63 -9.53 4.98
C SER A 5 9.80 -8.18 5.69
N PRO A 6 8.85 -7.22 5.54
CA PRO A 6 8.96 -5.90 6.14
C PRO A 6 8.59 -5.88 7.64
N GLN A 7 8.88 -4.75 8.27
CA GLN A 7 8.47 -4.36 9.63
C GLN A 7 7.73 -3.02 9.55
N PHE A 8 6.42 -3.00 9.78
CA PHE A 8 5.56 -1.83 9.53
C PHE A 8 5.68 -0.74 10.60
N SER A 9 5.60 0.53 10.16
CA SER A 9 5.65 1.72 11.03
C SER A 9 4.32 1.98 11.75
N GLN A 10 3.18 1.66 11.11
CA GLN A 10 1.84 1.80 11.69
C GLN A 10 0.84 0.78 11.12
N GLN A 11 -0.30 0.61 11.79
CA GLN A 11 -1.42 -0.26 11.40
C GLN A 11 -1.85 -0.09 9.94
N ARG A 12 -1.87 1.16 9.42
CA ARG A 12 -2.27 1.40 8.02
C ARG A 12 -1.25 0.84 7.03
N GLU A 13 0.04 0.97 7.33
CA GLU A 13 1.14 0.43 6.51
C GLU A 13 1.02 -1.10 6.39
N GLU A 14 0.75 -1.75 7.53
CA GLU A 14 0.48 -3.19 7.60
C GLU A 14 -0.78 -3.60 6.82
N ASP A 15 -1.90 -2.91 7.03
CA ASP A 15 -3.16 -3.19 6.34
C ASP A 15 -3.09 -3.00 4.83
N ILE A 16 -2.41 -1.95 4.35
CA ILE A 16 -2.22 -1.68 2.93
C ILE A 16 -1.44 -2.83 2.26
N TYR A 17 -0.33 -3.24 2.87
CA TYR A 17 0.51 -4.31 2.36
C TYR A 17 -0.25 -5.63 2.31
N ARG A 18 -0.87 -6.01 3.44
CA ARG A 18 -1.67 -7.23 3.60
C ARG A 18 -2.83 -7.31 2.63
N PHE A 19 -3.56 -6.21 2.45
CA PHE A 19 -4.63 -6.08 1.47
C PHE A 19 -4.12 -6.32 0.04
N LEU A 20 -3.07 -5.62 -0.39
CA LEU A 20 -2.53 -5.80 -1.75
C LEU A 20 -1.79 -7.13 -1.94
N LYS A 21 -1.39 -7.81 -0.86
CA LYS A 21 -0.89 -9.18 -0.89
C LYS A 21 -2.03 -10.18 -1.15
N ASP A 22 -3.20 -9.89 -0.58
CA ASP A 22 -4.33 -10.80 -0.57
C ASP A 22 -5.15 -10.73 -1.87
N ASN A 23 -5.33 -9.52 -2.43
CA ASN A 23 -6.04 -9.32 -3.70
C ASN A 23 -5.11 -9.07 -4.90
N GLY A 24 -3.90 -8.54 -4.67
CA GLY A 24 -3.00 -8.12 -5.75
C GLY A 24 -3.16 -6.64 -6.04
N PRO A 25 -2.62 -6.12 -7.15
CA PRO A 25 -2.53 -4.68 -7.43
C PRO A 25 -3.90 -3.99 -7.58
N GLN A 26 -4.11 -2.90 -6.84
CA GLN A 26 -5.36 -2.10 -6.83
C GLN A 26 -5.06 -0.60 -6.78
N ARG A 27 -6.04 0.28 -7.08
CA ARG A 27 -5.88 1.74 -7.01
C ARG A 27 -5.98 2.25 -5.58
N ALA A 28 -5.43 3.42 -5.28
CA ALA A 28 -5.45 4.01 -3.91
C ALA A 28 -6.87 4.11 -3.34
N LEU A 29 -7.86 4.34 -4.20
CA LEU A 29 -9.27 4.42 -3.80
C LEU A 29 -9.80 3.07 -3.29
N VAL A 30 -9.40 1.97 -3.93
CA VAL A 30 -9.72 0.60 -3.48
C VAL A 30 -9.12 0.39 -2.09
N ILE A 31 -7.86 0.81 -1.90
CA ILE A 31 -7.15 0.70 -0.62
C ILE A 31 -7.87 1.50 0.47
N ALA A 32 -8.28 2.74 0.14
CA ALA A 32 -8.95 3.68 1.05
C ALA A 32 -10.19 3.03 1.67
N GLN A 33 -11.08 2.53 0.81
CA GLN A 33 -12.34 1.89 1.24
C GLN A 33 -12.09 0.60 2.03
N ALA A 34 -11.03 -0.12 1.67
CA ALA A 34 -10.62 -1.34 2.35
C ALA A 34 -10.08 -1.09 3.78
N LEU A 35 -9.57 0.12 4.05
CA LEU A 35 -9.21 0.60 5.39
C LEU A 35 -10.36 1.32 6.11
N GLY A 36 -11.45 1.64 5.39
CA GLY A 36 -12.63 2.36 5.91
C GLY A 36 -12.58 3.88 5.69
N MET A 37 -11.60 4.35 4.90
CA MET A 37 -11.43 5.74 4.47
C MET A 37 -12.31 6.05 3.24
N ARG A 38 -12.35 7.33 2.85
CA ARG A 38 -13.28 7.85 1.84
C ARG A 38 -12.65 8.21 0.49
N THR A 39 -11.37 8.60 0.49
CA THR A 39 -10.65 9.15 -0.68
C THR A 39 -9.30 8.47 -0.87
N ALA A 40 -8.80 8.44 -2.11
CA ALA A 40 -7.44 7.99 -2.45
C ALA A 40 -6.35 8.82 -1.73
N LYS A 41 -6.67 10.08 -1.47
CA LYS A 41 -5.88 11.05 -0.70
C LYS A 41 -5.73 10.74 0.78
N ASP A 42 -6.66 9.97 1.37
CA ASP A 42 -6.53 9.53 2.76
C ASP A 42 -5.40 8.49 2.89
N VAL A 43 -5.14 7.73 1.82
CA VAL A 43 -4.21 6.58 1.84
C VAL A 43 -2.85 6.92 1.25
N ASN A 44 -2.84 7.83 0.29
CA ASN A 44 -1.67 8.27 -0.48
C ASN A 44 -0.45 8.54 0.41
N ARG A 45 -0.64 9.15 1.58
CA ARG A 45 0.41 9.38 2.58
C ARG A 45 1.13 8.10 3.00
N ASP A 46 0.39 7.03 3.29
CA ASP A 46 0.94 5.70 3.60
C ASP A 46 1.47 4.98 2.34
N LEU A 47 0.75 5.09 1.22
CA LEU A 47 1.11 4.42 -0.03
C LEU A 47 2.47 4.90 -0.58
N TYR A 48 2.63 6.23 -0.72
CA TYR A 48 3.88 6.84 -1.17
C TYR A 48 5.00 6.63 -0.15
N ARG A 49 4.67 6.62 1.15
CA ARG A 49 5.64 6.31 2.21
C ARG A 49 6.21 4.92 1.99
N MET A 50 5.36 3.93 1.74
CA MET A 50 5.75 2.54 1.48
C MET A 50 6.57 2.43 0.20
N LYS A 51 6.28 3.22 -0.83
CA LYS A 51 7.14 3.31 -2.04
C LYS A 51 8.52 3.91 -1.74
N SER A 52 8.59 4.88 -0.85
CA SER A 52 9.85 5.49 -0.38
C SER A 52 10.68 4.56 0.53
N ARG A 53 10.07 3.50 1.13
CA ARG A 53 10.75 2.53 2.01
C ARG A 53 10.84 1.09 1.45
N HIS A 54 10.62 0.90 0.15
CA HIS A 54 10.76 -0.38 -0.57
C HIS A 54 9.66 -1.41 -0.23
N LEU A 55 8.41 -0.94 -0.08
CA LEU A 55 7.23 -1.74 0.28
C LEU A 55 6.10 -1.64 -0.76
N LEU A 56 5.93 -0.50 -1.44
CA LEU A 56 4.93 -0.32 -2.51
C LEU A 56 5.51 0.25 -3.83
N ASP A 57 4.78 0.13 -4.92
CA ASP A 57 5.13 0.62 -6.27
C ASP A 57 3.83 1.00 -7.01
N MET A 58 3.66 2.29 -7.32
CA MET A 58 2.52 2.75 -8.14
C MET A 58 2.85 2.73 -9.63
N ASP A 59 1.86 2.35 -10.42
CA ASP A 59 1.86 2.34 -11.87
C ASP A 59 1.07 3.55 -12.34
N GLU A 60 1.76 4.56 -12.84
CA GLU A 60 1.19 5.85 -13.30
C GLU A 60 0.26 5.69 -14.51
N GLN A 61 0.24 4.50 -15.09
CA GLN A 61 -0.60 4.07 -16.22
C GLN A 61 -2.09 4.05 -15.84
N SER A 62 -2.42 3.71 -14.59
CA SER A 62 -3.79 3.78 -14.04
C SER A 62 -3.85 4.08 -12.53
N LYS A 63 -2.73 4.56 -11.95
CA LYS A 63 -2.46 4.73 -10.52
C LYS A 63 -2.74 3.47 -9.69
N ALA A 64 -2.38 2.32 -10.26
CA ALA A 64 -2.48 1.03 -9.58
C ALA A 64 -1.27 0.85 -8.63
N TRP A 65 -1.54 0.73 -7.34
CA TRP A 65 -0.56 0.41 -6.30
C TRP A 65 -0.32 -1.10 -6.20
N THR A 66 0.95 -1.49 -6.27
CA THR A 66 1.43 -2.87 -6.32
C THR A 66 2.56 -3.03 -5.32
N ILE A 67 2.53 -4.03 -4.44
CA ILE A 67 3.56 -4.27 -3.41
C ILE A 67 4.95 -4.46 -4.03
N TYR A 68 5.93 -3.72 -3.53
CA TYR A 68 7.32 -3.72 -4.01
C TYR A 68 8.05 -5.06 -3.71
N ARG A 69 7.90 -6.00 -4.65
CA ARG A 69 8.53 -7.33 -4.67
C ARG A 69 10.03 -7.29 -4.97
N SER A 1 21.01 -12.41 -2.75
CA SER A 1 19.95 -12.67 -1.74
C SER A 1 19.54 -11.39 -1.01
N HIS A 2 18.30 -11.33 -0.52
CA HIS A 2 17.71 -10.19 0.21
C HIS A 2 17.07 -10.61 1.54
N MET A 3 16.88 -9.65 2.46
CA MET A 3 16.23 -9.88 3.75
C MET A 3 14.74 -10.20 3.60
N ALA A 4 14.23 -11.17 4.36
CA ALA A 4 12.83 -11.60 4.35
C ALA A 4 11.92 -10.72 5.23
N SER A 5 10.64 -10.62 4.84
CA SER A 5 9.55 -9.81 5.45
C SER A 5 9.74 -8.27 5.44
N PRO A 6 8.65 -7.49 5.31
CA PRO A 6 8.68 -6.02 5.37
C PRO A 6 8.72 -5.49 6.82
N GLN A 7 8.89 -4.16 6.95
CA GLN A 7 8.80 -3.43 8.22
C GLN A 7 7.75 -2.29 8.15
N PHE A 8 6.63 -2.45 8.84
CA PHE A 8 5.58 -1.41 8.97
C PHE A 8 5.81 -0.50 10.18
N SER A 9 5.47 0.78 10.04
CA SER A 9 5.49 1.77 11.12
C SER A 9 4.16 1.93 11.86
N GLN A 10 3.03 1.57 11.23
CA GLN A 10 1.69 1.65 11.84
C GLN A 10 0.70 0.64 11.25
N GLN A 11 -0.44 0.47 11.92
CA GLN A 11 -1.58 -0.38 11.51
C GLN A 11 -1.97 -0.18 10.04
N ARG A 12 -2.02 1.08 9.56
CA ARG A 12 -2.40 1.34 8.16
C ARG A 12 -1.44 0.73 7.15
N GLU A 13 -0.14 0.88 7.37
CA GLU A 13 0.89 0.35 6.46
C GLU A 13 0.82 -1.19 6.38
N GLU A 14 0.71 -1.84 7.53
CA GLU A 14 0.44 -3.27 7.64
C GLU A 14 -0.83 -3.69 6.90
N ASP A 15 -1.95 -2.99 7.11
CA ASP A 15 -3.22 -3.22 6.39
C ASP A 15 -3.07 -3.06 4.88
N ILE A 16 -2.41 -2.00 4.40
CA ILE A 16 -2.18 -1.73 2.99
C ILE A 16 -1.44 -2.90 2.32
N TYR A 17 -0.34 -3.33 2.92
CA TYR A 17 0.49 -4.42 2.38
C TYR A 17 -0.27 -5.73 2.37
N ARG A 18 -0.87 -6.12 3.50
CA ARG A 18 -1.68 -7.34 3.65
C ARG A 18 -2.83 -7.40 2.66
N PHE A 19 -3.55 -6.29 2.50
CA PHE A 19 -4.63 -6.13 1.54
C PHE A 19 -4.13 -6.37 0.09
N LEU A 20 -3.08 -5.65 -0.33
CA LEU A 20 -2.56 -5.80 -1.69
C LEU A 20 -1.83 -7.14 -1.92
N LYS A 21 -1.42 -7.83 -0.86
CA LYS A 21 -0.92 -9.20 -0.94
C LYS A 21 -2.05 -10.19 -1.16
N ASP A 22 -3.20 -9.93 -0.55
CA ASP A 22 -4.33 -10.86 -0.53
C ASP A 22 -5.16 -10.75 -1.82
N ASN A 23 -5.36 -9.54 -2.36
CA ASN A 23 -6.08 -9.33 -3.62
C ASN A 23 -5.15 -9.11 -4.84
N GLY A 24 -3.95 -8.56 -4.62
CA GLY A 24 -3.04 -8.15 -5.70
C GLY A 24 -3.18 -6.64 -5.97
N PRO A 25 -2.60 -6.12 -7.07
CA PRO A 25 -2.50 -4.69 -7.34
C PRO A 25 -3.86 -3.98 -7.50
N GLN A 26 -4.07 -2.89 -6.76
CA GLN A 26 -5.30 -2.08 -6.76
C GLN A 26 -5.00 -0.58 -6.64
N ARG A 27 -5.92 0.33 -6.97
CA ARG A 27 -5.72 1.80 -6.85
C ARG A 27 -5.88 2.29 -5.43
N ALA A 28 -5.37 3.48 -5.13
CA ALA A 28 -5.45 4.07 -3.78
C ALA A 28 -6.88 4.18 -3.27
N LEU A 29 -7.84 4.40 -4.16
CA LEU A 29 -9.26 4.47 -3.79
C LEU A 29 -9.77 3.12 -3.27
N VAL A 30 -9.37 2.02 -3.92
CA VAL A 30 -9.67 0.66 -3.46
C VAL A 30 -9.11 0.44 -2.05
N ILE A 31 -7.85 0.86 -1.84
CA ILE A 31 -7.15 0.74 -0.54
C ILE A 31 -7.86 1.56 0.54
N ALA A 32 -8.27 2.78 0.20
CA ALA A 32 -8.94 3.73 1.11
C ALA A 32 -10.19 3.08 1.71
N GLN A 33 -11.08 2.58 0.84
CA GLN A 33 -12.34 1.95 1.26
C GLN A 33 -12.09 0.67 2.05
N ALA A 34 -11.03 -0.06 1.71
CA ALA A 34 -10.64 -1.28 2.40
C ALA A 34 -10.08 -1.03 3.83
N LEU A 35 -9.55 0.17 4.08
CA LEU A 35 -9.17 0.68 5.40
C LEU A 35 -10.32 1.39 6.15
N GLY A 36 -11.42 1.70 5.44
CA GLY A 36 -12.58 2.43 5.98
C GLY A 36 -12.52 3.95 5.79
N MET A 37 -11.56 4.42 4.98
CA MET A 37 -11.42 5.81 4.53
C MET A 37 -12.32 6.09 3.32
N ARG A 38 -12.36 7.35 2.88
CA ARG A 38 -13.30 7.84 1.85
C ARG A 38 -12.67 8.12 0.49
N THR A 39 -11.43 8.60 0.49
CA THR A 39 -10.72 9.12 -0.72
C THR A 39 -9.31 8.55 -0.84
N ALA A 40 -8.77 8.54 -2.06
CA ALA A 40 -7.41 8.10 -2.36
C ALA A 40 -6.32 8.92 -1.64
N LYS A 41 -6.62 10.18 -1.32
CA LYS A 41 -5.75 11.08 -0.54
C LYS A 41 -5.57 10.65 0.90
N ASP A 42 -6.56 9.98 1.48
CA ASP A 42 -6.49 9.50 2.87
C ASP A 42 -5.43 8.39 3.02
N VAL A 43 -5.11 7.69 1.93
CA VAL A 43 -4.18 6.54 1.93
C VAL A 43 -2.83 6.88 1.31
N ASN A 44 -2.84 7.80 0.35
CA ASN A 44 -1.68 8.21 -0.43
C ASN A 44 -0.44 8.49 0.43
N ARG A 45 -0.63 9.13 1.59
CA ARG A 45 0.43 9.38 2.59
C ARG A 45 1.13 8.09 3.04
N ASP A 46 0.37 7.03 3.32
CA ASP A 46 0.89 5.69 3.68
C ASP A 46 1.47 4.97 2.47
N LEU A 47 0.77 5.05 1.33
CA LEU A 47 1.13 4.35 0.10
C LEU A 47 2.50 4.81 -0.45
N TYR A 48 2.68 6.13 -0.60
CA TYR A 48 3.94 6.71 -1.07
C TYR A 48 5.06 6.49 -0.06
N ARG A 49 4.73 6.51 1.25
CA ARG A 49 5.72 6.25 2.29
C ARG A 49 6.23 4.81 2.23
N MET A 50 5.37 3.84 1.91
CA MET A 50 5.76 2.45 1.68
C MET A 50 6.57 2.28 0.39
N LYS A 51 6.31 3.07 -0.65
CA LYS A 51 7.17 3.15 -1.84
C LYS A 51 8.56 3.70 -1.54
N SER A 52 8.64 4.70 -0.67
CA SER A 52 9.91 5.28 -0.21
C SER A 52 10.72 4.34 0.72
N ARG A 53 10.13 3.25 1.26
CA ARG A 53 10.83 2.22 2.07
C ARG A 53 10.93 0.83 1.45
N HIS A 54 10.67 0.69 0.15
CA HIS A 54 10.80 -0.56 -0.62
C HIS A 54 9.69 -1.59 -0.30
N LEU A 55 8.45 -1.11 -0.09
CA LEU A 55 7.27 -1.91 0.26
C LEU A 55 6.13 -1.77 -0.76
N LEU A 56 5.96 -0.60 -1.41
CA LEU A 56 4.94 -0.38 -2.46
C LEU A 56 5.51 0.21 -3.76
N ASP A 57 4.77 0.13 -4.85
CA ASP A 57 5.10 0.69 -6.16
C ASP A 57 3.81 1.06 -6.91
N MET A 58 3.59 2.34 -7.19
CA MET A 58 2.45 2.80 -7.99
C MET A 58 2.75 2.72 -9.50
N ASP A 59 1.72 2.42 -10.30
CA ASP A 59 1.75 2.45 -11.75
C ASP A 59 1.19 3.78 -12.23
N GLU A 60 1.92 4.50 -13.07
CA GLU A 60 1.49 5.78 -13.63
C GLU A 60 0.35 5.62 -14.65
N GLN A 61 0.11 4.38 -15.10
CA GLN A 61 -0.77 4.06 -16.24
C GLN A 61 -2.26 3.96 -15.83
N SER A 62 -2.52 3.41 -14.64
CA SER A 62 -3.87 3.24 -14.06
C SER A 62 -3.96 3.68 -12.58
N LYS A 63 -2.88 4.31 -12.07
CA LYS A 63 -2.63 4.64 -10.65
C LYS A 63 -2.82 3.44 -9.70
N ALA A 64 -2.33 2.29 -10.15
CA ALA A 64 -2.46 1.02 -9.43
C ALA A 64 -1.28 0.87 -8.47
N TRP A 65 -1.56 0.75 -7.17
CA TRP A 65 -0.58 0.44 -6.14
C TRP A 65 -0.31 -1.06 -6.07
N THR A 66 0.95 -1.43 -6.20
CA THR A 66 1.43 -2.81 -6.31
C THR A 66 2.57 -3.01 -5.30
N ILE A 67 2.51 -4.04 -4.46
CA ILE A 67 3.55 -4.32 -3.44
C ILE A 67 4.93 -4.49 -4.11
N TYR A 68 5.93 -3.76 -3.60
CA TYR A 68 7.30 -3.76 -4.11
C TYR A 68 8.01 -5.11 -3.89
N ARG A 69 7.87 -5.98 -4.89
CA ARG A 69 8.44 -7.33 -4.97
C ARG A 69 9.98 -7.31 -5.13
N SER A 1 13.74 -13.87 11.03
CA SER A 1 13.09 -12.81 11.87
C SER A 1 11.96 -13.38 12.73
N HIS A 2 11.79 -12.86 13.96
CA HIS A 2 10.74 -13.31 14.90
C HIS A 2 9.33 -12.83 14.50
N MET A 3 9.22 -11.61 13.95
CA MET A 3 7.98 -11.01 13.47
C MET A 3 8.21 -10.20 12.18
N ALA A 4 7.42 -10.53 11.14
CA ALA A 4 7.41 -9.91 9.80
C ALA A 4 8.74 -9.92 9.00
N SER A 5 8.63 -9.62 7.70
CA SER A 5 9.76 -9.38 6.77
C SER A 5 9.92 -7.89 6.41
N PRO A 6 8.86 -7.17 5.94
CA PRO A 6 8.89 -5.71 5.79
C PRO A 6 8.84 -4.99 7.16
N GLN A 7 8.93 -3.66 7.13
CA GLN A 7 8.84 -2.78 8.31
C GLN A 7 7.74 -1.73 8.15
N PHE A 8 6.64 -1.87 8.89
CA PHE A 8 5.55 -0.89 8.97
C PHE A 8 5.72 0.05 10.16
N SER A 9 5.42 1.34 9.97
CA SER A 9 5.43 2.35 11.04
C SER A 9 4.10 2.43 11.81
N GLN A 10 2.97 2.03 11.20
CA GLN A 10 1.64 2.07 11.82
C GLN A 10 0.68 1.03 11.24
N GLN A 11 -0.46 0.84 11.91
CA GLN A 11 -1.55 -0.07 11.53
C GLN A 11 -1.96 0.08 10.06
N ARG A 12 -2.06 1.31 9.54
CA ARG A 12 -2.45 1.54 8.14
C ARG A 12 -1.47 0.92 7.15
N GLU A 13 -0.18 1.12 7.36
CA GLU A 13 0.88 0.62 6.48
C GLU A 13 0.88 -0.92 6.43
N GLU A 14 0.77 -1.55 7.60
CA GLU A 14 0.56 -3.00 7.73
C GLU A 14 -0.70 -3.49 7.00
N ASP A 15 -1.84 -2.82 7.18
CA ASP A 15 -3.10 -3.13 6.50
C ASP A 15 -3.00 -3.01 4.98
N ILE A 16 -2.37 -1.95 4.47
CA ILE A 16 -2.15 -1.71 3.05
C ILE A 16 -1.37 -2.87 2.41
N TYR A 17 -0.26 -3.27 3.03
CA TYR A 17 0.60 -4.32 2.53
C TYR A 17 -0.13 -5.66 2.51
N ARG A 18 -0.75 -6.02 3.64
CA ARG A 18 -1.59 -7.23 3.78
C ARG A 18 -2.69 -7.27 2.73
N PHE A 19 -3.45 -6.21 2.60
CA PHE A 19 -4.54 -6.09 1.63
C PHE A 19 -4.06 -6.37 0.21
N LEU A 20 -3.00 -5.70 -0.25
CA LEU A 20 -2.47 -5.90 -1.60
C LEU A 20 -1.74 -7.25 -1.76
N LYS A 21 -1.31 -7.89 -0.67
CA LYS A 21 -0.81 -9.27 -0.68
C LYS A 21 -1.95 -10.26 -0.86
N ASP A 22 -3.12 -9.93 -0.31
CA ASP A 22 -4.26 -10.83 -0.22
C ASP A 22 -5.08 -10.84 -1.51
N ASN A 23 -5.26 -9.66 -2.13
CA ASN A 23 -5.95 -9.52 -3.43
C ASN A 23 -5.03 -9.31 -4.65
N GLY A 24 -3.86 -8.71 -4.45
CA GLY A 24 -2.98 -8.28 -5.56
C GLY A 24 -3.16 -6.79 -5.85
N PRO A 25 -2.59 -6.27 -6.95
CA PRO A 25 -2.54 -4.84 -7.24
C PRO A 25 -3.92 -4.17 -7.39
N GLN A 26 -4.13 -3.06 -6.68
CA GLN A 26 -5.37 -2.28 -6.69
C GLN A 26 -5.08 -0.77 -6.68
N ARG A 27 -6.04 0.10 -6.98
CA ARG A 27 -5.87 1.57 -6.95
C ARG A 27 -5.98 2.10 -5.53
N ALA A 28 -5.43 3.29 -5.24
CA ALA A 28 -5.45 3.90 -3.89
C ALA A 28 -6.87 4.00 -3.32
N LEU A 29 -7.87 4.22 -4.18
CA LEU A 29 -9.27 4.32 -3.78
C LEU A 29 -9.80 2.98 -3.25
N VAL A 30 -9.41 1.87 -3.87
CA VAL A 30 -9.74 0.51 -3.39
C VAL A 30 -9.13 0.33 -1.99
N ILE A 31 -7.86 0.73 -1.83
CA ILE A 31 -7.14 0.62 -0.55
C ILE A 31 -7.85 1.44 0.53
N ALA A 32 -8.28 2.66 0.18
CA ALA A 32 -8.93 3.61 1.09
C ALA A 32 -10.19 2.97 1.71
N GLN A 33 -11.08 2.47 0.85
CA GLN A 33 -12.34 1.85 1.29
C GLN A 33 -12.10 0.56 2.07
N ALA A 34 -11.05 -0.17 1.71
CA ALA A 34 -10.64 -1.40 2.40
C ALA A 34 -10.11 -1.14 3.82
N LEU A 35 -9.58 0.07 4.07
CA LEU A 35 -9.20 0.57 5.41
C LEU A 35 -10.36 1.29 6.12
N GLY A 36 -11.46 1.59 5.42
CA GLY A 36 -12.63 2.32 5.95
C GLY A 36 -12.56 3.83 5.77
N MET A 37 -11.60 4.31 4.97
CA MET A 37 -11.46 5.71 4.54
C MET A 37 -12.41 6.02 3.35
N ARG A 38 -12.42 7.29 2.92
CA ARG A 38 -13.33 7.80 1.87
C ARG A 38 -12.65 8.11 0.53
N THR A 39 -11.41 8.60 0.56
CA THR A 39 -10.69 9.14 -0.61
C THR A 39 -9.33 8.47 -0.81
N ALA A 40 -8.85 8.43 -2.06
CA ALA A 40 -7.50 7.96 -2.41
C ALA A 40 -6.39 8.80 -1.73
N LYS A 41 -6.69 10.07 -1.47
CA LYS A 41 -5.89 11.03 -0.70
C LYS A 41 -5.70 10.67 0.77
N ASP A 42 -6.65 9.95 1.38
CA ASP A 42 -6.50 9.52 2.77
C ASP A 42 -5.45 8.40 2.91
N VAL A 43 -5.16 7.69 1.81
CA VAL A 43 -4.22 6.54 1.80
C VAL A 43 -2.88 6.87 1.18
N ASN A 44 -2.89 7.79 0.22
CA ASN A 44 -1.73 8.17 -0.60
C ASN A 44 -0.49 8.46 0.25
N ARG A 45 -0.68 9.14 1.39
CA ARG A 45 0.38 9.39 2.39
C ARG A 45 1.09 8.09 2.81
N ASP A 46 0.32 7.07 3.16
CA ASP A 46 0.80 5.75 3.57
C ASP A 46 1.39 4.97 2.39
N LEU A 47 0.71 5.04 1.25
CA LEU A 47 1.08 4.32 0.04
C LEU A 47 2.46 4.77 -0.50
N TYR A 48 2.62 6.09 -0.69
CA TYR A 48 3.88 6.69 -1.15
C TYR A 48 4.99 6.53 -0.11
N ARG A 49 4.64 6.55 1.19
CA ARG A 49 5.60 6.30 2.27
C ARG A 49 6.18 4.89 2.15
N MET A 50 5.34 3.89 1.87
CA MET A 50 5.75 2.49 1.68
C MET A 50 6.55 2.31 0.39
N LYS A 51 6.25 3.06 -0.67
CA LYS A 51 7.08 3.10 -1.88
C LYS A 51 8.48 3.64 -1.61
N SER A 52 8.55 4.68 -0.81
CA SER A 52 9.79 5.34 -0.40
C SER A 52 10.67 4.48 0.54
N ARG A 53 10.13 3.39 1.13
CA ARG A 53 10.87 2.41 1.97
C ARG A 53 10.99 1.00 1.40
N HIS A 54 10.71 0.81 0.10
CA HIS A 54 10.84 -0.46 -0.63
C HIS A 54 9.76 -1.50 -0.26
N LEU A 55 8.51 -1.04 -0.06
CA LEU A 55 7.34 -1.85 0.32
C LEU A 55 6.18 -1.75 -0.69
N LEU A 56 5.98 -0.61 -1.36
CA LEU A 56 4.96 -0.43 -2.41
C LEU A 56 5.51 0.13 -3.74
N ASP A 57 4.76 0.02 -4.82
CA ASP A 57 5.08 0.56 -6.15
C ASP A 57 3.79 0.95 -6.89
N MET A 58 3.60 2.23 -7.18
CA MET A 58 2.47 2.72 -7.99
C MET A 58 2.78 2.67 -9.49
N ASP A 59 1.77 2.35 -10.30
CA ASP A 59 1.81 2.46 -11.75
C ASP A 59 1.43 3.89 -12.16
N GLU A 60 2.25 4.47 -13.01
CA GLU A 60 2.03 5.80 -13.59
C GLU A 60 0.92 5.82 -14.66
N GLN A 61 0.43 4.64 -15.07
CA GLN A 61 -0.54 4.52 -16.17
C GLN A 61 -2.00 4.57 -15.69
N SER A 62 -2.30 3.95 -14.54
CA SER A 62 -3.65 3.88 -13.97
C SER A 62 -3.70 4.02 -12.44
N LYS A 63 -2.59 4.50 -11.82
CA LYS A 63 -2.40 4.67 -10.37
C LYS A 63 -2.69 3.38 -9.58
N ALA A 64 -2.24 2.26 -10.14
CA ALA A 64 -2.38 0.95 -9.52
C ALA A 64 -1.22 0.72 -8.53
N TRP A 65 -1.53 0.57 -7.26
CA TRP A 65 -0.58 0.26 -6.20
C TRP A 65 -0.32 -1.25 -6.13
N THR A 66 0.95 -1.63 -6.29
CA THR A 66 1.41 -3.02 -6.28
C THR A 66 2.54 -3.14 -5.26
N ILE A 67 2.50 -4.13 -4.38
CA ILE A 67 3.55 -4.38 -3.37
C ILE A 67 4.93 -4.45 -4.04
N TYR A 68 5.93 -3.77 -3.46
CA TYR A 68 7.31 -3.80 -3.96
C TYR A 68 7.97 -5.17 -3.68
N ARG A 69 8.05 -6.00 -4.73
CA ARG A 69 8.73 -7.31 -4.79
C ARG A 69 9.39 -7.58 -6.13
N SER A 1 8.73 -20.92 11.14
CA SER A 1 9.22 -19.56 10.79
C SER A 1 8.08 -18.53 10.80
N HIS A 2 8.40 -17.23 10.87
CA HIS A 2 7.43 -16.13 10.91
C HIS A 2 6.72 -15.90 9.57
N MET A 3 5.47 -15.42 9.60
CA MET A 3 4.60 -15.26 8.42
C MET A 3 4.60 -13.84 7.79
N ALA A 4 5.53 -12.99 8.20
CA ALA A 4 5.76 -11.64 7.65
C ALA A 4 7.25 -11.30 7.51
N SER A 5 7.56 -10.28 6.70
CA SER A 5 8.93 -9.83 6.38
C SER A 5 9.22 -8.35 6.75
N PRO A 6 8.42 -7.35 6.31
CA PRO A 6 8.62 -5.95 6.72
C PRO A 6 8.17 -5.69 8.17
N GLN A 7 8.47 -4.48 8.63
CA GLN A 7 8.05 -3.94 9.94
C GLN A 7 7.28 -2.62 9.76
N PHE A 8 6.01 -2.58 10.16
CA PHE A 8 5.14 -1.41 9.97
C PHE A 8 5.19 -0.45 11.18
N SER A 9 5.12 0.86 10.90
CA SER A 9 5.12 1.94 11.90
C SER A 9 3.73 2.25 12.45
N GLN A 10 2.67 1.97 11.68
CA GLN A 10 1.27 2.14 12.09
C GLN A 10 0.34 1.13 11.40
N GLN A 11 -0.89 0.99 11.93
CA GLN A 11 -1.92 0.08 11.42
C GLN A 11 -2.23 0.28 9.92
N ARG A 12 -2.15 1.52 9.40
CA ARG A 12 -2.45 1.79 7.99
C ARG A 12 -1.46 1.11 7.05
N GLU A 13 -0.15 1.26 7.28
CA GLU A 13 0.89 0.56 6.50
C GLU A 13 0.69 -0.97 6.50
N GLU A 14 0.46 -1.53 7.70
CA GLU A 14 0.21 -2.96 7.88
C GLU A 14 -1.00 -3.46 7.08
N ASP A 15 -2.13 -2.78 7.19
CA ASP A 15 -3.34 -3.12 6.43
C ASP A 15 -3.12 -2.95 4.92
N ILE A 16 -2.46 -1.88 4.46
CA ILE A 16 -2.20 -1.64 3.04
C ILE A 16 -1.41 -2.80 2.41
N TYR A 17 -0.30 -3.19 3.04
CA TYR A 17 0.58 -4.23 2.54
C TYR A 17 -0.14 -5.58 2.52
N ARG A 18 -0.78 -5.93 3.66
CA ARG A 18 -1.54 -7.18 3.82
C ARG A 18 -2.69 -7.31 2.82
N PHE A 19 -3.42 -6.22 2.62
CA PHE A 19 -4.51 -6.12 1.63
C PHE A 19 -4.00 -6.35 0.20
N LEU A 20 -2.97 -5.61 -0.24
CA LEU A 20 -2.42 -5.78 -1.58
C LEU A 20 -1.69 -7.12 -1.77
N LYS A 21 -1.27 -7.78 -0.68
CA LYS A 21 -0.76 -9.14 -0.71
C LYS A 21 -1.88 -10.15 -0.92
N ASP A 22 -3.05 -9.87 -0.35
CA ASP A 22 -4.19 -10.79 -0.37
C ASP A 22 -4.91 -10.79 -1.72
N ASN A 23 -5.09 -9.59 -2.30
CA ASN A 23 -5.79 -9.41 -3.59
C ASN A 23 -4.86 -9.15 -4.78
N GLY A 24 -3.69 -8.57 -4.57
CA GLY A 24 -2.79 -8.14 -5.65
C GLY A 24 -2.99 -6.65 -5.95
N PRO A 25 -2.46 -6.13 -7.08
CA PRO A 25 -2.40 -4.70 -7.37
C PRO A 25 -3.79 -4.03 -7.49
N GLN A 26 -4.02 -2.96 -6.72
CA GLN A 26 -5.27 -2.17 -6.72
C GLN A 26 -4.96 -0.66 -6.63
N ARG A 27 -5.90 0.22 -6.96
CA ARG A 27 -5.71 1.69 -6.89
C ARG A 27 -5.90 2.23 -5.49
N ALA A 28 -5.37 3.43 -5.19
CA ALA A 28 -5.45 4.03 -3.84
C ALA A 28 -6.88 4.11 -3.31
N LEU A 29 -7.85 4.33 -4.19
CA LEU A 29 -9.26 4.39 -3.82
C LEU A 29 -9.77 3.03 -3.30
N VAL A 30 -9.36 1.94 -3.94
CA VAL A 30 -9.65 0.57 -3.47
C VAL A 30 -9.07 0.38 -2.06
N ILE A 31 -7.82 0.80 -1.86
CA ILE A 31 -7.10 0.68 -0.58
C ILE A 31 -7.82 1.49 0.51
N ALA A 32 -8.24 2.71 0.18
CA ALA A 32 -8.91 3.63 1.10
C ALA A 32 -10.18 2.98 1.67
N GLN A 33 -11.07 2.50 0.80
CA GLN A 33 -12.33 1.86 1.20
C GLN A 33 -12.09 0.56 1.97
N ALA A 34 -11.02 -0.17 1.61
CA ALA A 34 -10.62 -1.38 2.30
C ALA A 34 -10.11 -1.13 3.73
N LEU A 35 -9.58 0.08 4.00
CA LEU A 35 -9.23 0.59 5.34
C LEU A 35 -10.43 1.25 6.06
N GLY A 36 -11.52 1.52 5.35
CA GLY A 36 -12.73 2.19 5.87
C GLY A 36 -12.71 3.71 5.72
N MET A 37 -11.75 4.22 4.94
CA MET A 37 -11.61 5.63 4.53
C MET A 37 -12.55 5.96 3.34
N ARG A 38 -12.56 7.23 2.92
CA ARG A 38 -13.45 7.74 1.86
C ARG A 38 -12.75 8.06 0.54
N THR A 39 -11.53 8.59 0.62
CA THR A 39 -10.78 9.14 -0.54
C THR A 39 -9.37 8.56 -0.66
N ALA A 40 -8.82 8.57 -1.87
CA ALA A 40 -7.44 8.13 -2.17
C ALA A 40 -6.37 8.97 -1.43
N LYS A 41 -6.69 10.22 -1.06
CA LYS A 41 -5.83 11.09 -0.27
C LYS A 41 -5.63 10.61 1.17
N ASP A 42 -6.60 9.89 1.74
CA ASP A 42 -6.49 9.37 3.11
C ASP A 42 -5.49 8.19 3.20
N VAL A 43 -5.14 7.60 2.06
CA VAL A 43 -4.17 6.47 1.97
C VAL A 43 -2.84 6.87 1.36
N ASN A 44 -2.87 7.84 0.45
CA ASN A 44 -1.72 8.26 -0.36
C ASN A 44 -0.48 8.54 0.49
N ARG A 45 -0.64 9.18 1.65
CA ARG A 45 0.45 9.44 2.62
C ARG A 45 1.17 8.15 3.04
N ASP A 46 0.43 7.07 3.28
CA ASP A 46 0.99 5.75 3.62
C ASP A 46 1.55 5.04 2.39
N LEU A 47 0.79 5.04 1.30
CA LEU A 47 1.15 4.39 0.04
C LEU A 47 2.48 4.89 -0.53
N TYR A 48 2.63 6.21 -0.65
CA TYR A 48 3.86 6.84 -1.16
C TYR A 48 5.02 6.66 -0.19
N ARG A 49 4.73 6.69 1.12
CA ARG A 49 5.77 6.45 2.13
C ARG A 49 6.30 5.02 2.02
N MET A 50 5.44 4.03 1.79
CA MET A 50 5.82 2.64 1.58
C MET A 50 6.62 2.46 0.29
N LYS A 51 6.32 3.22 -0.77
CA LYS A 51 7.16 3.29 -1.98
C LYS A 51 8.55 3.86 -1.71
N SER A 52 8.64 4.90 -0.88
CA SER A 52 9.91 5.49 -0.46
C SER A 52 10.76 4.59 0.46
N ARG A 53 10.19 3.51 1.04
CA ARG A 53 10.91 2.53 1.90
C ARG A 53 11.03 1.11 1.33
N HIS A 54 10.75 0.93 0.03
CA HIS A 54 10.88 -0.35 -0.70
C HIS A 54 9.78 -1.38 -0.34
N LEU A 55 8.55 -0.90 -0.12
CA LEU A 55 7.36 -1.71 0.24
C LEU A 55 6.22 -1.61 -0.77
N LEU A 56 6.03 -0.46 -1.44
CA LEU A 56 5.01 -0.27 -2.49
C LEU A 56 5.57 0.29 -3.81
N ASP A 57 4.81 0.20 -4.90
CA ASP A 57 5.12 0.69 -6.24
C ASP A 57 3.82 1.10 -6.96
N MET A 58 3.65 2.37 -7.27
CA MET A 58 2.50 2.86 -8.04
C MET A 58 2.75 2.82 -9.55
N ASP A 59 1.69 2.51 -10.32
CA ASP A 59 1.66 2.59 -11.78
C ASP A 59 1.13 3.95 -12.21
N GLU A 60 1.84 4.62 -13.10
CA GLU A 60 1.42 5.88 -13.71
C GLU A 60 0.30 5.71 -14.76
N GLN A 61 -0.03 4.45 -15.10
CA GLN A 61 -0.99 4.13 -16.17
C GLN A 61 -2.45 4.14 -15.70
N SER A 62 -2.71 3.72 -14.45
CA SER A 62 -4.05 3.75 -13.82
C SER A 62 -4.02 4.06 -12.31
N LYS A 63 -2.89 4.57 -11.80
CA LYS A 63 -2.58 4.76 -10.36
C LYS A 63 -2.76 3.48 -9.52
N ALA A 64 -2.35 2.34 -10.10
CA ALA A 64 -2.43 1.04 -9.44
C ALA A 64 -1.25 0.85 -8.49
N TRP A 65 -1.52 0.68 -7.20
CA TRP A 65 -0.54 0.39 -6.17
C TRP A 65 -0.27 -1.11 -6.08
N THR A 66 0.99 -1.49 -6.24
CA THR A 66 1.48 -2.87 -6.27
C THR A 66 2.61 -3.00 -5.25
N ILE A 67 2.57 -3.99 -4.36
CA ILE A 67 3.61 -4.24 -3.36
C ILE A 67 4.97 -4.40 -4.04
N TYR A 68 5.98 -3.67 -3.54
CA TYR A 68 7.35 -3.69 -4.06
C TYR A 68 8.05 -5.02 -3.76
N ARG A 69 7.93 -5.96 -4.70
CA ARG A 69 8.53 -7.31 -4.68
C ARG A 69 9.51 -7.52 -5.84
N SER A 1 4.97 -11.10 17.91
CA SER A 1 5.42 -12.52 17.87
C SER A 1 5.67 -13.00 16.43
N HIS A 2 6.56 -13.99 16.28
CA HIS A 2 7.01 -14.59 15.00
C HIS A 2 7.73 -13.62 14.03
N MET A 3 8.39 -14.19 13.00
CA MET A 3 9.16 -13.45 11.99
C MET A 3 8.27 -12.85 10.89
N ALA A 4 8.63 -11.66 10.39
CA ALA A 4 8.02 -11.00 9.24
C ALA A 4 9.06 -10.24 8.40
N SER A 5 8.91 -10.24 7.07
CA SER A 5 9.86 -9.62 6.13
C SER A 5 9.76 -8.07 6.03
N PRO A 6 8.58 -7.44 5.88
CA PRO A 6 8.46 -5.98 5.82
C PRO A 6 8.52 -5.33 7.22
N GLN A 7 8.64 -4.00 7.23
CA GLN A 7 8.62 -3.14 8.42
C GLN A 7 7.53 -2.06 8.33
N PHE A 8 6.50 -2.16 9.17
CA PHE A 8 5.45 -1.14 9.33
C PHE A 8 5.67 -0.24 10.55
N SER A 9 5.24 1.02 10.44
CA SER A 9 5.27 2.06 11.48
C SER A 9 3.90 2.23 12.17
N GLN A 10 2.80 1.97 11.45
CA GLN A 10 1.42 2.09 11.95
C GLN A 10 0.46 1.09 11.29
N GLN A 11 -0.72 0.88 11.91
CA GLN A 11 -1.75 -0.07 11.46
C GLN A 11 -2.17 0.14 10.00
N ARG A 12 -2.19 1.38 9.50
CA ARG A 12 -2.60 1.65 8.10
C ARG A 12 -1.65 0.98 7.11
N GLU A 13 -0.34 1.13 7.33
CA GLU A 13 0.73 0.55 6.49
C GLU A 13 0.67 -0.98 6.44
N GLU A 14 0.59 -1.57 7.63
CA GLU A 14 0.39 -3.01 7.83
C GLU A 14 -0.84 -3.55 7.09
N ASP A 15 -2.00 -2.87 7.19
CA ASP A 15 -3.19 -3.21 6.42
C ASP A 15 -2.99 -3.05 4.91
N ILE A 16 -2.37 -1.96 4.43
CA ILE A 16 -2.13 -1.71 3.01
C ILE A 16 -1.34 -2.85 2.36
N TYR A 17 -0.23 -3.26 2.99
CA TYR A 17 0.64 -4.31 2.47
C TYR A 17 -0.10 -5.64 2.41
N ARG A 18 -0.69 -6.06 3.54
CA ARG A 18 -1.45 -7.30 3.67
C ARG A 18 -2.63 -7.39 2.70
N PHE A 19 -3.36 -6.29 2.54
CA PHE A 19 -4.45 -6.16 1.56
C PHE A 19 -3.95 -6.39 0.13
N LEU A 20 -2.91 -5.67 -0.30
CA LEU A 20 -2.37 -5.84 -1.66
C LEU A 20 -1.63 -7.17 -1.85
N LYS A 21 -1.21 -7.83 -0.77
CA LYS A 21 -0.69 -9.20 -0.80
C LYS A 21 -1.80 -10.22 -1.04
N ASP A 22 -2.98 -9.93 -0.49
CA ASP A 22 -4.10 -10.87 -0.50
C ASP A 22 -4.93 -10.78 -1.79
N ASN A 23 -5.15 -9.57 -2.32
CA ASN A 23 -5.86 -9.37 -3.59
C ASN A 23 -4.94 -9.12 -4.80
N GLY A 24 -3.74 -8.57 -4.58
CA GLY A 24 -2.84 -8.16 -5.66
C GLY A 24 -3.00 -6.67 -5.95
N PRO A 25 -2.46 -6.16 -7.07
CA PRO A 25 -2.40 -4.72 -7.35
C PRO A 25 -3.76 -4.05 -7.48
N GLN A 26 -4.00 -2.97 -6.72
CA GLN A 26 -5.25 -2.18 -6.72
C GLN A 26 -4.95 -0.67 -6.63
N ARG A 27 -5.89 0.20 -6.96
CA ARG A 27 -5.69 1.67 -6.91
C ARG A 27 -5.87 2.20 -5.49
N ALA A 28 -5.34 3.39 -5.20
CA ALA A 28 -5.38 4.00 -3.85
C ALA A 28 -6.82 4.10 -3.31
N LEU A 29 -7.79 4.31 -4.18
CA LEU A 29 -9.21 4.38 -3.80
C LEU A 29 -9.71 3.03 -3.27
N VAL A 30 -9.32 1.93 -3.92
CA VAL A 30 -9.63 0.56 -3.45
C VAL A 30 -9.04 0.36 -2.05
N ILE A 31 -7.78 0.77 -1.86
CA ILE A 31 -7.06 0.64 -0.58
C ILE A 31 -7.78 1.45 0.51
N ALA A 32 -8.20 2.68 0.18
CA ALA A 32 -8.84 3.62 1.09
C ALA A 32 -10.11 2.99 1.70
N GLN A 33 -11.00 2.51 0.83
CA GLN A 33 -12.27 1.88 1.25
C GLN A 33 -12.03 0.60 2.04
N ALA A 34 -10.97 -0.13 1.70
CA ALA A 34 -10.59 -1.36 2.38
C ALA A 34 -10.05 -1.11 3.80
N LEU A 35 -9.51 0.10 4.08
CA LEU A 35 -9.14 0.59 5.40
C LEU A 35 -10.30 1.32 6.14
N GLY A 36 -11.39 1.63 5.44
CA GLY A 36 -12.56 2.33 5.98
C GLY A 36 -12.53 3.85 5.77
N MET A 37 -11.59 4.32 4.95
CA MET A 37 -11.45 5.71 4.50
C MET A 37 -12.41 6.02 3.33
N ARG A 38 -12.41 7.28 2.87
CA ARG A 38 -13.32 7.76 1.81
C ARG A 38 -12.65 8.04 0.47
N THR A 39 -11.42 8.54 0.47
CA THR A 39 -10.71 9.05 -0.72
C THR A 39 -9.29 8.50 -0.84
N ALA A 40 -8.74 8.47 -2.05
CA ALA A 40 -7.37 8.04 -2.35
C ALA A 40 -6.31 8.88 -1.63
N LYS A 41 -6.61 10.15 -1.34
CA LYS A 41 -5.74 11.06 -0.58
C LYS A 41 -5.56 10.64 0.88
N ASP A 42 -6.55 9.95 1.46
CA ASP A 42 -6.47 9.51 2.85
C ASP A 42 -5.49 8.33 3.05
N VAL A 43 -5.11 7.67 1.94
CA VAL A 43 -4.15 6.53 1.93
C VAL A 43 -2.81 6.89 1.33
N ASN A 44 -2.80 7.82 0.39
CA ASN A 44 -1.63 8.21 -0.41
C ASN A 44 -0.40 8.49 0.45
N ARG A 45 -0.57 9.14 1.61
CA ARG A 45 0.48 9.39 2.61
C ARG A 45 1.19 8.11 3.06
N ASP A 46 0.45 7.03 3.27
CA ASP A 46 0.98 5.71 3.63
C ASP A 46 1.56 4.99 2.42
N LEU A 47 0.82 4.99 1.31
CA LEU A 47 1.19 4.33 0.07
C LEU A 47 2.55 4.81 -0.48
N TYR A 48 2.71 6.13 -0.61
CA TYR A 48 3.95 6.75 -1.10
C TYR A 48 5.10 6.58 -0.12
N ARG A 49 4.81 6.55 1.18
CA ARG A 49 5.83 6.34 2.22
C ARG A 49 6.36 4.91 2.22
N MET A 50 5.52 3.93 1.88
CA MET A 50 5.92 2.53 1.65
C MET A 50 6.68 2.37 0.33
N LYS A 51 6.34 3.13 -0.72
CA LYS A 51 7.12 3.20 -1.97
C LYS A 51 8.52 3.73 -1.75
N SER A 52 8.61 4.77 -0.93
CA SER A 52 9.87 5.42 -0.55
C SER A 52 10.80 4.55 0.30
N ARG A 53 10.31 3.41 0.87
CA ARG A 53 11.12 2.44 1.65
C ARG A 53 11.29 1.06 1.00
N HIS A 54 10.97 0.91 -0.29
CA HIS A 54 11.05 -0.34 -1.07
C HIS A 54 9.98 -1.37 -0.68
N LEU A 55 8.74 -0.92 -0.41
CA LEU A 55 7.60 -1.77 -0.01
C LEU A 55 6.38 -1.66 -0.94
N LEU A 56 6.13 -0.49 -1.54
CA LEU A 56 5.08 -0.29 -2.55
C LEU A 56 5.63 0.28 -3.88
N ASP A 57 4.84 0.21 -4.96
CA ASP A 57 5.15 0.70 -6.30
C ASP A 57 3.84 1.12 -6.99
N MET A 58 3.67 2.40 -7.30
CA MET A 58 2.51 2.88 -8.06
C MET A 58 2.75 2.83 -9.57
N ASP A 59 1.70 2.50 -10.34
CA ASP A 59 1.67 2.57 -11.79
C ASP A 59 1.17 3.95 -12.22
N GLU A 60 1.89 4.58 -13.13
CA GLU A 60 1.48 5.85 -13.77
C GLU A 60 0.34 5.67 -14.79
N GLN A 61 0.00 4.42 -15.13
CA GLN A 61 -0.95 4.11 -16.21
C GLN A 61 -2.42 4.13 -15.75
N SER A 62 -2.69 3.67 -14.52
CA SER A 62 -4.03 3.69 -13.90
C SER A 62 -4.00 3.99 -12.38
N LYS A 63 -2.88 4.50 -11.86
CA LYS A 63 -2.59 4.72 -10.42
C LYS A 63 -2.79 3.46 -9.57
N ALA A 64 -2.34 2.32 -10.11
CA ALA A 64 -2.43 1.02 -9.44
C ALA A 64 -1.23 0.85 -8.49
N TRP A 65 -1.50 0.68 -7.21
CA TRP A 65 -0.51 0.38 -6.17
C TRP A 65 -0.24 -1.12 -6.09
N THR A 66 1.02 -1.48 -6.24
CA THR A 66 1.52 -2.86 -6.29
C THR A 66 2.67 -3.00 -5.28
N ILE A 67 2.65 -4.01 -4.41
CA ILE A 67 3.73 -4.29 -3.45
C ILE A 67 5.07 -4.45 -4.16
N TYR A 68 6.08 -3.68 -3.73
CA TYR A 68 7.42 -3.66 -4.31
C TYR A 68 8.17 -5.00 -4.13
N ARG A 69 8.08 -5.84 -5.17
CA ARG A 69 8.81 -7.11 -5.40
C ARG A 69 8.74 -8.07 -4.19
#